data_3BV6
#
_entry.id   3BV6
#
_cell.length_a   83.433
_cell.length_b   94.839
_cell.length_c   94.591
_cell.angle_alpha   99.69
_cell.angle_beta   97.90
_cell.angle_gamma   116.13
#
_symmetry.space_group_name_H-M   'P 1'
#
loop_
_entity.id
_entity.type
_entity.pdbx_description
1 polymer 'Metal-dependent hydrolase'
2 non-polymer 'FE (III) ION'
3 water water
#
_entity_poly.entity_id   1
_entity_poly.type   'polypeptide(L)'
_entity_poly.pdbx_seq_one_letter_code
;MHHHHHHSSGVDLGTENLYFQSNAMSKVNEITRESWILSTFPEWGTWLNEEIEQTVVEPNTFSMWWLGCTGIWLKSAGNT
NLSIDFWCGTGKKTQKNRLMNTQHQMMRMGGVEALQPNLRTSIFPLDPFAIKEIDAVLASHDHADHIDVNVAAAVLQNCG
EHVKFIGPQACVDLWLGWGVPQERCIVAKVGDVLEIGDVKIRVLDSFDRTALVTLPKGVSSYDKAILDGMDERAVNYLIE
TSGGSVYHSGDSHYSNYYAKHGNDYQIDVALLSYGENPRGVTDKMTSSDVLRAAESLDCQVVVPFHHDIWANFQNDPREI
EVLWNMKKDRLQYQFAPFFWQVGGKYTYPTDKGRMHYQHFRGFQDIFKNEPELPYKAFL
;
_entity_poly.pdbx_strand_id   A,B,C,D,E,F
#
loop_
_chem_comp.id
_chem_comp.type
_chem_comp.name
_chem_comp.formula
FE non-polymer 'FE (III) ION' 'Fe 3'
#
# COMPACT_ATOMS: atom_id res chain seq x y z
N LYS A 27 -43.68 15.16 26.18
CA LYS A 27 -44.33 16.46 26.50
C LYS A 27 -43.32 17.56 26.83
N VAL A 28 -43.27 18.58 25.99
CA VAL A 28 -42.33 19.68 26.14
C VAL A 28 -42.44 20.44 27.46
N ASN A 29 -43.65 20.53 28.02
CA ASN A 29 -43.88 21.22 29.30
C ASN A 29 -43.26 20.52 30.52
N GLU A 30 -43.24 19.19 30.52
CA GLU A 30 -42.70 18.45 31.65
C GLU A 30 -41.18 18.27 31.58
N ILE A 31 -40.56 18.74 30.50
CA ILE A 31 -39.12 18.50 30.31
C ILE A 31 -38.17 19.59 30.80
N THR A 32 -37.16 19.14 31.54
N THR A 32 -37.14 19.18 31.51
CA THR A 32 -36.14 20.02 32.10
CA THR A 32 -36.13 20.13 31.92
C THR A 32 -34.74 19.51 31.71
C THR A 32 -34.79 19.62 31.42
N ARG A 33 -33.75 20.40 31.66
CA ARG A 33 -32.37 19.97 31.34
C ARG A 33 -32.07 18.77 32.24
N GLU A 34 -32.48 18.88 33.51
N GLU A 34 -32.49 18.87 33.50
CA GLU A 34 -32.25 17.82 34.47
CA GLU A 34 -32.23 17.81 34.47
C GLU A 34 -32.94 16.49 34.16
C GLU A 34 -32.96 16.48 34.20
N SER A 35 -34.21 16.53 33.73
CA SER A 35 -34.95 15.31 33.43
C SER A 35 -34.38 14.63 32.16
N TRP A 36 -33.95 15.46 31.20
CA TRP A 36 -33.28 14.97 29.97
C TRP A 36 -32.03 14.20 30.35
N ILE A 37 -31.14 14.86 31.10
CA ILE A 37 -29.90 14.22 31.54
C ILE A 37 -30.15 12.91 32.29
N LEU A 38 -31.04 12.94 33.28
CA LEU A 38 -31.28 11.72 34.06
C LEU A 38 -31.87 10.54 33.29
N SER A 39 -32.59 10.81 32.20
CA SER A 39 -33.20 9.72 31.45
C SER A 39 -32.30 9.23 30.32
N THR A 40 -31.26 10.01 30.03
CA THR A 40 -30.36 9.74 28.89
C THR A 40 -29.01 9.11 29.20
N PHE A 41 -28.39 9.55 30.30
CA PHE A 41 -27.01 9.11 30.65
C PHE A 41 -26.97 8.20 31.86
N PRO A 42 -25.94 7.31 31.95
CA PRO A 42 -24.84 7.03 31.03
C PRO A 42 -25.41 6.35 29.75
N GLU A 43 -24.69 6.48 28.65
CA GLU A 43 -25.20 6.11 27.34
C GLU A 43 -25.69 4.70 27.13
N TRP A 44 -25.06 3.73 27.78
CA TRP A 44 -25.40 2.29 27.63
C TRP A 44 -26.24 1.78 28.80
N GLY A 45 -26.66 2.70 29.69
CA GLY A 45 -27.41 2.30 30.88
C GLY A 45 -26.64 1.17 31.54
N THR A 46 -27.36 0.10 31.85
CA THR A 46 -26.75 -1.05 32.50
C THR A 46 -26.51 -2.22 31.54
N TRP A 47 -26.56 -1.98 30.23
CA TRP A 47 -26.27 -3.04 29.24
C TRP A 47 -25.02 -3.88 29.56
N LEU A 48 -23.89 -3.19 29.82
CA LEU A 48 -22.62 -3.89 30.07
C LEU A 48 -22.51 -4.44 31.47
N ASN A 49 -23.14 -3.78 32.44
CA ASN A 49 -23.17 -4.33 33.79
C ASN A 49 -23.77 -5.76 33.72
N GLU A 50 -24.89 -5.86 33.04
CA GLU A 50 -25.61 -7.13 32.82
C GLU A 50 -24.75 -8.12 32.04
N GLU A 51 -24.12 -7.64 30.97
CA GLU A 51 -23.28 -8.47 30.16
C GLU A 51 -22.17 -9.10 30.99
N ILE A 52 -21.45 -8.25 31.74
CA ILE A 52 -20.32 -8.70 32.54
C ILE A 52 -20.74 -9.74 33.60
N GLU A 53 -21.77 -9.43 34.38
N GLU A 53 -21.78 -9.40 34.37
CA GLU A 53 -22.20 -10.35 35.45
CA GLU A 53 -22.38 -10.26 35.42
C GLU A 53 -22.80 -11.65 34.91
C GLU A 53 -22.78 -11.62 34.91
N GLN A 54 -23.33 -11.63 33.70
CA GLN A 54 -23.86 -12.86 33.07
C GLN A 54 -22.83 -13.65 32.26
N THR A 55 -21.59 -13.16 32.20
CA THR A 55 -20.57 -13.88 31.45
C THR A 55 -19.98 -15.02 32.26
N VAL A 56 -20.09 -16.21 31.71
CA VAL A 56 -19.51 -17.36 32.40
C VAL A 56 -18.19 -17.63 31.68
N VAL A 57 -17.09 -17.26 32.34
CA VAL A 57 -15.72 -17.43 31.81
C VAL A 57 -15.27 -18.90 31.82
N GLU A 58 -14.81 -19.40 30.66
CA GLU A 58 -14.40 -20.80 30.51
C GLU A 58 -13.14 -21.10 31.28
N PRO A 59 -12.96 -22.37 31.70
CA PRO A 59 -11.71 -22.71 32.38
C PRO A 59 -10.50 -22.34 31.53
N ASN A 60 -9.43 -21.88 32.18
CA ASN A 60 -8.15 -21.60 31.52
C ASN A 60 -8.20 -20.44 30.52
N THR A 61 -9.15 -19.55 30.75
CA THR A 61 -9.27 -18.30 29.97
C THR A 61 -9.57 -17.18 30.96
N PHE A 62 -9.46 -15.91 30.53
CA PHE A 62 -9.90 -14.79 31.32
C PHE A 62 -10.48 -13.77 30.33
N SER A 63 -11.37 -12.92 30.84
CA SER A 63 -12.02 -11.93 30.01
C SER A 63 -11.80 -10.56 30.61
N MET A 64 -11.72 -9.56 29.74
N MET A 64 -11.81 -9.59 29.72
CA MET A 64 -11.59 -8.17 30.18
CA MET A 64 -11.67 -8.19 30.07
C MET A 64 -12.47 -7.29 29.30
C MET A 64 -12.63 -7.33 29.28
N TRP A 65 -12.94 -6.17 29.83
CA TRP A 65 -13.74 -5.20 29.08
C TRP A 65 -13.04 -3.85 29.24
N TRP A 66 -13.09 -3.06 28.17
CA TRP A 66 -12.50 -1.71 28.17
C TRP A 66 -13.61 -0.70 28.56
N LEU A 67 -13.40 -0.01 29.69
CA LEU A 67 -14.38 0.88 30.28
C LEU A 67 -14.09 2.33 29.90
N GLY A 68 -13.15 2.49 28.96
CA GLY A 68 -12.75 3.83 28.53
C GLY A 68 -11.49 4.28 29.26
N CYS A 69 -10.73 5.14 28.58
CA CYS A 69 -9.44 5.64 29.05
C CYS A 69 -8.57 4.40 29.33
N THR A 70 -8.13 4.19 30.56
CA THR A 70 -7.43 2.93 30.87
C THR A 70 -8.23 2.00 31.79
N GLY A 71 -9.53 2.25 31.90
CA GLY A 71 -10.36 1.42 32.76
C GLY A 71 -10.53 0.04 32.20
N ILE A 72 -10.36 -0.94 33.05
CA ILE A 72 -10.48 -2.33 32.65
C ILE A 72 -11.34 -3.08 33.72
N TRP A 73 -12.24 -3.91 33.24
CA TRP A 73 -12.94 -4.84 34.13
C TRP A 73 -12.31 -6.17 33.82
N LEU A 74 -11.79 -6.87 34.82
CA LEU A 74 -11.19 -8.17 34.58
C LEU A 74 -12.02 -9.24 35.31
N LYS A 75 -12.30 -10.36 34.64
CA LYS A 75 -13.09 -11.45 35.24
C LYS A 75 -12.40 -12.78 34.95
N SER A 76 -12.06 -13.51 36.03
CA SER A 76 -11.37 -14.80 35.91
C SER A 76 -12.35 -15.93 35.81
N ALA A 77 -11.84 -17.12 35.49
CA ALA A 77 -12.64 -18.34 35.37
C ALA A 77 -13.23 -18.74 36.75
N GLY A 78 -12.60 -18.28 37.82
CA GLY A 78 -13.09 -18.51 39.19
C GLY A 78 -14.07 -17.45 39.66
N ASN A 79 -14.47 -16.55 38.78
CA ASN A 79 -15.37 -15.45 39.10
C ASN A 79 -14.77 -14.43 40.07
N THR A 80 -13.46 -14.20 39.96
CA THR A 80 -12.86 -13.07 40.66
C THR A 80 -13.06 -11.87 39.71
N ASN A 81 -13.48 -10.71 40.24
CA ASN A 81 -13.74 -9.52 39.45
C ASN A 81 -12.96 -8.33 39.97
N LEU A 82 -12.18 -7.69 39.08
CA LEU A 82 -11.39 -6.52 39.40
C LEU A 82 -11.72 -5.39 38.45
N SER A 83 -11.74 -4.18 38.99
CA SER A 83 -11.89 -2.95 38.24
C SER A 83 -10.54 -2.24 38.36
N ILE A 84 -9.94 -1.83 37.23
CA ILE A 84 -8.63 -1.21 37.25
C ILE A 84 -8.72 0.14 36.56
N ASP A 85 -8.34 1.21 37.25
CA ASP A 85 -8.37 2.55 36.65
C ASP A 85 -9.74 2.94 36.05
N PHE A 86 -10.82 2.46 36.65
CA PHE A 86 -12.17 2.76 36.18
C PHE A 86 -12.49 4.23 36.48
N TRP A 87 -12.59 5.00 35.41
CA TRP A 87 -12.81 6.44 35.53
C TRP A 87 -14.11 6.91 34.93
N CYS A 88 -14.92 7.58 35.76
CA CYS A 88 -16.21 8.07 35.37
C CYS A 88 -16.30 9.60 35.41
N GLY A 89 -15.17 10.29 35.25
CA GLY A 89 -15.24 11.73 35.17
C GLY A 89 -15.34 12.17 33.70
N THR A 90 -15.31 13.48 33.46
CA THR A 90 -15.25 13.97 32.09
C THR A 90 -14.16 15.08 32.07
N GLY A 91 -13.99 15.71 30.92
CA GLY A 91 -12.97 16.75 30.79
C GLY A 91 -13.59 18.10 31.05
N LYS A 92 -13.13 19.09 30.29
CA LYS A 92 -13.64 20.47 30.41
C LYS A 92 -15.13 20.51 30.09
N LYS A 93 -15.85 21.47 30.71
CA LYS A 93 -17.30 21.60 30.51
C LYS A 93 -17.68 23.03 30.15
N THR A 94 -16.67 23.89 30.06
CA THR A 94 -16.89 25.27 29.67
C THR A 94 -15.56 25.86 29.26
N GLN A 95 -15.61 26.93 28.47
CA GLN A 95 -14.42 27.68 28.05
C GLN A 95 -14.32 29.00 28.86
N LYS A 96 -15.25 29.22 29.77
CA LYS A 96 -15.33 30.47 30.56
C LYS A 96 -14.03 30.77 31.30
N ASN A 97 -13.51 29.77 32.01
CA ASN A 97 -12.22 29.89 32.65
C ASN A 97 -11.16 29.62 31.60
N ARG A 98 -10.43 30.65 31.22
CA ARG A 98 -9.44 30.54 30.15
C ARG A 98 -8.03 30.18 30.64
N LEU A 99 -7.89 29.92 31.93
CA LEU A 99 -6.58 29.72 32.53
C LEU A 99 -6.39 28.36 33.16
N MET A 100 -5.19 27.81 32.98
CA MET A 100 -4.83 26.53 33.57
C MET A 100 -4.49 26.78 35.04
N ASN A 101 -4.84 25.82 35.89
CA ASN A 101 -4.49 25.91 37.30
C ASN A 101 -2.98 26.02 37.47
N THR A 102 -2.52 26.97 38.30
CA THR A 102 -1.08 27.20 38.48
C THR A 102 -0.44 25.91 38.94
N GLN A 103 0.73 25.62 38.38
CA GLN A 103 1.49 24.39 38.72
C GLN A 103 0.81 23.04 38.46
N HIS A 104 -0.17 23.07 37.56
CA HIS A 104 -0.74 21.82 37.04
C HIS A 104 0.45 21.10 36.38
N GLN A 105 0.43 19.77 36.29
CA GLN A 105 1.59 19.08 35.62
C GLN A 105 1.91 19.65 34.23
N MET A 106 0.89 20.06 33.47
CA MET A 106 1.12 20.56 32.11
C MET A 106 1.81 21.91 32.15
N MET A 107 1.57 22.67 33.23
CA MET A 107 2.23 23.96 33.39
C MET A 107 3.71 23.73 33.74
N ARG A 108 3.95 22.78 34.62
CA ARG A 108 5.30 22.44 35.04
C ARG A 108 6.10 21.93 33.84
N MET A 109 5.49 21.04 33.05
CA MET A 109 6.18 20.49 31.89
C MET A 109 6.34 21.42 30.70
N GLY A 110 5.30 22.23 30.46
CA GLY A 110 5.31 23.02 29.26
C GLY A 110 5.40 24.53 29.37
N GLY A 111 5.38 25.07 30.59
CA GLY A 111 5.45 26.56 30.76
C GLY A 111 4.30 27.31 30.11
N VAL A 112 3.13 26.68 30.14
CA VAL A 112 1.95 27.25 29.55
C VAL A 112 1.11 27.97 30.61
N GLU A 113 0.15 28.76 30.13
CA GLU A 113 -0.81 29.49 30.96
C GLU A 113 -2.28 29.20 30.59
N ALA A 114 -2.56 28.95 29.32
CA ALA A 114 -3.95 28.77 28.84
C ALA A 114 -4.57 27.42 29.19
N LEU A 115 -5.90 27.41 29.31
CA LEU A 115 -6.66 26.23 29.62
C LEU A 115 -6.34 25.13 28.60
N GLN A 116 -6.29 23.89 29.05
CA GLN A 116 -6.11 22.75 28.12
C GLN A 116 -7.49 22.37 27.53
N PRO A 117 -7.59 22.16 26.20
CA PRO A 117 -8.89 21.79 25.66
C PRO A 117 -9.12 20.27 25.69
N ASN A 118 -8.97 19.67 26.85
CA ASN A 118 -9.21 18.23 26.96
C ASN A 118 -10.71 17.93 27.16
N LEU A 119 -11.36 17.51 26.09
CA LEU A 119 -12.78 17.20 26.11
C LEU A 119 -12.93 15.69 26.03
N ARG A 120 -13.78 15.12 26.88
CA ARG A 120 -13.92 13.67 26.84
C ARG A 120 -14.66 13.24 25.55
N THR A 121 -14.03 12.30 24.82
CA THR A 121 -14.54 11.82 23.56
C THR A 121 -15.06 10.36 23.51
N SER A 122 -15.08 9.66 24.65
CA SER A 122 -15.59 8.29 24.79
C SER A 122 -16.90 8.29 25.55
N ILE A 123 -17.80 7.37 25.21
CA ILE A 123 -19.03 7.20 26.00
C ILE A 123 -18.72 6.48 27.33
N PHE A 124 -19.73 6.30 28.19
CA PHE A 124 -19.55 5.65 29.49
C PHE A 124 -20.23 4.32 29.38
N PRO A 125 -19.48 3.27 29.06
CA PRO A 125 -20.14 2.01 28.78
C PRO A 125 -20.69 1.25 29.99
N LEU A 126 -20.28 1.65 31.19
CA LEU A 126 -20.64 0.93 32.41
C LEU A 126 -21.15 1.88 33.50
N ASP A 127 -22.32 1.59 34.08
CA ASP A 127 -22.85 2.42 35.17
C ASP A 127 -22.20 1.92 36.45
N PRO A 128 -21.33 2.74 37.09
CA PRO A 128 -20.64 2.24 38.28
C PRO A 128 -21.63 1.94 39.43
N PHE A 129 -22.78 2.59 39.42
CA PHE A 129 -23.82 2.46 40.46
C PHE A 129 -24.71 1.26 40.28
N ALA A 130 -24.41 0.44 39.26
CA ALA A 130 -25.06 -0.83 39.04
C ALA A 130 -24.07 -1.96 39.31
N ILE A 131 -22.84 -1.63 39.75
CA ILE A 131 -21.89 -2.67 40.07
C ILE A 131 -22.42 -3.36 41.34
N LYS A 132 -22.54 -4.69 41.29
N LYS A 132 -22.47 -4.67 41.36
CA LYS A 132 -23.10 -5.51 42.39
CA LYS A 132 -22.89 -5.35 42.57
C LYS A 132 -22.25 -6.75 42.75
C LYS A 132 -21.92 -6.45 42.98
N GLU A 133 -21.16 -6.95 42.01
CA GLU A 133 -20.23 -8.05 42.22
C GLU A 133 -18.81 -7.58 41.84
N ILE A 134 -17.89 -7.56 42.80
CA ILE A 134 -16.52 -7.08 42.57
C ILE A 134 -15.68 -7.50 43.75
N ASP A 135 -14.40 -7.76 43.52
CA ASP A 135 -13.49 -8.16 44.59
C ASP A 135 -12.51 -7.06 44.99
N ALA A 136 -12.03 -6.26 44.02
CA ALA A 136 -11.12 -5.15 44.31
C ALA A 136 -11.20 -4.06 43.25
N VAL A 137 -10.92 -2.83 43.69
CA VAL A 137 -10.83 -1.66 42.84
C VAL A 137 -9.34 -1.27 42.87
N LEU A 138 -8.68 -1.24 41.71
CA LEU A 138 -7.25 -0.93 41.62
C LEU A 138 -7.05 0.42 40.97
N ALA A 139 -5.99 1.14 41.37
CA ALA A 139 -5.61 2.40 40.73
C ALA A 139 -4.12 2.30 40.47
N SER A 140 -3.73 2.59 39.22
CA SER A 140 -2.29 2.50 38.86
C SER A 140 -1.52 3.69 39.39
N HIS A 141 -2.20 4.83 39.45
CA HIS A 141 -1.60 6.06 39.93
C HIS A 141 -2.68 7.06 40.29
N ASP A 142 -2.26 8.15 40.93
CA ASP A 142 -3.21 9.13 41.42
C ASP A 142 -3.69 10.19 40.46
N HIS A 143 -3.31 10.12 39.17
CA HIS A 143 -3.84 11.10 38.22
C HIS A 143 -5.35 10.98 38.15
N ALA A 144 -6.02 12.13 37.98
CA ALA A 144 -7.48 12.18 38.03
C ALA A 144 -8.25 11.20 37.14
N ASP A 145 -7.74 10.96 35.93
CA ASP A 145 -8.45 10.09 35.00
C ASP A 145 -8.15 8.61 35.21
N HIS A 146 -7.61 8.26 36.37
CA HIS A 146 -7.32 6.86 36.72
C HIS A 146 -7.85 6.42 38.08
N ILE A 147 -8.60 7.32 38.71
CA ILE A 147 -9.15 7.06 40.05
C ILE A 147 -10.45 7.83 40.15
N ASP A 148 -11.44 7.32 40.91
CA ASP A 148 -12.74 7.97 40.82
C ASP A 148 -13.58 7.93 42.08
N VAL A 149 -14.01 9.10 42.55
CA VAL A 149 -14.79 9.13 43.81
C VAL A 149 -16.18 8.51 43.66
N ASN A 150 -16.76 8.63 42.47
CA ASN A 150 -18.09 8.09 42.18
C ASN A 150 -18.07 6.58 42.18
N VAL A 151 -17.04 6.01 41.57
CA VAL A 151 -16.84 4.55 41.55
C VAL A 151 -16.67 4.05 42.99
N ALA A 152 -15.87 4.78 43.78
CA ALA A 152 -15.67 4.44 45.21
C ALA A 152 -17.03 4.47 45.96
N ALA A 153 -17.77 5.57 45.83
CA ALA A 153 -19.09 5.67 46.46
C ALA A 153 -19.96 4.48 46.07
N ALA A 154 -20.03 4.21 44.76
CA ALA A 154 -20.87 3.13 44.27
C ALA A 154 -20.54 1.77 44.84
N VAL A 155 -19.25 1.44 44.91
CA VAL A 155 -18.78 0.15 45.42
C VAL A 155 -19.04 0.00 46.94
N LEU A 156 -18.84 1.09 47.68
CA LEU A 156 -19.08 1.10 49.13
C LEU A 156 -20.60 0.97 49.40
N GLN A 157 -21.41 1.64 48.58
CA GLN A 157 -22.87 1.58 48.69
C GLN A 157 -23.41 0.21 48.32
N ASN A 158 -23.03 -0.31 47.16
CA ASN A 158 -23.57 -1.58 46.68
C ASN A 158 -22.94 -2.88 47.11
N CYS A 159 -21.66 -2.87 47.50
CA CYS A 159 -20.98 -4.13 47.74
C CYS A 159 -20.59 -4.39 49.19
N GLY A 160 -20.28 -5.65 49.47
CA GLY A 160 -19.90 -6.11 50.81
C GLY A 160 -18.67 -5.42 51.39
N GLU A 161 -18.43 -5.68 52.67
N GLU A 161 -18.40 -5.67 52.67
CA GLU A 161 -17.29 -5.14 53.41
CA GLU A 161 -17.25 -5.04 53.33
C GLU A 161 -15.95 -5.69 52.93
C GLU A 161 -15.93 -5.64 52.86
N HIS A 162 -16.01 -6.76 52.14
CA HIS A 162 -14.82 -7.46 51.64
C HIS A 162 -14.07 -6.78 50.49
N VAL A 163 -14.66 -5.76 49.88
CA VAL A 163 -14.02 -5.15 48.70
C VAL A 163 -12.79 -4.34 49.08
N LYS A 164 -11.67 -4.62 48.42
CA LYS A 164 -10.42 -3.91 48.67
C LYS A 164 -10.18 -2.80 47.66
N PHE A 165 -9.52 -1.72 48.12
CA PHE A 165 -9.11 -0.61 47.27
C PHE A 165 -7.61 -0.65 47.30
N ILE A 166 -7.02 -1.08 46.17
CA ILE A 166 -5.58 -1.30 46.05
C ILE A 166 -4.93 -0.25 45.17
N GLY A 167 -3.89 0.40 45.68
CA GLY A 167 -3.20 1.42 44.86
C GLY A 167 -1.97 1.90 45.59
N PRO A 168 -1.13 2.70 44.92
CA PRO A 168 0.06 3.27 45.56
C PRO A 168 -0.37 4.18 46.71
N GLN A 169 0.57 4.46 47.61
CA GLN A 169 0.30 5.28 48.79
C GLN A 169 -0.54 6.51 48.46
N ALA A 170 -0.20 7.22 47.38
CA ALA A 170 -0.91 8.44 46.98
C ALA A 170 -2.40 8.21 46.59
N CYS A 171 -2.69 7.01 46.10
CA CYS A 171 -4.08 6.66 45.76
C CYS A 171 -4.83 6.33 47.05
N VAL A 172 -4.18 5.60 47.95
CA VAL A 172 -4.78 5.26 49.25
C VAL A 172 -5.09 6.59 49.98
N ASP A 173 -4.16 7.54 49.97
CA ASP A 173 -4.43 8.83 50.63
C ASP A 173 -5.65 9.54 50.03
N LEU A 174 -5.86 9.38 48.72
CA LEU A 174 -6.96 10.08 48.06
C LEU A 174 -8.29 9.42 48.44
N TRP A 175 -8.29 8.09 48.46
CA TRP A 175 -9.46 7.30 48.82
C TRP A 175 -9.83 7.60 50.29
N LEU A 176 -8.84 7.51 51.17
CA LEU A 176 -9.03 7.87 52.59
C LEU A 176 -9.67 9.25 52.78
N GLY A 177 -9.14 10.25 52.08
CA GLY A 177 -9.65 11.61 52.20
C GLY A 177 -11.07 11.76 51.64
N TRP A 178 -11.46 10.78 50.82
CA TRP A 178 -12.80 10.79 50.23
C TRP A 178 -13.81 10.14 51.17
N GLY A 179 -13.30 9.32 52.08
CA GLY A 179 -14.11 8.66 53.09
C GLY A 179 -14.11 7.16 52.97
N VAL A 180 -13.23 6.60 52.14
CA VAL A 180 -13.15 5.15 52.06
C VAL A 180 -12.52 4.70 53.37
N PRO A 181 -13.11 3.70 54.04
CA PRO A 181 -12.53 3.23 55.31
C PRO A 181 -11.13 2.67 55.12
N GLN A 182 -10.31 2.76 56.17
N GLN A 182 -10.26 3.02 56.07
CA GLN A 182 -8.95 2.20 56.13
CA GLN A 182 -8.86 2.62 56.05
C GLN A 182 -8.94 0.65 56.04
C GLN A 182 -8.65 1.12 55.91
N GLU A 183 -9.85 -0.05 56.73
N GLU A 183 -9.54 0.34 56.54
CA GLU A 183 -9.80 -1.51 56.65
CA GLU A 183 -9.45 -1.14 56.55
C GLU A 183 -10.03 -1.98 55.21
C GLU A 183 -9.68 -1.78 55.18
N ARG A 184 -10.36 -1.05 54.31
CA ARG A 184 -10.61 -1.48 52.92
C ARG A 184 -9.38 -1.33 52.04
N CYS A 185 -8.51 -0.40 52.43
CA CYS A 185 -7.33 -0.05 51.64
C CYS A 185 -6.12 -0.92 51.83
N ILE A 186 -5.43 -1.13 50.70
CA ILE A 186 -4.18 -1.88 50.67
C ILE A 186 -3.22 -1.05 49.87
N VAL A 187 -2.14 -0.63 50.52
CA VAL A 187 -1.11 0.16 49.84
C VAL A 187 -0.24 -0.78 49.01
N ALA A 188 -0.20 -0.52 47.70
CA ALA A 188 0.59 -1.29 46.76
C ALA A 188 2.03 -0.78 46.76
N LYS A 189 2.98 -1.68 47.01
CA LYS A 189 4.39 -1.30 46.94
C LYS A 189 5.04 -2.20 45.91
N VAL A 190 5.98 -1.65 45.17
CA VAL A 190 6.66 -2.41 44.15
C VAL A 190 7.27 -3.68 44.74
N GLY A 191 6.98 -4.81 44.11
CA GLY A 191 7.50 -6.09 44.58
C GLY A 191 6.48 -6.87 45.39
N ASP A 192 5.40 -6.22 45.83
CA ASP A 192 4.30 -6.91 46.52
C ASP A 192 3.62 -7.88 45.57
N VAL A 193 3.09 -8.96 46.13
CA VAL A 193 2.31 -9.93 45.37
C VAL A 193 1.01 -10.11 46.18
N LEU A 194 -0.12 -9.69 45.62
CA LEU A 194 -1.39 -9.75 46.31
C LEU A 194 -2.29 -10.84 45.73
N GLU A 195 -2.83 -11.71 46.60
CA GLU A 195 -3.76 -12.76 46.18
C GLU A 195 -5.15 -12.26 46.43
N ILE A 196 -5.98 -12.22 45.39
CA ILE A 196 -7.38 -11.83 45.50
C ILE A 196 -8.08 -12.97 44.77
N GLY A 197 -8.90 -13.74 45.48
CA GLY A 197 -9.61 -14.84 44.83
C GLY A 197 -8.64 -15.77 44.13
N ASP A 198 -8.89 -16.09 42.85
CA ASP A 198 -7.99 -16.99 42.12
C ASP A 198 -7.01 -16.23 41.19
N VAL A 199 -6.79 -14.96 41.48
CA VAL A 199 -5.90 -14.12 40.70
C VAL A 199 -4.75 -13.66 41.58
N LYS A 200 -3.56 -13.57 40.99
CA LYS A 200 -2.37 -13.05 41.64
C LYS A 200 -2.03 -11.64 41.05
N ILE A 201 -1.86 -10.62 41.89
CA ILE A 201 -1.53 -9.24 41.43
C ILE A 201 -0.09 -8.86 41.82
N ARG A 202 0.80 -8.77 40.82
CA ARG A 202 2.17 -8.34 41.08
C ARG A 202 2.26 -6.83 40.89
N VAL A 203 2.77 -6.13 41.89
CA VAL A 203 2.90 -4.69 41.83
C VAL A 203 4.32 -4.45 41.26
N LEU A 204 4.39 -3.65 40.19
CA LEU A 204 5.69 -3.47 39.51
C LEU A 204 5.96 -2.01 39.28
N ASP A 205 7.19 -1.70 38.89
CA ASP A 205 7.57 -0.32 38.70
C ASP A 205 6.71 0.33 37.62
N SER A 206 6.44 1.64 37.79
CA SER A 206 5.74 2.46 36.79
C SER A 206 6.76 3.39 36.11
N PHE A 207 6.47 3.83 34.89
CA PHE A 207 7.39 4.76 34.19
C PHE A 207 6.65 6.00 33.79
N ASP A 208 5.70 6.39 34.64
CA ASP A 208 4.84 7.53 34.40
C ASP A 208 5.63 8.78 34.82
N ARG A 209 6.43 9.29 33.88
CA ARG A 209 7.27 10.49 34.12
C ARG A 209 6.43 11.70 34.48
N THR A 210 5.20 11.79 33.95
CA THR A 210 4.30 12.93 34.26
C THR A 210 3.96 12.94 35.78
N ALA A 211 3.67 11.76 36.30
CA ALA A 211 3.37 11.57 37.75
C ALA A 211 4.46 12.13 38.66
N LEU A 212 5.73 11.90 38.31
CA LEU A 212 6.87 12.44 39.10
C LEU A 212 6.76 13.94 39.36
N VAL A 213 6.23 14.68 38.39
CA VAL A 213 6.14 16.13 38.53
C VAL A 213 4.75 16.66 38.82
N THR A 214 3.82 15.75 39.12
CA THR A 214 2.46 16.16 39.39
C THR A 214 2.43 16.50 40.88
N LEU A 215 2.83 17.71 41.21
CA LEU A 215 2.92 18.10 42.63
C LEU A 215 2.00 19.26 43.01
N PRO A 216 1.58 19.31 44.31
CA PRO A 216 0.71 20.39 44.76
C PRO A 216 1.31 21.77 44.53
N LYS A 217 0.44 22.77 44.38
CA LYS A 217 0.89 24.16 44.25
C LYS A 217 1.80 24.47 45.43
N GLY A 218 2.85 25.25 45.18
CA GLY A 218 3.82 25.60 46.23
C GLY A 218 4.88 24.56 46.52
N VAL A 219 4.78 23.36 45.91
CA VAL A 219 5.82 22.33 46.01
C VAL A 219 6.67 22.40 44.73
N SER A 220 7.98 22.56 44.90
CA SER A 220 8.85 22.74 43.74
C SER A 220 9.14 21.45 42.94
N SER A 221 9.06 21.56 41.61
CA SER A 221 9.46 20.47 40.74
C SER A 221 10.84 20.76 40.14
N TYR A 222 11.51 21.80 40.64
CA TYR A 222 12.91 22.03 40.27
C TYR A 222 13.81 21.09 41.11
N ASP A 223 13.28 20.67 42.24
N ASP A 223 13.32 20.71 42.28
CA ASP A 223 13.97 19.86 43.23
CA ASP A 223 14.10 19.90 43.19
C ASP A 223 14.24 18.43 42.73
C ASP A 223 14.26 18.48 42.68
N LYS A 224 15.52 18.03 42.63
CA LYS A 224 15.84 16.67 42.16
C LYS A 224 15.37 15.58 43.09
N ALA A 225 15.06 15.90 44.35
CA ALA A 225 14.64 14.81 45.26
C ALA A 225 13.30 14.21 44.85
N ILE A 226 12.52 14.95 44.08
CA ILE A 226 11.19 14.47 43.63
C ILE A 226 11.35 13.25 42.74
N LEU A 227 12.54 13.07 42.17
CA LEU A 227 12.78 11.98 41.21
C LEU A 227 12.76 10.62 41.84
N ASP A 228 12.84 10.58 43.16
CA ASP A 228 12.75 9.27 43.82
C ASP A 228 11.32 8.92 44.14
N GLY A 229 10.38 9.81 43.79
CA GLY A 229 8.98 9.61 44.17
C GLY A 229 8.04 8.70 43.43
N MET A 230 8.52 7.94 42.43
CA MET A 230 7.58 7.18 41.60
C MET A 230 6.75 6.18 42.39
N ASP A 231 7.41 5.36 43.20
CA ASP A 231 6.74 4.24 43.88
C ASP A 231 5.61 4.62 44.83
N GLU A 232 5.70 5.82 45.39
N GLU A 232 5.71 5.83 45.38
CA GLU A 232 4.69 6.27 46.35
CA GLU A 232 4.74 6.35 46.35
C GLU A 232 3.40 6.62 45.65
C GLU A 232 3.42 6.65 45.65
N ARG A 233 3.50 7.00 44.37
CA ARG A 233 2.32 7.41 43.62
C ARG A 233 1.92 6.73 42.30
N ALA A 234 2.71 5.78 41.82
CA ALA A 234 2.40 5.11 40.57
C ALA A 234 3.04 3.75 40.50
N VAL A 235 2.26 2.77 40.08
CA VAL A 235 2.74 1.42 39.87
C VAL A 235 2.10 0.83 38.59
N ASN A 236 2.70 -0.26 38.08
CA ASN A 236 2.15 -1.04 36.96
C ASN A 236 1.70 -2.34 37.60
N TYR A 237 0.75 -3.01 37.00
CA TYR A 237 0.26 -4.27 37.55
C TYR A 237 0.43 -5.40 36.56
N LEU A 238 0.89 -6.53 37.05
CA LEU A 238 0.87 -7.71 36.22
C LEU A 238 -0.10 -8.64 36.96
N ILE A 239 -1.21 -8.94 36.32
CA ILE A 239 -2.31 -9.75 36.91
C ILE A 239 -2.25 -11.12 36.27
N GLU A 240 -2.05 -12.13 37.12
CA GLU A 240 -1.94 -13.50 36.66
C GLU A 240 -3.21 -14.27 37.00
N THR A 241 -3.78 -14.88 35.96
CA THR A 241 -5.01 -15.65 36.05
C THR A 241 -4.75 -17.06 35.49
N SER A 242 -5.73 -17.96 35.65
CA SER A 242 -5.59 -19.31 35.07
C SER A 242 -5.63 -19.27 33.55
N GLY A 243 -5.98 -18.11 32.98
CA GLY A 243 -6.07 -18.01 31.53
C GLY A 243 -4.84 -17.32 30.95
N GLY A 244 -3.96 -16.82 31.81
CA GLY A 244 -2.77 -16.09 31.37
C GLY A 244 -2.68 -14.77 32.11
N SER A 245 -1.74 -13.92 31.70
CA SER A 245 -1.50 -12.69 32.43
C SER A 245 -1.67 -11.45 31.57
N VAL A 246 -2.03 -10.36 32.25
CA VAL A 246 -2.20 -9.03 31.62
C VAL A 246 -1.38 -8.00 32.39
N TYR A 247 -0.63 -7.18 31.65
CA TYR A 247 0.22 -6.15 32.22
C TYR A 247 -0.47 -4.83 31.96
N HIS A 248 -0.86 -4.13 33.03
CA HIS A 248 -1.57 -2.84 32.90
C HIS A 248 -0.50 -1.80 33.25
N SER A 249 -0.13 -1.00 32.27
CA SER A 249 0.96 -0.06 32.47
C SER A 249 0.55 1.36 32.96
N GLY A 250 -0.71 1.55 33.33
CA GLY A 250 -1.26 2.88 33.70
C GLY A 250 -0.99 3.76 32.52
N ASP A 251 -0.47 4.97 32.74
CA ASP A 251 0.06 5.66 31.56
C ASP A 251 1.56 5.90 31.62
N SER A 252 2.27 4.80 31.89
CA SER A 252 3.70 4.81 31.85
C SER A 252 4.13 5.30 30.47
N HIS A 253 5.19 6.12 30.47
CA HIS A 253 5.88 6.50 29.26
C HIS A 253 6.74 5.31 28.87
N TYR A 254 7.60 5.50 27.87
CA TYR A 254 8.46 4.41 27.47
C TYR A 254 9.67 4.29 28.39
N SER A 255 9.96 3.07 28.82
CA SER A 255 11.20 2.79 29.55
C SER A 255 11.86 1.49 29.14
N ASN A 256 13.19 1.53 29.04
CA ASN A 256 13.99 0.32 28.82
C ASN A 256 13.65 -0.74 29.87
N TYR A 257 13.25 -0.30 31.07
CA TYR A 257 13.01 -1.21 32.22
C TYR A 257 11.83 -2.19 31.99
N TYR A 258 10.98 -1.89 30.99
CA TYR A 258 9.96 -2.84 30.54
C TYR A 258 10.66 -4.15 30.21
N ALA A 259 11.90 -4.08 29.72
CA ALA A 259 12.63 -5.33 29.39
C ALA A 259 12.98 -6.11 30.65
N LYS A 260 13.15 -5.42 31.77
CA LYS A 260 13.43 -6.13 33.04
C LYS A 260 12.14 -6.86 33.43
N HIS A 261 11.01 -6.18 33.42
CA HIS A 261 9.75 -6.88 33.69
C HIS A 261 9.53 -8.02 32.71
N GLY A 262 9.90 -7.82 31.43
CA GLY A 262 9.70 -8.88 30.44
C GLY A 262 10.60 -10.10 30.64
N ASN A 263 11.83 -9.86 31.08
CA ASN A 263 12.81 -10.91 31.40
C ASN A 263 12.32 -11.72 32.60
N ASP A 264 11.76 -11.04 33.58
CA ASP A 264 11.35 -11.71 34.83
C ASP A 264 10.04 -12.47 34.82
N TYR A 265 9.11 -12.10 33.95
CA TYR A 265 7.77 -12.69 33.95
C TYR A 265 7.21 -12.97 32.58
N GLN A 266 6.32 -13.97 32.50
N GLN A 266 6.32 -13.97 32.46
CA GLN A 266 5.61 -14.27 31.28
CA GLN A 266 5.64 -14.30 31.19
C GLN A 266 4.44 -13.28 31.26
C GLN A 266 4.37 -13.43 31.10
N ILE A 267 4.43 -12.42 30.24
CA ILE A 267 3.39 -11.42 30.06
C ILE A 267 2.66 -11.78 28.78
N ASP A 268 1.38 -12.14 28.87
CA ASP A 268 0.66 -12.55 27.68
C ASP A 268 0.08 -11.35 26.95
N VAL A 269 -0.65 -10.52 27.67
CA VAL A 269 -1.29 -9.32 27.07
C VAL A 269 -0.72 -8.07 27.73
N ALA A 270 -0.31 -7.08 26.92
CA ALA A 270 0.22 -5.81 27.44
C ALA A 270 -0.73 -4.67 27.05
N LEU A 271 -1.20 -3.91 28.04
CA LEU A 271 -2.09 -2.75 27.86
C LEU A 271 -1.19 -1.52 28.01
N LEU A 272 -1.09 -0.73 26.94
CA LEU A 272 -0.15 0.41 26.90
C LEU A 272 -0.90 1.65 26.43
N SER A 273 -0.65 2.77 27.10
CA SER A 273 -1.34 4.00 26.81
C SER A 273 -0.74 4.66 25.59
N TYR A 274 -1.63 5.13 24.70
CA TYR A 274 -1.23 5.66 23.44
C TYR A 274 -2.04 6.94 23.20
N GLY A 275 -1.50 7.86 22.42
CA GLY A 275 -2.25 9.06 22.05
C GLY A 275 -1.35 9.94 21.19
N GLU A 276 -1.93 10.99 20.60
CA GLU A 276 -1.19 11.89 19.75
C GLU A 276 -0.73 13.07 20.62
N ASN A 277 0.56 13.18 20.87
CA ASN A 277 1.07 14.26 21.71
C ASN A 277 0.97 15.60 20.96
N PRO A 278 0.44 16.64 21.63
CA PRO A 278 0.50 18.00 21.05
C PRO A 278 1.97 18.40 20.92
N ARG A 279 2.21 19.35 20.03
CA ARG A 279 3.58 19.87 19.90
C ARG A 279 4.10 20.39 21.24
N GLY A 280 5.31 19.93 21.60
CA GLY A 280 5.99 20.28 22.85
C GLY A 280 5.47 19.62 24.12
N VAL A 281 4.63 18.59 23.98
CA VAL A 281 4.07 17.87 25.14
C VAL A 281 4.46 16.40 24.95
N THR A 282 4.74 15.70 26.05
CA THR A 282 4.99 14.24 25.99
C THR A 282 4.18 13.70 27.14
N ASP A 283 3.09 13.03 26.81
CA ASP A 283 2.19 12.50 27.83
C ASP A 283 1.78 11.08 27.53
N LYS A 284 2.07 10.62 26.31
CA LYS A 284 1.71 9.24 25.90
C LYS A 284 2.80 8.72 25.01
N MET A 285 2.90 7.40 24.98
N MET A 285 3.09 7.42 25.07
CA MET A 285 3.86 6.74 24.12
CA MET A 285 4.13 6.93 24.19
C MET A 285 3.47 6.86 22.67
C MET A 285 3.57 6.91 22.76
N THR A 286 4.49 6.98 21.80
CA THR A 286 4.23 7.05 20.35
C THR A 286 3.94 5.65 19.80
N SER A 287 3.51 5.58 18.54
N SER A 287 3.54 5.55 18.53
CA SER A 287 3.27 4.27 17.87
CA SER A 287 3.29 4.24 17.90
C SER A 287 4.52 3.38 17.83
C SER A 287 4.54 3.36 17.88
N SER A 288 5.70 3.98 17.59
CA SER A 288 6.96 3.27 17.56
C SER A 288 7.23 2.68 18.97
N ASP A 289 6.90 3.46 20.01
CA ASP A 289 7.22 2.98 21.36
C ASP A 289 6.27 1.89 21.86
N VAL A 290 5.04 1.90 21.35
CA VAL A 290 4.08 0.83 21.69
C VAL A 290 4.73 -0.49 21.23
N LEU A 291 5.31 -0.50 20.03
CA LEU A 291 5.98 -1.70 19.51
C LEU A 291 7.25 -2.02 20.32
N ARG A 292 8.09 -1.02 20.61
CA ARG A 292 9.29 -1.27 21.42
C ARG A 292 8.91 -1.83 22.78
N ALA A 293 7.83 -1.30 23.35
CA ALA A 293 7.39 -1.77 24.68
C ALA A 293 6.89 -3.22 24.63
N ALA A 294 6.14 -3.55 23.55
CA ALA A 294 5.65 -4.91 23.32
C ALA A 294 6.82 -5.90 23.21
N GLU A 295 7.87 -5.49 22.50
CA GLU A 295 9.09 -6.27 22.37
C GLU A 295 9.81 -6.38 23.71
N SER A 296 9.91 -5.27 24.44
CA SER A 296 10.60 -5.25 25.74
C SER A 296 9.83 -6.13 26.76
N LEU A 297 8.51 -6.03 26.78
CA LEU A 297 7.70 -6.86 27.70
C LEU A 297 7.66 -8.33 27.25
N ASP A 298 8.11 -8.57 26.02
CA ASP A 298 8.09 -9.88 25.39
C ASP A 298 6.67 -10.48 25.48
N CYS A 299 5.64 -9.69 25.15
CA CYS A 299 4.26 -10.15 25.29
C CYS A 299 3.81 -10.95 24.07
N GLN A 300 2.62 -11.53 24.09
N GLN A 300 2.62 -11.51 24.14
CA GLN A 300 2.10 -12.17 22.89
CA GLN A 300 2.02 -12.21 23.02
C GLN A 300 1.09 -11.23 22.16
C GLN A 300 1.11 -11.26 22.21
N VAL A 301 0.37 -10.42 22.93
CA VAL A 301 -0.61 -9.47 22.34
C VAL A 301 -0.35 -8.10 22.97
N VAL A 302 -0.33 -7.05 22.13
CA VAL A 302 -0.18 -5.69 22.66
C VAL A 302 -1.46 -4.96 22.30
N VAL A 303 -1.99 -4.26 23.29
CA VAL A 303 -3.27 -3.61 23.19
C VAL A 303 -3.11 -2.12 23.55
N PRO A 304 -3.11 -1.23 22.53
CA PRO A 304 -3.16 0.16 23.00
C PRO A 304 -4.49 0.52 23.68
N PHE A 305 -4.43 1.37 24.70
CA PHE A 305 -5.63 1.94 25.30
C PHE A 305 -5.34 3.42 25.64
N HIS A 306 -6.28 4.13 26.28
CA HIS A 306 -6.13 5.58 26.61
C HIS A 306 -6.29 6.46 25.36
N HIS A 307 -6.24 5.86 24.18
CA HIS A 307 -6.31 6.60 22.92
C HIS A 307 -7.73 6.99 22.51
N ASP A 308 -8.70 6.66 23.36
CA ASP A 308 -10.09 6.96 23.09
C ASP A 308 -10.59 8.28 23.71
N ILE A 309 -9.91 8.67 24.78
CA ILE A 309 -10.50 9.59 25.74
C ILE A 309 -10.46 11.10 25.53
N TRP A 310 -9.33 11.64 25.04
CA TRP A 310 -9.26 13.11 24.94
C TRP A 310 -9.21 13.63 23.53
N ALA A 311 -10.07 14.59 23.23
CA ALA A 311 -10.13 15.22 21.93
C ALA A 311 -8.79 15.77 21.47
N ASN A 312 -8.06 16.39 22.40
CA ASN A 312 -6.78 17.01 22.02
C ASN A 312 -5.61 16.02 21.80
N PHE A 313 -5.89 14.73 22.02
CA PHE A 313 -4.91 13.65 21.75
C PHE A 313 -5.41 12.72 20.66
N GLN A 314 -6.38 13.18 19.88
CA GLN A 314 -6.95 12.39 18.78
C GLN A 314 -5.79 11.81 17.93
N ASN A 315 -5.89 10.52 17.63
CA ASN A 315 -4.76 9.79 17.09
C ASN A 315 -5.21 8.77 16.02
N ASP A 316 -4.23 8.02 15.53
CA ASP A 316 -4.45 7.04 14.51
C ASP A 316 -3.74 5.73 14.94
N PRO A 317 -4.47 4.76 15.52
CA PRO A 317 -3.84 3.50 15.95
C PRO A 317 -3.33 2.68 14.75
N ARG A 318 -3.80 2.97 13.54
N ARG A 318 -3.81 2.96 13.53
CA ARG A 318 -3.31 2.25 12.38
CA ARG A 318 -3.28 2.30 12.33
C ARG A 318 -1.77 2.47 12.19
C ARG A 318 -1.77 2.47 12.18
N GLU A 319 -1.19 3.52 12.78
CA GLU A 319 0.25 3.73 12.72
C GLU A 319 0.91 2.48 13.34
N ILE A 320 0.30 1.99 14.40
CA ILE A 320 0.89 0.83 15.10
C ILE A 320 0.86 -0.40 14.18
N GLU A 321 -0.28 -0.62 13.52
CA GLU A 321 -0.46 -1.79 12.64
C GLU A 321 0.49 -1.70 11.46
N VAL A 322 0.59 -0.51 10.85
CA VAL A 322 1.47 -0.35 9.71
C VAL A 322 2.96 -0.59 10.07
N LEU A 323 3.41 0.00 11.18
CA LEU A 323 4.80 -0.19 11.59
C LEU A 323 5.08 -1.68 11.92
N TRP A 324 4.14 -2.27 12.65
CA TRP A 324 4.28 -3.71 12.98
C TRP A 324 4.42 -4.55 11.68
N ASN A 325 3.57 -4.32 10.66
CA ASN A 325 3.73 -5.05 9.41
C ASN A 325 5.08 -4.82 8.74
N MET A 326 5.62 -3.60 8.82
CA MET A 326 6.88 -3.27 8.20
C MET A 326 8.11 -3.87 8.86
N LYS A 327 7.99 -4.13 10.16
CA LYS A 327 9.13 -4.48 11.01
C LYS A 327 9.14 -5.90 11.56
N LYS A 328 7.98 -6.55 11.56
CA LYS A 328 7.82 -7.83 12.30
C LYS A 328 8.77 -8.91 11.77
N ASP A 329 9.03 -8.95 10.46
CA ASP A 329 9.94 -10.01 9.97
C ASP A 329 11.41 -9.70 10.32
N ARG A 330 11.81 -8.47 10.02
CA ARG A 330 13.19 -8.05 10.21
C ARG A 330 13.58 -8.13 11.69
N LEU A 331 12.68 -7.74 12.61
CA LEU A 331 12.98 -7.77 14.07
C LEU A 331 12.47 -9.05 14.75
N GLN A 332 11.91 -9.95 13.97
N GLN A 332 11.85 -9.91 13.95
CA GLN A 332 11.36 -11.20 14.55
CA GLN A 332 11.29 -11.20 14.40
C GLN A 332 10.46 -10.92 15.75
C GLN A 332 10.33 -11.06 15.60
N TYR A 333 9.48 -10.02 15.56
CA TYR A 333 8.56 -9.71 16.62
C TYR A 333 7.68 -10.96 16.87
N GLN A 334 7.52 -11.33 18.12
CA GLN A 334 6.74 -12.53 18.46
C GLN A 334 5.34 -12.17 18.99
N PHE A 335 4.92 -10.90 18.85
CA PHE A 335 3.64 -10.48 19.38
C PHE A 335 2.84 -9.94 18.21
N ALA A 336 1.55 -9.73 18.45
CA ALA A 336 0.68 -9.06 17.45
C ALA A 336 -0.16 -8.00 18.17
N PRO A 337 -0.47 -6.88 17.47
CA PRO A 337 -1.32 -5.87 18.06
C PRO A 337 -2.83 -6.22 17.97
N PHE A 338 -3.61 -5.72 18.92
CA PHE A 338 -5.06 -5.89 18.95
C PHE A 338 -5.70 -4.51 19.15
N PHE A 339 -6.60 -4.15 18.21
CA PHE A 339 -7.28 -2.83 18.20
C PHE A 339 -8.70 -2.97 18.72
N TRP A 340 -8.89 -2.45 19.93
CA TRP A 340 -10.15 -2.62 20.64
C TRP A 340 -11.13 -1.47 20.42
N GLN A 341 -12.29 -1.53 21.08
CA GLN A 341 -13.31 -0.48 21.07
C GLN A 341 -13.82 -0.32 22.50
N VAL A 342 -14.14 0.91 22.89
CA VAL A 342 -14.62 1.21 24.25
C VAL A 342 -15.90 0.47 24.46
N GLY A 343 -15.92 -0.27 25.58
CA GLY A 343 -17.06 -1.09 25.97
C GLY A 343 -16.92 -2.50 25.47
N GLY A 344 -15.87 -2.77 24.68
CA GLY A 344 -15.67 -4.09 24.10
C GLY A 344 -15.07 -5.10 25.05
N LYS A 345 -15.18 -6.37 24.66
CA LYS A 345 -14.69 -7.51 25.38
C LYS A 345 -13.45 -8.10 24.74
N TYR A 346 -12.60 -8.72 25.56
CA TYR A 346 -11.47 -9.44 25.05
C TYR A 346 -11.30 -10.66 25.95
N THR A 347 -11.18 -11.83 25.33
CA THR A 347 -11.02 -13.10 26.07
C THR A 347 -9.77 -13.75 25.61
N TYR A 348 -8.90 -14.01 26.57
CA TYR A 348 -7.62 -14.60 26.30
C TYR A 348 -7.55 -16.01 26.93
N PRO A 349 -6.97 -16.99 26.20
CA PRO A 349 -6.35 -16.90 24.87
C PRO A 349 -7.30 -17.07 23.68
N THR A 350 -8.58 -17.17 23.93
CA THR A 350 -9.58 -17.43 22.87
C THR A 350 -9.48 -16.48 21.66
N ASP A 351 -9.23 -15.21 21.95
CA ASP A 351 -9.22 -14.18 20.90
C ASP A 351 -7.86 -13.89 20.31
N LYS A 352 -6.86 -14.71 20.65
CA LYS A 352 -5.53 -14.48 20.10
C LYS A 352 -5.66 -14.67 18.58
N GLY A 353 -4.97 -13.88 17.78
CA GLY A 353 -5.23 -14.10 16.36
C GLY A 353 -6.21 -13.08 15.78
N ARG A 354 -7.09 -12.53 16.59
N ARG A 354 -7.10 -12.53 16.60
CA ARG A 354 -7.99 -11.49 16.12
CA ARG A 354 -8.04 -11.47 16.19
C ARG A 354 -7.19 -10.20 16.22
C ARG A 354 -7.27 -10.17 16.27
N MET A 355 -7.32 -9.34 15.22
CA MET A 355 -6.60 -8.06 15.26
C MET A 355 -7.55 -6.86 15.43
N HIS A 356 -8.72 -6.91 14.78
CA HIS A 356 -9.64 -5.77 14.83
C HIS A 356 -10.97 -6.12 15.47
N TYR A 357 -11.21 -5.56 16.64
CA TYR A 357 -12.45 -5.81 17.37
C TYR A 357 -13.63 -5.17 16.62
N GLN A 358 -14.75 -5.87 16.60
CA GLN A 358 -16.00 -5.34 16.06
C GLN A 358 -17.08 -5.65 17.10
N HIS A 359 -17.84 -4.64 17.49
CA HIS A 359 -18.97 -4.83 18.40
C HIS A 359 -19.94 -5.83 17.74
N PHE A 360 -20.70 -6.53 18.58
CA PHE A 360 -21.69 -7.44 18.06
C PHE A 360 -22.60 -6.70 17.07
N ARG A 361 -22.81 -7.30 15.90
CA ARG A 361 -23.57 -6.63 14.83
C ARG A 361 -25.08 -6.84 14.93
N GLY A 362 -25.47 -7.82 15.75
CA GLY A 362 -26.88 -8.17 15.95
C GLY A 362 -27.46 -8.91 14.77
N PHE A 363 -28.78 -9.05 14.78
CA PHE A 363 -29.52 -9.71 13.70
C PHE A 363 -29.08 -11.15 13.39
N GLN A 364 -28.65 -11.88 14.43
N GLN A 364 -28.65 -11.88 14.43
CA GLN A 364 -28.21 -13.26 14.25
CA GLN A 364 -28.21 -13.27 14.25
C GLN A 364 -29.38 -14.14 13.74
C GLN A 364 -29.37 -14.18 13.81
N ASP A 365 -30.60 -13.74 14.07
CA ASP A 365 -31.81 -14.48 13.66
C ASP A 365 -32.42 -13.87 12.41
N ILE A 366 -31.55 -13.30 11.54
CA ILE A 366 -31.99 -12.68 10.31
C ILE A 366 -32.81 -13.70 9.52
N PHE A 367 -33.95 -13.25 8.99
CA PHE A 367 -34.90 -14.05 8.23
C PHE A 367 -35.39 -15.31 8.95
N LYS A 368 -35.47 -15.23 10.29
CA LYS A 368 -36.04 -16.33 11.06
C LYS A 368 -37.43 -16.52 10.45
N ASN A 369 -38.11 -15.40 10.22
CA ASN A 369 -39.42 -15.33 9.57
C ASN A 369 -39.27 -14.56 8.27
N GLU A 370 -40.30 -14.57 7.44
CA GLU A 370 -40.24 -13.85 6.17
C GLU A 370 -40.40 -12.35 6.40
N PRO A 371 -39.79 -11.53 5.53
CA PRO A 371 -39.95 -10.08 5.68
C PRO A 371 -41.38 -9.67 5.31
N GLU A 372 -41.77 -8.46 5.68
CA GLU A 372 -43.10 -7.93 5.34
C GLU A 372 -42.84 -6.69 4.49
N LEU A 373 -42.76 -6.92 3.18
CA LEU A 373 -42.41 -5.87 2.22
C LEU A 373 -43.35 -5.88 1.01
N PRO A 374 -43.49 -4.73 0.32
CA PRO A 374 -44.40 -4.65 -0.83
C PRO A 374 -44.04 -5.60 -1.99
N TYR A 375 -42.76 -6.02 -2.02
CA TYR A 375 -42.24 -7.00 -2.98
C TYR A 375 -40.87 -7.44 -2.45
N LYS A 376 -40.49 -8.68 -2.77
CA LYS A 376 -39.29 -9.35 -2.29
C LYS A 376 -38.00 -8.52 -2.42
N ALA A 377 -37.79 -7.98 -3.62
CA ALA A 377 -36.57 -7.20 -3.96
C ALA A 377 -36.61 -5.70 -3.58
N PHE A 378 -37.56 -5.30 -2.74
CA PHE A 378 -37.66 -3.90 -2.26
C PHE A 378 -36.30 -3.47 -1.64
N LEU A 379 -35.74 -4.38 -0.85
CA LEU A 379 -34.42 -4.24 -0.25
C LEU A 379 -33.64 -5.56 -0.38
N SER B 26 50.80 -6.16 -10.81
CA SER B 26 50.52 -6.76 -9.46
C SER B 26 51.36 -8.00 -9.21
N LYS B 27 51.85 -8.16 -7.99
CA LYS B 27 52.68 -9.32 -7.66
C LYS B 27 52.39 -9.90 -6.28
N VAL B 28 52.05 -11.18 -6.26
CA VAL B 28 51.75 -11.92 -5.04
C VAL B 28 52.84 -11.73 -3.97
N ASN B 29 54.10 -11.92 -4.38
CA ASN B 29 55.25 -11.76 -3.46
C ASN B 29 55.47 -10.37 -2.86
N GLU B 30 55.13 -9.32 -3.60
CA GLU B 30 55.33 -7.95 -3.11
C GLU B 30 54.18 -7.45 -2.21
N ILE B 31 53.17 -8.27 -2.01
CA ILE B 31 52.00 -7.83 -1.27
C ILE B 31 51.98 -8.27 0.20
N THR B 32 51.71 -7.29 1.06
CA THR B 32 51.56 -7.51 2.49
C THR B 32 50.19 -6.96 2.89
N ARG B 33 49.69 -7.40 4.03
CA ARG B 33 48.44 -6.86 4.59
C ARG B 33 48.53 -5.34 4.64
N GLU B 34 49.66 -4.82 5.11
N GLU B 34 49.66 -4.82 5.13
CA GLU B 34 49.85 -3.40 5.24
CA GLU B 34 49.89 -3.39 5.23
C GLU B 34 49.84 -2.66 3.90
C GLU B 34 49.82 -2.67 3.88
N SER B 35 50.45 -3.25 2.87
CA SER B 35 50.45 -2.60 1.53
C SER B 35 49.04 -2.59 0.93
N TRP B 36 48.29 -3.70 1.13
CA TRP B 36 46.88 -3.77 0.67
C TRP B 36 46.05 -2.65 1.32
N ILE B 37 46.07 -2.58 2.64
CA ILE B 37 45.36 -1.53 3.36
C ILE B 37 45.74 -0.14 2.85
N LEU B 38 47.04 0.16 2.78
CA LEU B 38 47.47 1.51 2.34
C LEU B 38 47.11 1.88 0.91
N SER B 39 46.94 0.89 0.04
CA SER B 39 46.58 1.17 -1.35
C SER B 39 45.06 1.29 -1.54
N THR B 40 44.29 0.73 -0.58
CA THR B 40 42.83 0.63 -0.68
C THR B 40 41.95 1.66 0.05
N PHE B 41 42.34 2.05 1.25
CA PHE B 41 41.54 2.92 2.14
C PHE B 41 42.11 4.34 2.33
N PRO B 42 41.24 5.34 2.64
CA PRO B 42 39.78 5.22 2.75
C PRO B 42 39.17 4.94 1.37
N GLU B 43 37.94 4.40 1.35
CA GLU B 43 37.31 3.93 0.13
C GLU B 43 37.21 4.84 -1.09
N TRP B 44 36.94 6.11 -0.86
CA TRP B 44 36.75 7.06 -1.94
C TRP B 44 38.01 7.89 -2.17
N GLY B 45 39.10 7.52 -1.48
CA GLY B 45 40.33 8.30 -1.61
C GLY B 45 40.01 9.78 -1.34
N THR B 46 40.43 10.64 -2.26
CA THR B 46 40.21 12.08 -2.16
C THR B 46 39.12 12.60 -3.11
N TRP B 47 38.31 11.70 -3.67
CA TRP B 47 37.15 12.08 -4.52
C TRP B 47 36.30 13.21 -3.95
N LEU B 48 35.88 13.08 -2.69
CA LEU B 48 34.98 14.05 -2.08
C LEU B 48 35.73 15.31 -1.63
N ASN B 49 36.96 15.12 -1.16
CA ASN B 49 37.83 16.25 -0.83
C ASN B 49 37.83 17.21 -2.03
N GLU B 50 38.09 16.65 -3.23
CA GLU B 50 38.09 17.38 -4.49
C GLU B 50 36.74 17.95 -4.78
N GLU B 51 35.69 17.12 -4.66
CA GLU B 51 34.32 17.58 -4.90
C GLU B 51 33.96 18.83 -4.07
N ILE B 52 34.26 18.76 -2.77
CA ILE B 52 33.92 19.84 -1.84
C ILE B 52 34.66 21.16 -2.20
N GLU B 53 35.98 21.05 -2.37
CA GLU B 53 36.84 22.21 -2.72
C GLU B 53 36.41 22.89 -4.02
N GLN B 54 35.98 22.10 -4.98
CA GLN B 54 35.58 22.58 -6.30
C GLN B 54 34.15 23.07 -6.42
N THR B 55 33.36 22.86 -5.38
CA THR B 55 31.97 23.29 -5.40
C THR B 55 31.86 24.79 -5.21
N VAL B 56 31.13 25.41 -6.11
CA VAL B 56 30.85 26.84 -6.05
C VAL B 56 29.43 26.99 -5.54
N VAL B 57 29.31 27.41 -4.30
CA VAL B 57 28.02 27.58 -3.66
C VAL B 57 27.39 28.90 -4.11
N GLU B 58 26.23 28.79 -4.75
CA GLU B 58 25.48 29.90 -5.30
C GLU B 58 25.00 30.84 -4.22
N PRO B 59 24.89 32.15 -4.54
CA PRO B 59 24.40 33.04 -3.50
C PRO B 59 23.01 32.65 -2.98
N ASN B 60 22.81 32.89 -1.69
CA ASN B 60 21.56 32.62 -0.99
C ASN B 60 21.21 31.12 -0.95
N THR B 61 22.25 30.29 -0.96
CA THR B 61 22.10 28.83 -0.82
C THR B 61 23.25 28.36 0.04
N PHE B 62 23.17 27.13 0.58
CA PHE B 62 24.33 26.54 1.28
C PHE B 62 24.35 25.06 0.93
N SER B 63 25.50 24.42 1.05
CA SER B 63 25.64 23.01 0.72
C SER B 63 26.21 22.26 1.89
N MET B 64 25.80 20.99 2.01
CA MET B 64 26.35 20.13 3.04
C MET B 64 26.59 18.76 2.46
N TRP B 65 27.52 18.04 3.05
CA TRP B 65 27.80 16.65 2.71
C TRP B 65 27.78 15.79 3.98
N TRP B 66 27.23 14.60 3.85
CA TRP B 66 27.13 13.66 4.98
C TRP B 66 28.39 12.79 5.00
N LEU B 67 29.14 12.89 6.09
CA LEU B 67 30.46 12.25 6.18
C LEU B 67 30.37 10.90 6.90
N GLY B 68 29.13 10.45 7.14
CA GLY B 68 28.91 9.22 7.90
C GLY B 68 28.63 9.58 9.36
N CYS B 69 27.85 8.71 10.00
CA CYS B 69 27.39 8.89 11.37
C CYS B 69 26.67 10.24 11.45
N THR B 70 27.20 11.19 12.23
CA THR B 70 26.60 12.51 12.22
C THR B 70 27.55 13.58 11.65
N GLY B 71 28.62 13.14 10.97
CA GLY B 71 29.56 14.09 10.36
C GLY B 71 28.94 14.86 9.23
N ILE B 72 29.15 16.16 9.26
CA ILE B 72 28.63 17.04 8.21
C ILE B 72 29.75 18.00 7.77
N TRP B 73 29.88 18.18 6.47
CA TRP B 73 30.71 19.28 5.96
C TRP B 73 29.74 20.35 5.52
N LEU B 74 29.90 21.60 5.98
CA LEU B 74 29.00 22.67 5.55
C LEU B 74 29.84 23.72 4.78
N LYS B 75 29.31 24.24 3.67
CA LYS B 75 30.02 25.23 2.86
C LYS B 75 29.04 26.31 2.46
N SER B 76 29.32 27.53 2.91
CA SER B 76 28.46 28.67 2.61
C SER B 76 28.79 29.31 1.26
N ALA B 77 27.95 30.24 0.85
CA ALA B 77 28.10 30.98 -0.40
C ALA B 77 29.37 31.86 -0.35
N GLY B 78 29.75 32.29 0.85
CA GLY B 78 30.96 33.11 1.03
C GLY B 78 32.21 32.29 1.26
N ASN B 79 32.12 31.00 0.92
CA ASN B 79 33.22 30.05 1.07
C ASN B 79 33.71 29.81 2.52
N THR B 80 32.79 29.89 3.49
CA THR B 80 33.15 29.47 4.86
C THR B 80 32.96 27.92 4.92
N ASN B 81 33.89 27.20 5.54
CA ASN B 81 33.84 25.72 5.64
C ASN B 81 33.93 25.18 7.04
N LEU B 82 32.91 24.41 7.45
CA LEU B 82 32.85 23.86 8.79
C LEU B 82 32.73 22.35 8.70
N SER B 83 33.41 21.67 9.60
CA SER B 83 33.28 20.23 9.74
C SER B 83 32.55 20.08 11.10
N ILE B 84 31.55 19.20 11.17
CA ILE B 84 30.79 19.01 12.42
C ILE B 84 30.71 17.54 12.69
N ASP B 85 31.19 17.11 13.86
CA ASP B 85 31.13 15.70 14.28
C ASP B 85 31.77 14.74 13.26
N PHE B 86 32.77 15.24 12.53
CA PHE B 86 33.43 14.42 11.54
C PHE B 86 34.21 13.33 12.26
N TRP B 87 33.80 12.08 12.04
CA TRP B 87 34.40 10.94 12.75
C TRP B 87 35.00 9.91 11.79
N CYS B 88 36.28 9.58 12.04
CA CYS B 88 37.03 8.65 11.24
C CYS B 88 37.51 7.44 12.01
N GLY B 89 36.76 7.06 13.03
CA GLY B 89 37.06 5.87 13.80
C GLY B 89 36.25 4.71 13.25
N THR B 90 36.41 3.53 13.84
CA THR B 90 35.57 2.40 13.48
C THR B 90 35.01 1.78 14.78
N GLY B 91 34.25 0.69 14.68
CA GLY B 91 33.73 0.03 15.87
C GLY B 91 34.62 -1.12 16.27
N LYS B 92 34.01 -2.21 16.73
CA LYS B 92 34.78 -3.41 17.14
C LYS B 92 35.64 -3.99 16.01
N LYS B 93 36.82 -4.51 16.38
CA LYS B 93 37.75 -5.09 15.39
C LYS B 93 38.07 -6.56 15.64
N THR B 94 37.47 -7.13 16.69
CA THR B 94 37.68 -8.51 17.08
C THR B 94 36.64 -8.86 18.11
N GLN B 95 36.42 -10.16 18.31
CA GLN B 95 35.48 -10.67 19.30
C GLN B 95 36.28 -11.30 20.46
N LYS B 96 37.61 -11.19 20.39
N LYS B 96 37.61 -11.23 20.41
CA LYS B 96 38.57 -11.75 21.37
CA LYS B 96 38.44 -11.87 21.44
C LYS B 96 38.21 -11.34 22.79
C LYS B 96 38.11 -11.36 22.83
N ASN B 97 38.03 -10.03 22.98
CA ASN B 97 37.62 -9.47 24.26
C ASN B 97 36.11 -9.53 24.30
N ARG B 98 35.58 -10.47 25.07
N ARG B 98 35.62 -10.48 25.09
CA ARG B 98 34.13 -10.66 25.13
CA ARG B 98 34.20 -10.80 25.26
C ARG B 98 33.42 -9.85 26.21
C ARG B 98 33.45 -9.90 26.25
N LEU B 99 34.17 -8.96 26.87
CA LEU B 99 33.61 -8.15 27.95
C LEU B 99 33.52 -6.66 27.67
N MET B 100 32.41 -6.06 28.09
CA MET B 100 32.23 -4.63 27.96
C MET B 100 33.04 -3.94 29.07
N ASN B 101 33.64 -2.80 28.76
CA ASN B 101 34.37 -2.01 29.76
C ASN B 101 33.47 -1.65 30.93
N THR B 102 33.99 -1.82 32.15
CA THR B 102 33.25 -1.55 33.37
C THR B 102 32.74 -0.12 33.33
N GLN B 103 31.45 0.04 33.65
CA GLN B 103 30.84 1.38 33.68
C GLN B 103 30.80 2.20 32.38
N HIS B 104 30.89 1.49 31.25
CA HIS B 104 30.63 2.09 29.95
C HIS B 104 29.17 2.56 30.07
N GLN B 105 28.78 3.58 29.32
CA GLN B 105 27.37 4.05 29.41
C GLN B 105 26.33 2.94 29.20
N MET B 106 26.62 1.99 28.31
CA MET B 106 25.67 0.88 28.04
C MET B 106 25.53 -0.04 29.26
N MET B 107 26.61 -0.15 30.04
CA MET B 107 26.55 -0.95 31.24
C MET B 107 25.73 -0.21 32.30
N ARG B 108 25.93 1.09 32.36
CA ARG B 108 25.20 1.90 33.33
C ARG B 108 23.72 1.87 32.99
N MET B 109 23.38 2.00 31.71
CA MET B 109 21.97 2.05 31.32
C MET B 109 21.29 0.70 31.32
N GLY B 110 22.04 -0.33 30.91
CA GLY B 110 21.42 -1.64 30.74
C GLY B 110 21.80 -2.77 31.68
N GLY B 111 22.78 -2.56 32.57
CA GLY B 111 23.20 -3.65 33.51
C GLY B 111 23.73 -4.86 32.79
N VAL B 112 24.42 -4.63 31.67
CA VAL B 112 24.99 -5.72 30.87
C VAL B 112 26.46 -5.95 31.21
N GLU B 113 26.98 -7.09 30.75
CA GLU B 113 28.38 -7.45 30.93
C GLU B 113 29.10 -7.73 29.61
N ALA B 114 28.37 -8.29 28.64
CA ALA B 114 28.97 -8.75 27.40
C ALA B 114 29.27 -7.61 26.42
N LEU B 115 30.29 -7.82 25.58
N LEU B 115 30.31 -7.78 25.60
CA LEU B 115 30.73 -6.86 24.56
CA LEU B 115 30.69 -6.77 24.62
C LEU B 115 29.61 -6.44 23.60
C LEU B 115 29.50 -6.37 23.76
N GLN B 116 29.58 -5.17 23.22
CA GLN B 116 28.56 -4.67 22.25
C GLN B 116 29.06 -4.99 20.83
N PRO B 117 28.21 -5.59 19.98
CA PRO B 117 28.62 -5.90 18.63
C PRO B 117 28.42 -4.71 17.70
N ASN B 118 29.00 -3.56 18.03
CA ASN B 118 28.87 -2.39 17.16
C ASN B 118 29.99 -2.38 16.11
N LEU B 119 29.61 -2.74 14.89
CA LEU B 119 30.53 -2.81 13.77
C LEU B 119 30.14 -1.69 12.83
N ARG B 120 31.14 -0.92 12.38
CA ARG B 120 30.88 0.20 11.48
C ARG B 120 30.45 -0.31 10.12
N THR B 121 29.32 0.21 9.65
CA THR B 121 28.71 -0.26 8.40
C THR B 121 28.68 0.76 7.24
N SER B 122 29.28 1.94 7.43
CA SER B 122 29.39 2.90 6.35
C SER B 122 30.85 3.16 5.97
N ILE B 123 31.08 3.46 4.69
CA ILE B 123 32.45 3.71 4.19
C ILE B 123 32.93 5.08 4.68
N PHE B 124 34.17 5.43 4.37
CA PHE B 124 34.76 6.71 4.79
C PHE B 124 34.82 7.57 3.54
N PRO B 125 33.84 8.47 3.34
CA PRO B 125 33.83 9.17 2.06
C PRO B 125 34.85 10.30 1.92
N LEU B 126 35.46 10.71 3.02
CA LEU B 126 36.35 11.89 2.99
C LEU B 126 37.69 11.60 3.69
N ASP B 127 38.82 11.92 3.05
CA ASP B 127 40.13 11.70 3.69
C ASP B 127 40.40 12.94 4.55
N PRO B 128 40.48 12.78 5.88
CA PRO B 128 40.62 14.05 6.60
C PRO B 128 42.02 14.65 6.35
N PHE B 129 42.97 13.79 5.99
CA PHE B 129 44.35 14.24 5.72
C PHE B 129 44.52 15.00 4.41
N ALA B 130 43.44 15.10 3.64
CA ALA B 130 43.45 15.85 2.39
C ALA B 130 42.72 17.16 2.56
N ILE B 131 42.31 17.49 3.78
CA ILE B 131 41.62 18.76 4.01
C ILE B 131 42.66 19.87 3.85
N LYS B 132 42.36 20.87 3.04
N LYS B 132 42.37 20.84 2.98
CA LYS B 132 43.27 22.00 2.84
CA LYS B 132 43.26 21.97 2.69
C LYS B 132 42.58 23.30 3.24
C LYS B 132 42.55 23.33 2.72
N GLU B 133 41.27 23.31 3.07
CA GLU B 133 40.45 24.50 3.25
C GLU B 133 39.34 24.20 4.28
N ILE B 134 39.39 24.88 5.43
CA ILE B 134 38.43 24.70 6.55
C ILE B 134 38.57 25.89 7.49
N ASP B 135 37.47 26.29 8.14
CA ASP B 135 37.44 27.42 9.08
C ASP B 135 37.31 26.98 10.54
N ALA B 136 36.54 25.90 10.80
CA ALA B 136 36.35 25.35 12.16
C ALA B 136 35.99 23.87 12.17
N VAL B 137 36.32 23.24 13.28
CA VAL B 137 36.00 21.85 13.55
C VAL B 137 35.07 21.91 14.76
N LEU B 138 33.83 21.44 14.60
CA LEU B 138 32.87 21.45 15.72
C LEU B 138 32.62 20.05 16.23
N ALA B 139 32.27 19.94 17.52
CA ALA B 139 31.86 18.68 18.14
C ALA B 139 30.61 18.98 18.97
N SER B 140 29.56 18.19 18.74
CA SER B 140 28.31 18.36 19.49
C SER B 140 28.51 17.87 20.91
N HIS B 141 29.25 16.79 21.04
CA HIS B 141 29.49 16.19 22.35
C HIS B 141 30.72 15.32 22.35
N ASP B 142 31.11 14.88 23.54
CA ASP B 142 32.32 14.12 23.70
C ASP B 142 32.23 12.62 23.48
N HIS B 143 31.09 12.11 23.00
CA HIS B 143 31.03 10.68 22.67
C HIS B 143 32.00 10.34 21.54
N ALA B 144 32.61 9.16 21.62
CA ALA B 144 33.67 8.75 20.69
C ALA B 144 33.38 8.95 19.19
N ASP B 145 32.14 8.66 18.79
CA ASP B 145 31.76 8.74 17.39
C ASP B 145 31.37 10.13 16.91
N HIS B 146 31.75 11.17 17.68
CA HIS B 146 31.42 12.55 17.35
C HIS B 146 32.60 13.50 17.44
N ILE B 147 33.77 12.94 17.75
CA ILE B 147 35.00 13.73 17.91
C ILE B 147 36.16 12.82 17.48
N ASP B 148 37.22 13.40 16.92
CA ASP B 148 38.24 12.56 16.32
C ASP B 148 39.67 13.09 16.40
N VAL B 149 40.57 12.27 16.93
CA VAL B 149 41.99 12.67 17.10
C VAL B 149 42.71 12.78 15.77
N ASN B 150 42.29 11.93 14.84
CA ASN B 150 42.92 11.92 13.52
C ASN B 150 42.54 13.13 12.72
N VAL B 151 41.27 13.54 12.83
CA VAL B 151 40.78 14.74 12.16
C VAL B 151 41.51 15.94 12.75
N ALA B 152 41.67 15.92 14.07
CA ALA B 152 42.38 16.97 14.79
C ALA B 152 43.81 17.06 14.24
N ALA B 153 44.51 15.93 14.26
CA ALA B 153 45.91 15.89 13.77
C ALA B 153 46.01 16.46 12.36
N ALA B 154 45.13 15.97 11.48
CA ALA B 154 45.13 16.38 10.09
C ALA B 154 44.96 17.88 9.91
N VAL B 155 44.01 18.47 10.63
CA VAL B 155 43.75 19.91 10.52
C VAL B 155 44.93 20.75 11.04
N LEU B 156 45.55 20.30 12.13
CA LEU B 156 46.70 21.00 12.71
C LEU B 156 47.91 20.89 11.79
N GLN B 157 48.05 19.74 11.14
CA GLN B 157 49.16 19.53 10.21
C GLN B 157 49.00 20.30 8.91
N ASN B 158 47.82 20.25 8.29
CA ASN B 158 47.62 20.86 6.98
C ASN B 158 47.13 22.28 6.94
N CYS B 159 46.60 22.78 8.05
CA CYS B 159 46.00 24.11 8.01
C CYS B 159 46.61 25.16 8.90
N GLY B 160 46.25 26.40 8.57
CA GLY B 160 46.70 27.58 9.30
C GLY B 160 46.27 27.64 10.75
N GLU B 161 46.84 28.59 11.47
N GLU B 161 46.87 28.59 11.47
CA GLU B 161 46.60 28.77 12.90
CA GLU B 161 46.62 28.82 12.89
C GLU B 161 45.21 29.35 13.16
C GLU B 161 45.21 29.32 13.15
N HIS B 162 44.55 29.81 12.10
CA HIS B 162 43.21 30.42 12.23
C HIS B 162 42.05 29.42 12.49
N VAL B 163 42.27 28.13 12.25
CA VAL B 163 41.18 27.14 12.41
C VAL B 163 40.83 26.93 13.88
N LYS B 164 39.54 27.05 14.17
CA LYS B 164 39.04 26.91 15.53
C LYS B 164 38.46 25.54 15.79
N PHE B 165 38.66 25.06 17.02
CA PHE B 165 38.06 23.81 17.49
C PHE B 165 37.00 24.27 18.49
N ILE B 166 35.73 24.09 18.10
CA ILE B 166 34.57 24.56 18.85
C ILE B 166 33.78 23.38 19.38
N GLY B 167 33.53 23.36 20.69
CA GLY B 167 32.75 22.27 21.28
C GLY B 167 32.51 22.58 22.74
N PRO B 168 31.66 21.80 23.43
CA PRO B 168 31.42 22.02 24.86
C PRO B 168 32.72 21.78 25.64
N GLN B 169 32.77 22.22 26.90
CA GLN B 169 33.96 22.06 27.74
C GLN B 169 34.61 20.68 27.65
N ALA B 170 33.81 19.63 27.75
CA ALA B 170 34.34 18.27 27.69
C ALA B 170 35.05 17.97 26.35
N CYS B 171 34.56 18.56 25.25
CA CYS B 171 35.21 18.33 23.96
C CYS B 171 36.55 19.06 23.90
N VAL B 172 36.56 20.30 24.38
CA VAL B 172 37.79 21.08 24.49
C VAL B 172 38.79 20.31 25.39
N ASP B 173 38.34 19.76 26.50
CA ASP B 173 39.26 18.97 27.36
C ASP B 173 39.89 17.81 26.58
N LEU B 174 39.09 17.11 25.77
CA LEU B 174 39.64 16.01 24.98
C LEU B 174 40.69 16.45 23.96
N TRP B 175 40.39 17.57 23.29
CA TRP B 175 41.27 18.11 22.28
C TRP B 175 42.59 18.59 22.90
N LEU B 176 42.49 19.35 24.00
CA LEU B 176 43.66 19.78 24.79
C LEU B 176 44.50 18.58 25.23
N GLY B 177 43.85 17.54 25.72
CA GLY B 177 44.54 16.33 26.14
C GLY B 177 45.25 15.60 24.99
N TRP B 178 44.76 15.81 23.76
CA TRP B 178 45.36 15.15 22.60
C TRP B 178 46.52 15.99 22.05
N GLY B 179 46.61 17.23 22.50
CA GLY B 179 47.69 18.12 22.09
C GLY B 179 47.27 19.28 21.23
N VAL B 180 45.97 19.53 21.13
CA VAL B 180 45.49 20.68 20.37
C VAL B 180 45.78 21.88 21.27
N PRO B 181 46.43 22.92 20.72
CA PRO B 181 46.73 24.13 21.48
C PRO B 181 45.48 24.85 21.98
N GLN B 182 45.49 25.25 23.26
CA GLN B 182 44.40 26.00 23.89
C GLN B 182 43.92 27.19 23.06
N GLU B 183 44.85 27.89 22.40
N GLU B 183 44.87 27.84 22.40
CA GLU B 183 44.45 29.06 21.59
CA GLU B 183 44.61 29.00 21.56
C GLU B 183 43.59 28.68 20.39
C GLU B 183 43.71 28.68 20.35
N ARG B 184 43.63 27.40 19.99
CA ARG B 184 42.79 26.95 18.85
C ARG B 184 41.36 26.63 19.29
N CYS B 185 41.17 26.47 20.59
CA CYS B 185 39.87 26.07 21.14
C CYS B 185 38.93 27.18 21.56
N ILE B 186 37.64 26.89 21.44
CA ILE B 186 36.58 27.79 21.90
C ILE B 186 35.58 26.89 22.59
N VAL B 187 35.37 27.15 23.88
CA VAL B 187 34.40 26.39 24.65
C VAL B 187 33.01 26.93 24.30
N ALA B 188 32.16 26.03 23.79
CA ALA B 188 30.82 26.39 23.41
C ALA B 188 29.93 26.27 24.63
N LYS B 189 29.24 27.35 24.97
CA LYS B 189 28.29 27.38 26.06
C LYS B 189 26.91 27.68 25.50
N VAL B 190 25.90 27.06 26.08
CA VAL B 190 24.56 27.30 25.62
C VAL B 190 24.23 28.79 25.69
N GLY B 191 23.65 29.31 24.62
CA GLY B 191 23.33 30.74 24.52
C GLY B 191 24.43 31.53 23.80
N ASP B 192 25.60 30.95 23.59
CA ASP B 192 26.64 31.66 22.83
C ASP B 192 26.27 31.80 21.36
N VAL B 193 26.73 32.87 20.75
CA VAL B 193 26.54 33.08 19.32
C VAL B 193 27.93 33.38 18.74
N LEU B 194 28.43 32.45 17.94
CA LEU B 194 29.75 32.55 17.32
C LEU B 194 29.69 32.93 15.85
N GLU B 195 30.58 33.84 15.45
CA GLU B 195 30.70 34.26 14.05
C GLU B 195 31.95 33.63 13.47
N ILE B 196 31.79 32.93 12.36
CA ILE B 196 32.92 32.32 11.66
C ILE B 196 32.66 32.64 10.21
N GLY B 197 33.57 33.38 9.57
CA GLY B 197 33.37 33.75 8.17
C GLY B 197 32.00 34.37 8.03
N ASP B 198 31.26 34.00 6.98
CA ASP B 198 29.91 34.51 6.79
C ASP B 198 28.79 33.69 7.48
N VAL B 199 29.11 32.85 8.47
CA VAL B 199 28.06 32.06 9.15
C VAL B 199 27.96 32.33 10.65
N LYS B 200 26.74 32.25 11.17
CA LYS B 200 26.49 32.45 12.59
C LYS B 200 26.20 31.06 13.23
N ILE B 201 26.85 30.76 14.35
CA ILE B 201 26.67 29.51 15.07
C ILE B 201 26.02 29.79 16.43
N ARG B 202 24.76 29.38 16.59
CA ARG B 202 24.10 29.48 17.87
C ARG B 202 24.27 28.16 18.63
N VAL B 203 24.81 28.24 19.84
CA VAL B 203 25.01 27.07 20.65
C VAL B 203 23.71 26.89 21.45
N LEU B 204 23.09 25.71 21.35
CA LEU B 204 21.80 25.47 22.01
C LEU B 204 21.80 24.21 22.89
N ASP B 205 20.75 24.03 23.69
CA ASP B 205 20.71 22.91 24.60
C ASP B 205 20.76 21.59 23.84
N SER B 206 21.38 20.58 24.46
CA SER B 206 21.38 19.20 23.93
C SER B 206 20.38 18.36 24.75
N PHE B 207 19.86 17.27 24.15
CA PHE B 207 18.94 16.37 24.88
C PHE B 207 19.50 14.96 24.84
N ASP B 208 20.83 14.88 24.84
CA ASP B 208 21.53 13.60 24.78
C ASP B 208 21.56 12.99 26.18
N ARG B 209 20.50 12.27 26.51
CA ARG B 209 20.38 11.63 27.84
C ARG B 209 21.51 10.63 28.09
N THR B 210 22.03 10.00 27.04
CA THR B 210 23.15 9.04 27.19
C THR B 210 24.41 9.77 27.74
N ALA B 211 24.66 10.96 27.21
CA ALA B 211 25.82 11.81 27.63
C ALA B 211 25.82 12.08 29.13
N LEU B 212 24.62 12.28 29.70
CA LEU B 212 24.49 12.55 31.13
C LEU B 212 25.08 11.46 32.01
N VAL B 213 24.98 10.21 31.58
CA VAL B 213 25.46 9.08 32.37
C VAL B 213 26.76 8.43 31.85
N THR B 214 27.42 9.12 30.91
CA THR B 214 28.67 8.67 30.31
C THR B 214 29.76 9.21 31.21
N LEU B 215 30.09 8.47 32.24
CA LEU B 215 31.02 8.98 33.25
C LEU B 215 32.19 8.04 33.42
N PRO B 216 33.36 8.59 33.85
CA PRO B 216 34.53 7.76 34.07
C PRO B 216 34.29 6.66 35.10
N LYS B 217 34.97 5.51 34.96
CA LYS B 217 34.88 4.43 35.96
C LYS B 217 35.12 4.99 37.35
N GLY B 218 34.42 4.46 38.34
CA GLY B 218 34.56 4.93 39.72
C GLY B 218 33.81 6.20 40.07
N VAL B 219 33.17 6.83 39.06
CA VAL B 219 32.30 8.01 39.26
C VAL B 219 30.86 7.49 39.16
N SER B 220 30.08 7.72 40.21
CA SER B 220 28.72 7.23 40.30
C SER B 220 27.66 7.92 39.42
N SER B 221 26.85 7.09 38.77
CA SER B 221 25.70 7.61 38.03
C SER B 221 24.39 7.34 38.81
N TYR B 222 24.50 6.95 40.08
CA TYR B 222 23.29 6.87 40.94
C TYR B 222 23.03 8.29 41.44
N ASP B 223 24.08 9.10 41.44
CA ASP B 223 24.05 10.45 41.99
C ASP B 223 23.21 11.43 41.14
N LYS B 224 22.15 12.01 41.74
CA LYS B 224 21.29 12.97 41.00
C LYS B 224 22.01 14.26 40.60
N ALA B 225 23.15 14.57 41.22
CA ALA B 225 23.84 15.81 40.83
C ALA B 225 24.36 15.79 39.39
N ILE B 226 24.49 14.59 38.82
CA ILE B 226 24.98 14.45 37.43
C ILE B 226 23.97 15.00 36.42
N LEU B 227 22.72 15.15 36.85
CA LEU B 227 21.63 15.59 35.97
C LEU B 227 21.76 17.03 35.52
N ASP B 228 22.60 17.79 36.21
CA ASP B 228 22.82 19.18 35.78
C ASP B 228 23.97 19.29 34.80
N GLY B 229 24.56 18.17 34.41
CA GLY B 229 25.77 18.22 33.58
C GLY B 229 25.75 18.28 32.06
N MET B 230 24.57 18.42 31.46
CA MET B 230 24.49 18.35 30.01
C MET B 230 25.39 19.40 29.33
N ASP B 231 25.21 20.65 29.75
CA ASP B 231 25.86 21.79 29.11
C ASP B 231 27.36 21.73 29.06
N GLU B 232 27.96 21.06 30.04
N GLU B 232 27.97 21.07 30.04
CA GLU B 232 29.40 20.96 30.13
CA GLU B 232 29.41 20.93 30.12
C GLU B 232 29.97 20.00 29.08
C GLU B 232 29.93 20.08 28.97
N ARG B 233 29.13 19.08 28.59
CA ARG B 233 29.58 18.10 27.61
C ARG B 233 28.80 17.81 26.32
N ALA B 234 27.64 18.45 26.15
CA ALA B 234 26.84 18.26 24.94
C ALA B 234 26.02 19.51 24.65
N VAL B 235 26.02 19.90 23.37
CA VAL B 235 25.23 21.03 22.87
C VAL B 235 24.67 20.67 21.49
N ASN B 236 23.66 21.40 21.07
CA ASN B 236 23.10 21.32 19.73
C ASN B 236 23.53 22.60 19.06
N TYR B 237 23.64 22.58 17.73
CA TYR B 237 24.03 23.78 16.98
C TYR B 237 22.99 24.20 15.98
N LEU B 238 22.68 25.50 15.94
CA LEU B 238 21.85 26.00 14.86
C LEU B 238 22.81 26.89 14.06
N ILE B 239 23.09 26.52 12.82
CA ILE B 239 24.06 27.25 11.98
C ILE B 239 23.31 28.06 10.96
N GLU B 240 23.49 29.39 10.99
CA GLU B 240 22.77 30.27 10.08
C GLU B 240 23.64 30.78 8.96
N THR B 241 23.18 30.56 7.73
CA THR B 241 23.91 30.98 6.51
C THR B 241 22.98 31.87 5.67
N SER B 242 23.54 32.47 4.62
CA SER B 242 22.75 33.33 3.73
C SER B 242 21.77 32.52 2.92
N GLY B 243 21.93 31.20 2.93
CA GLY B 243 21.00 30.32 2.24
C GLY B 243 19.98 29.66 3.18
N GLY B 244 20.08 29.92 4.48
CA GLY B 244 19.15 29.33 5.47
C GLY B 244 19.91 28.70 6.62
N SER B 245 19.15 28.04 7.52
CA SER B 245 19.73 27.47 8.71
C SER B 245 19.60 25.94 8.80
N VAL B 246 20.56 25.36 9.50
CA VAL B 246 20.58 23.92 9.74
C VAL B 246 20.77 23.66 11.23
N TYR B 247 19.96 22.76 11.79
CA TYR B 247 20.05 22.44 13.18
C TYR B 247 20.67 21.06 13.29
N HIS B 248 21.81 20.97 13.96
CA HIS B 248 22.54 19.72 14.13
C HIS B 248 22.27 19.33 15.58
N SER B 249 21.47 18.27 15.78
CA SER B 249 21.11 17.83 17.13
C SER B 249 22.08 16.86 17.78
N GLY B 250 23.28 16.62 17.20
CA GLY B 250 24.21 15.61 17.73
C GLY B 250 23.42 14.30 17.82
N ASP B 251 23.50 13.58 18.94
CA ASP B 251 22.52 12.50 19.07
C ASP B 251 21.57 12.69 20.25
N SER B 252 21.00 13.89 20.30
CA SER B 252 19.98 14.19 21.26
C SER B 252 18.86 13.17 21.11
N HIS B 253 18.33 12.76 22.24
CA HIS B 253 17.13 11.93 22.26
C HIS B 253 15.96 12.88 22.02
N TYR B 254 14.73 12.41 22.21
CA TYR B 254 13.61 13.29 22.03
C TYR B 254 13.37 14.19 23.25
N SER B 255 13.19 15.49 23.02
CA SER B 255 12.74 16.37 24.10
C SER B 255 11.66 17.36 23.66
N ASN B 256 10.68 17.58 24.53
CA ASN B 256 9.69 18.63 24.29
C ASN B 256 10.37 19.98 24.03
N TYR B 257 11.57 20.16 24.59
CA TYR B 257 12.27 21.46 24.50
C TYR B 257 12.71 21.83 23.06
N TYR B 258 12.69 20.85 22.15
CA TYR B 258 12.85 21.17 20.72
C TYR B 258 11.84 22.24 20.36
N ALA B 259 10.66 22.18 20.96
CA ALA B 259 9.61 23.19 20.64
C ALA B 259 10.05 24.62 21.09
N LYS B 260 10.85 24.71 22.15
CA LYS B 260 11.36 26.04 22.63
C LYS B 260 12.32 26.54 21.55
N HIS B 261 13.25 25.68 21.12
CA HIS B 261 14.16 26.07 20.03
C HIS B 261 13.40 26.48 18.77
N GLY B 262 12.34 25.72 18.45
CA GLY B 262 11.52 26.01 17.26
C GLY B 262 10.70 27.29 17.35
N ASN B 263 10.27 27.65 18.54
CA ASN B 263 9.52 28.92 18.78
C ASN B 263 10.48 30.10 18.61
N ASP B 264 11.71 29.94 19.09
CA ASP B 264 12.71 31.04 19.11
C ASP B 264 13.43 31.35 17.81
N TYR B 265 13.64 30.31 16.99
CA TYR B 265 14.42 30.47 15.76
C TYR B 265 13.79 29.88 14.51
N GLN B 266 14.11 30.46 13.34
CA GLN B 266 13.68 29.88 12.06
C GLN B 266 14.69 28.76 11.73
N ILE B 267 14.20 27.51 11.71
CA ILE B 267 15.04 26.37 11.45
C ILE B 267 14.64 25.78 10.11
N ASP B 268 15.51 25.86 9.10
CA ASP B 268 15.13 25.34 7.81
C ASP B 268 15.30 23.83 7.72
N VAL B 269 16.49 23.35 8.02
CA VAL B 269 16.84 21.92 7.92
C VAL B 269 17.19 21.38 9.30
N ALA B 270 16.56 20.27 9.68
CA ALA B 270 16.86 19.65 10.99
C ALA B 270 17.52 18.29 10.78
N LEU B 271 18.70 18.09 11.38
CA LEU B 271 19.45 16.83 11.31
C LEU B 271 19.23 16.12 12.65
N LEU B 272 18.60 14.95 12.59
CA LEU B 272 18.19 14.20 13.80
C LEU B 272 18.71 12.78 13.73
N SER B 273 19.29 12.31 14.82
CA SER B 273 19.87 10.98 14.86
C SER B 273 18.77 9.93 14.95
N TYR B 274 18.93 8.87 14.18
CA TYR B 274 17.92 7.84 14.06
C TYR B 274 18.61 6.48 14.10
N GLY B 275 17.91 5.45 14.57
CA GLY B 275 18.48 4.11 14.54
C GLY B 275 17.48 3.14 15.16
N GLU B 276 17.76 1.83 15.05
CA GLU B 276 16.86 0.83 15.60
C GLU B 276 17.40 0.44 16.96
N ASN B 277 16.70 0.78 18.02
CA ASN B 277 17.19 0.51 19.37
C ASN B 277 17.08 -0.99 19.64
N PRO B 278 18.17 -1.63 20.15
CA PRO B 278 18.03 -3.03 20.63
C PRO B 278 17.02 -3.10 21.78
N ARG B 279 16.48 -4.29 22.04
CA ARG B 279 15.53 -4.47 23.12
C ARG B 279 16.18 -4.06 24.45
N GLY B 280 15.54 -3.14 25.17
CA GLY B 280 15.99 -2.63 26.47
C GLY B 280 17.02 -1.53 26.39
N VAL B 281 17.26 -0.99 25.20
CA VAL B 281 18.25 0.08 24.99
C VAL B 281 17.51 1.30 24.41
N THR B 282 17.91 2.51 24.79
CA THR B 282 17.36 3.75 24.21
C THR B 282 18.59 4.63 23.95
N ASP B 283 18.98 4.72 22.70
CA ASP B 283 20.16 5.49 22.31
C ASP B 283 19.90 6.39 21.10
N LYS B 284 18.79 6.13 20.42
CA LYS B 284 18.42 6.93 19.21
C LYS B 284 16.93 7.14 19.23
N MET B 285 16.49 8.26 18.65
N MET B 285 16.44 8.30 18.77
CA MET B 285 15.08 8.55 18.51
CA MET B 285 15.00 8.48 18.76
C MET B 285 14.39 7.58 17.56
C MET B 285 14.39 7.59 17.66
N THR B 286 13.13 7.26 17.86
CA THR B 286 12.35 6.38 16.97
C THR B 286 11.82 7.15 15.74
N SER B 287 11.23 6.42 14.79
N SER B 287 11.20 6.43 14.80
CA SER B 287 10.65 7.03 13.58
CA SER B 287 10.64 7.07 13.59
C SER B 287 9.57 8.06 13.91
C SER B 287 9.56 8.08 13.93
N SER B 288 8.72 7.74 14.90
CA SER B 288 7.66 8.62 15.34
C SER B 288 8.28 9.90 15.92
N ASP B 289 9.38 9.75 16.67
CA ASP B 289 9.98 10.92 17.32
C ASP B 289 10.75 11.80 16.35
N VAL B 290 11.26 11.23 15.27
CA VAL B 290 11.86 12.10 14.21
C VAL B 290 10.79 13.08 13.72
N LEU B 291 9.57 12.60 13.53
CA LEU B 291 8.45 13.45 13.06
C LEU B 291 8.01 14.45 14.13
N ARG B 292 7.86 13.99 15.37
CA ARG B 292 7.49 14.90 16.46
C ARG B 292 8.58 15.97 16.59
N ALA B 293 9.85 15.56 16.43
CA ALA B 293 10.97 16.54 16.57
C ALA B 293 10.92 17.58 15.43
N ALA B 294 10.68 17.10 14.21
CA ALA B 294 10.50 18.00 13.04
C ALA B 294 9.38 19.02 13.28
N GLU B 295 8.26 18.56 13.84
CA GLU B 295 7.14 19.41 14.19
C GLU B 295 7.53 20.41 15.30
N SER B 296 8.23 19.94 16.33
CA SER B 296 8.64 20.78 17.46
C SER B 296 9.67 21.83 16.96
N LEU B 297 10.61 21.39 16.13
CA LEU B 297 11.62 22.36 15.58
C LEU B 297 10.96 23.30 14.57
N ASP B 298 9.76 22.92 14.12
CA ASP B 298 9.01 23.65 13.11
C ASP B 298 9.92 23.88 11.92
N CYS B 299 10.59 22.82 11.46
CA CYS B 299 11.53 22.95 10.33
C CYS B 299 10.81 22.85 8.97
N GLN B 300 11.52 23.07 7.86
N GLN B 300 11.56 23.03 7.88
CA GLN B 300 10.92 22.84 6.53
CA GLN B 300 11.05 22.89 6.53
C GLN B 300 11.33 21.45 5.99
C GLN B 300 11.33 21.46 6.04
N VAL B 301 12.55 21.02 6.32
CA VAL B 301 13.09 19.68 5.88
C VAL B 301 13.69 18.98 7.09
N VAL B 302 13.28 17.72 7.29
CA VAL B 302 13.87 16.86 8.36
C VAL B 302 14.72 15.78 7.70
N VAL B 303 15.93 15.66 8.23
CA VAL B 303 16.92 14.77 7.67
C VAL B 303 17.44 13.82 8.73
N PRO B 304 16.96 12.56 8.71
CA PRO B 304 17.60 11.64 9.65
C PRO B 304 19.08 11.37 9.30
N PHE B 305 19.92 11.20 10.33
CA PHE B 305 21.30 10.77 10.12
C PHE B 305 21.71 9.86 11.27
N HIS B 306 22.96 9.39 11.30
CA HIS B 306 23.47 8.45 12.33
C HIS B 306 22.93 7.04 12.07
N HIS B 307 21.96 6.91 11.17
CA HIS B 307 21.35 5.59 10.90
C HIS B 307 22.13 4.69 9.91
N ASP B 308 23.30 5.15 9.50
CA ASP B 308 24.14 4.44 8.56
C ASP B 308 25.24 3.61 9.25
N ILE B 309 25.59 4.05 10.46
CA ILE B 309 26.89 3.69 11.07
C ILE B 309 27.05 2.36 11.80
N TRP B 310 26.07 1.93 12.60
CA TRP B 310 26.25 0.68 13.38
C TRP B 310 25.38 -0.47 12.98
N ALA B 311 26.04 -1.61 12.83
CA ALA B 311 25.36 -2.83 12.41
C ALA B 311 24.22 -3.21 13.37
N ASN B 312 24.47 -3.06 14.68
CA ASN B 312 23.46 -3.45 15.67
C ASN B 312 22.25 -2.48 15.79
N PHE B 313 22.31 -1.38 15.05
CA PHE B 313 21.21 -0.40 15.01
C PHE B 313 20.61 -0.34 13.62
N GLN B 314 20.91 -1.36 12.81
CA GLN B 314 20.36 -1.46 11.45
C GLN B 314 18.86 -1.15 11.49
N ASN B 315 18.39 -0.28 10.58
CA ASN B 315 17.05 0.26 10.71
C ASN B 315 16.36 0.39 9.34
N ASP B 316 15.17 0.97 9.36
CA ASP B 316 14.40 1.16 8.16
C ASP B 316 13.88 2.62 8.15
N PRO B 317 14.57 3.51 7.43
CA PRO B 317 14.15 4.92 7.34
C PRO B 317 12.76 5.08 6.70
N ARG B 318 12.32 4.09 5.91
N ARG B 318 12.32 4.09 5.91
CA ARG B 318 11.01 4.18 5.26
CA ARG B 318 10.99 4.13 5.29
C ARG B 318 9.88 4.27 6.32
C ARG B 318 9.88 4.28 6.33
N GLU B 319 10.13 3.83 7.56
CA GLU B 319 9.12 4.02 8.63
C GLU B 319 8.80 5.53 8.73
N ILE B 320 9.82 6.37 8.59
CA ILE B 320 9.61 7.82 8.73
C ILE B 320 8.71 8.30 7.59
N GLU B 321 9.00 7.84 6.37
CA GLU B 321 8.25 8.27 5.18
C GLU B 321 6.79 7.82 5.26
N VAL B 322 6.58 6.56 5.66
CA VAL B 322 5.25 6.04 5.76
C VAL B 322 4.39 6.77 6.79
N LEU B 323 4.97 6.98 7.98
CA LEU B 323 4.26 7.63 9.07
C LEU B 323 3.93 9.07 8.63
N TRP B 324 4.91 9.74 8.03
CA TRP B 324 4.71 11.14 7.51
C TRP B 324 3.54 11.17 6.51
N ASN B 325 3.49 10.25 5.53
CA ASN B 325 2.35 10.20 4.61
C ASN B 325 1.01 9.97 5.29
N MET B 326 1.00 9.18 6.35
CA MET B 326 -0.23 8.89 7.09
C MET B 326 -0.75 10.01 7.95
N LYS B 327 0.17 10.87 8.41
CA LYS B 327 -0.16 11.88 9.42
C LYS B 327 -0.12 13.33 8.94
N LYS B 328 0.50 13.58 7.78
CA LYS B 328 0.79 14.99 7.38
C LYS B 328 -0.47 15.82 7.19
N ASP B 329 -1.52 15.25 6.62
CA ASP B 329 -2.76 16.05 6.46
C ASP B 329 -3.43 16.30 7.81
N ARG B 330 -3.67 15.20 8.56
CA ARG B 330 -4.35 15.34 9.84
C ARG B 330 -3.66 16.32 10.80
N LEU B 331 -2.33 16.29 10.85
CA LEU B 331 -1.58 17.16 11.76
C LEU B 331 -1.05 18.43 11.10
N GLN B 332 -1.36 18.57 9.82
CA GLN B 332 -0.93 19.74 9.03
C GLN B 332 0.57 19.97 9.18
N TYR B 333 1.37 18.90 9.00
CA TYR B 333 2.79 19.01 9.05
C TYR B 333 3.25 19.97 7.96
N GLN B 334 4.18 20.84 8.27
CA GLN B 334 4.65 21.83 7.29
C GLN B 334 6.02 21.47 6.70
N PHE B 335 6.59 20.34 7.12
CA PHE B 335 7.90 19.92 6.75
C PHE B 335 7.80 18.66 5.92
N ALA B 336 8.90 18.32 5.27
CA ALA B 336 8.98 17.04 4.52
C ALA B 336 10.29 16.36 4.85
N PRO B 337 10.31 15.00 4.85
CA PRO B 337 11.53 14.30 5.11
C PRO B 337 12.45 14.20 3.88
N PHE B 338 13.74 14.06 4.11
CA PHE B 338 14.73 13.85 3.07
C PHE B 338 15.67 12.72 3.48
N PHE B 339 15.76 11.72 2.61
CA PHE B 339 16.54 10.46 2.84
C PHE B 339 17.85 10.51 2.08
N TRP B 340 18.92 10.64 2.84
CA TRP B 340 20.22 10.90 2.25
C TRP B 340 21.03 9.64 2.06
N GLN B 341 22.28 9.79 1.59
CA GLN B 341 23.23 8.69 1.48
C GLN B 341 24.60 9.19 1.94
N VAL B 342 25.37 8.32 2.60
CA VAL B 342 26.72 8.68 3.11
C VAL B 342 27.62 9.11 1.97
N GLY B 343 28.21 10.30 2.12
CA GLY B 343 29.06 10.91 1.08
C GLY B 343 28.27 11.82 0.18
N GLY B 344 26.94 11.84 0.34
CA GLY B 344 26.05 12.64 -0.51
C GLY B 344 26.03 14.12 -0.18
N LYS B 345 25.55 14.91 -1.13
CA LYS B 345 25.45 16.35 -1.03
C LYS B 345 23.99 16.77 -0.86
N TYR B 346 23.77 17.89 -0.17
CA TYR B 346 22.47 18.48 -0.06
C TYR B 346 22.66 20.01 -0.17
N THR B 347 21.85 20.63 -1.00
CA THR B 347 21.93 22.10 -1.21
C THR B 347 20.58 22.69 -0.89
N TYR B 348 20.57 23.68 0.00
CA TYR B 348 19.32 24.27 0.43
C TYR B 348 19.34 25.76 0.03
N PRO B 349 18.21 26.32 -0.43
CA PRO B 349 16.87 25.72 -0.66
C PRO B 349 16.73 24.98 -1.99
N THR B 350 17.81 24.82 -2.75
CA THR B 350 17.73 24.28 -4.11
C THR B 350 17.07 22.88 -4.16
N ASP B 351 17.43 22.06 -3.19
CA ASP B 351 16.95 20.66 -3.18
C ASP B 351 15.64 20.44 -2.41
N LYS B 352 15.03 21.50 -1.87
CA LYS B 352 13.77 21.38 -1.15
C LYS B 352 12.79 20.71 -2.12
N GLY B 353 11.98 19.78 -1.67
CA GLY B 353 11.15 19.15 -2.70
C GLY B 353 11.66 17.79 -3.18
N ARG B 354 12.94 17.54 -3.04
N ARG B 354 12.95 17.53 -3.00
CA ARG B 354 13.50 16.23 -3.34
CA ARG B 354 13.53 16.24 -3.35
C ARG B 354 13.30 15.43 -2.07
C ARG B 354 13.48 15.37 -2.09
N MET B 355 12.94 14.16 -2.21
CA MET B 355 12.79 13.28 -1.04
C MET B 355 13.87 12.17 -0.91
N HIS B 356 14.24 11.57 -2.05
CA HIS B 356 15.18 10.48 -2.07
C HIS B 356 16.46 10.82 -2.83
N TYR B 357 17.56 10.91 -2.09
CA TYR B 357 18.86 11.27 -2.68
C TYR B 357 19.31 10.06 -3.50
N GLN B 358 19.97 10.31 -4.62
CA GLN B 358 20.58 9.28 -5.45
C GLN B 358 21.94 9.86 -5.81
N HIS B 359 22.96 9.06 -5.59
CA HIS B 359 24.32 9.42 -6.04
C HIS B 359 24.31 9.67 -7.55
N PHE B 360 25.21 10.55 -8.01
CA PHE B 360 25.34 10.76 -9.44
C PHE B 360 25.47 9.41 -10.14
N ARG B 361 24.66 9.22 -11.19
CA ARG B 361 24.61 7.92 -11.89
C ARG B 361 25.70 7.78 -12.96
N GLY B 362 26.29 8.90 -13.36
CA GLY B 362 27.33 8.90 -14.39
C GLY B 362 26.80 8.79 -15.81
N PHE B 363 27.68 8.59 -16.78
CA PHE B 363 27.26 8.43 -18.17
C PHE B 363 26.40 9.55 -18.75
N GLN B 364 26.64 10.80 -18.32
N GLN B 364 26.66 10.78 -18.33
CA GLN B 364 25.85 11.90 -18.89
CA GLN B 364 25.92 11.95 -18.84
C GLN B 364 26.16 12.07 -20.39
C GLN B 364 26.19 12.12 -20.36
N ASP B 365 27.30 11.55 -20.83
CA ASP B 365 27.70 11.62 -22.25
C ASP B 365 27.37 10.34 -23.00
N ILE B 366 26.31 9.65 -22.56
CA ILE B 366 25.95 8.37 -23.17
C ILE B 366 25.71 8.60 -24.66
N PHE B 367 26.23 7.67 -25.46
CA PHE B 367 26.15 7.72 -26.93
C PHE B 367 26.69 8.99 -27.59
N LYS B 368 27.64 9.66 -26.93
CA LYS B 368 28.34 10.81 -27.54
C LYS B 368 28.85 10.27 -28.90
N ASN B 369 29.45 9.09 -28.86
CA ASN B 369 29.92 8.33 -30.02
C ASN B 369 29.14 7.03 -30.17
N GLU B 370 29.26 6.37 -31.31
CA GLU B 370 28.57 5.10 -31.48
C GLU B 370 29.19 3.99 -30.63
N PRO B 371 28.37 2.98 -30.25
CA PRO B 371 28.96 1.89 -29.50
C PRO B 371 29.80 1.03 -30.42
N GLU B 372 30.64 0.18 -29.83
CA GLU B 372 31.49 -0.73 -30.56
C GLU B 372 31.06 -2.14 -30.14
N LEU B 373 30.03 -2.64 -30.84
CA LEU B 373 29.44 -3.96 -30.56
C LEU B 373 29.25 -4.76 -31.85
N PRO B 374 29.12 -6.10 -31.74
CA PRO B 374 28.98 -6.95 -32.91
C PRO B 374 27.73 -6.71 -33.75
N TYR B 375 26.70 -6.11 -33.15
CA TYR B 375 25.47 -5.70 -33.83
C TYR B 375 24.79 -4.74 -32.85
N LYS B 376 24.01 -3.80 -33.38
N LYS B 376 24.02 -3.79 -33.39
CA LYS B 376 23.47 -2.75 -32.55
CA LYS B 376 23.40 -2.71 -32.61
C LYS B 376 22.60 -3.19 -31.37
C LYS B 376 22.51 -3.13 -31.43
N ALA B 377 21.77 -4.22 -31.59
CA ALA B 377 20.86 -4.71 -30.54
C ALA B 377 21.48 -5.75 -29.58
N PHE B 378 22.83 -5.84 -29.56
CA PHE B 378 23.54 -6.73 -28.68
C PHE B 378 23.11 -6.43 -27.21
N LEU B 379 23.03 -5.14 -26.90
CA LEU B 379 22.53 -4.67 -25.62
C LEU B 379 21.60 -3.49 -25.87
N LYS C 27 47.80 11.33 21.19
CA LYS C 27 48.80 12.38 20.83
C LYS C 27 48.68 12.78 19.37
N VAL C 28 48.48 14.08 19.17
CA VAL C 28 48.25 14.67 17.84
C VAL C 28 49.48 14.61 16.90
N ASN C 29 50.70 14.83 17.39
CA ASN C 29 51.84 14.76 16.47
C ASN C 29 52.50 13.37 16.26
N GLU C 30 51.92 12.33 16.85
CA GLU C 30 52.35 10.95 16.61
C GLU C 30 51.51 10.28 15.52
N ILE C 31 50.60 11.05 14.95
CA ILE C 31 49.66 10.57 13.96
C ILE C 31 50.00 11.05 12.56
N THR C 32 50.00 10.10 11.63
CA THR C 32 50.13 10.41 10.22
C THR C 32 48.91 9.80 9.53
N ARG C 33 48.67 10.21 8.28
CA ARG C 33 47.63 9.61 7.45
C ARG C 33 47.81 8.08 7.46
N GLU C 34 49.06 7.64 7.29
N GLU C 34 49.06 7.64 7.28
CA GLU C 34 49.39 6.23 7.24
CA GLU C 34 49.39 6.22 7.26
C GLU C 34 49.11 5.45 8.54
C GLU C 34 49.03 5.48 8.56
N SER C 35 49.37 6.06 9.71
CA SER C 35 49.09 5.39 10.99
C SER C 35 47.56 5.33 11.23
N TRP C 36 46.86 6.39 10.84
CA TRP C 36 45.39 6.43 10.94
C TRP C 36 44.80 5.28 10.14
N ILE C 37 45.17 5.20 8.86
CA ILE C 37 44.69 4.12 7.99
C ILE C 37 45.00 2.75 8.57
N LEU C 38 46.23 2.52 8.99
CA LEU C 38 46.59 1.20 9.52
C LEU C 38 45.90 0.83 10.82
N SER C 39 45.48 1.83 11.59
CA SER C 39 44.82 1.56 12.86
C SER C 39 43.31 1.37 12.69
N THR C 40 42.80 1.82 11.55
CA THR C 40 41.35 1.89 11.30
C THR C 40 40.73 0.83 10.37
N PHE C 41 41.44 0.45 9.32
CA PHE C 41 40.92 -0.46 8.26
C PHE C 41 41.56 -1.85 8.23
N PRO C 42 40.83 -2.88 7.72
CA PRO C 42 39.46 -2.81 7.24
C PRO C 42 38.51 -2.62 8.45
N GLU C 43 37.29 -2.15 8.16
CA GLU C 43 36.33 -1.73 9.16
C GLU C 43 35.98 -2.63 10.33
N TRP C 44 35.88 -3.94 10.08
CA TRP C 44 35.48 -4.89 11.08
C TRP C 44 36.67 -5.69 11.63
N GLY C 45 37.87 -5.34 11.19
CA GLY C 45 39.05 -6.07 11.66
C GLY C 45 38.90 -7.53 11.31
N THR C 46 39.10 -8.39 12.31
CA THR C 46 39.02 -9.83 12.15
C THR C 46 37.77 -10.39 12.81
N TRP C 47 36.81 -9.52 13.13
CA TRP C 47 35.53 -9.89 13.73
C TRP C 47 34.87 -11.04 12.99
N LEU C 48 34.72 -10.91 11.68
CA LEU C 48 34.01 -11.93 10.89
C LEU C 48 34.92 -13.13 10.60
N ASN C 49 36.23 -12.88 10.48
CA ASN C 49 37.20 -14.01 10.37
C ASN C 49 36.98 -14.97 11.55
N GLU C 50 36.94 -14.40 12.75
CA GLU C 50 36.67 -15.14 13.99
C GLU C 50 35.28 -15.77 13.96
N GLU C 51 34.26 -14.99 13.56
CA GLU C 51 32.91 -15.53 13.49
C GLU C 51 32.81 -16.80 12.61
N ILE C 52 33.38 -16.69 11.41
CA ILE C 52 33.35 -17.78 10.44
C ILE C 52 34.03 -19.06 10.99
N GLU C 53 35.26 -18.90 11.49
CA GLU C 53 36.01 -20.05 12.07
C GLU C 53 35.28 -20.75 13.20
N GLN C 54 34.66 -19.96 14.08
N GLN C 54 34.70 -19.96 14.10
CA GLN C 54 33.97 -20.49 15.25
CA GLN C 54 33.98 -20.49 15.27
C GLN C 54 32.56 -21.01 15.00
C GLN C 54 32.69 -21.24 14.91
N THR C 55 32.08 -20.88 13.77
CA THR C 55 30.78 -21.43 13.39
C THR C 55 30.76 -22.93 13.23
N VAL C 56 29.83 -23.56 13.92
CA VAL C 56 29.62 -24.99 13.85
C VAL C 56 28.38 -25.20 13.00
N VAL C 57 28.57 -25.51 11.72
CA VAL C 57 27.46 -25.75 10.80
C VAL C 57 26.79 -27.10 11.13
N GLU C 58 25.50 -27.05 11.47
CA GLU C 58 24.75 -28.23 11.86
C GLU C 58 24.55 -29.19 10.68
N PRO C 59 24.47 -30.51 10.96
CA PRO C 59 24.20 -31.47 9.90
C PRO C 59 22.95 -31.09 9.09
N ASN C 60 22.97 -31.35 7.80
CA ASN C 60 21.88 -31.11 6.88
C ASN C 60 21.58 -29.60 6.67
N THR C 61 22.58 -28.75 6.89
CA THR C 61 22.49 -27.27 6.68
C THR C 61 23.80 -26.79 6.08
N PHE C 62 23.83 -25.57 5.51
CA PHE C 62 25.08 -24.95 5.12
C PHE C 62 24.93 -23.46 5.42
N SER C 63 26.05 -22.79 5.57
CA SER C 63 26.02 -21.39 5.91
C SER C 63 26.86 -20.62 4.92
N MET C 64 26.45 -19.37 4.69
N MET C 64 26.49 -19.37 4.71
CA MET C 64 27.19 -18.48 3.82
CA MET C 64 27.25 -18.50 3.82
C MET C 64 27.26 -17.11 4.46
C MET C 64 27.21 -17.08 4.36
N TRP C 65 28.24 -16.31 4.06
CA TRP C 65 28.35 -14.93 4.48
C TRP C 65 28.59 -14.08 3.24
N TRP C 66 28.03 -12.87 3.26
CA TRP C 66 28.15 -11.95 2.13
C TRP C 66 29.33 -11.03 2.39
N LEU C 67 30.30 -11.05 1.50
CA LEU C 67 31.55 -10.33 1.72
C LEU C 67 31.60 -8.97 1.02
N GLY C 68 30.47 -8.57 0.43
CA GLY C 68 30.40 -7.33 -0.37
C GLY C 68 30.44 -7.69 -1.86
N CYS C 69 29.76 -6.88 -2.67
CA CYS C 69 29.68 -7.12 -4.10
C CYS C 69 29.09 -8.53 -4.34
N THR C 70 29.82 -9.48 -4.94
CA THR C 70 29.26 -10.81 -5.08
C THR C 70 30.11 -11.81 -4.28
N GLY C 71 30.93 -11.29 -3.39
CA GLY C 71 31.76 -12.15 -2.53
C GLY C 71 30.91 -12.95 -1.57
N ILE C 72 31.20 -14.25 -1.50
CA ILE C 72 30.52 -15.18 -0.61
C ILE C 72 31.53 -16.11 0.06
N TRP C 73 31.38 -16.28 1.37
CA TRP C 73 32.12 -17.36 2.06
C TRP C 73 31.13 -18.45 2.27
N LEU C 74 31.44 -19.70 1.85
CA LEU C 74 30.49 -20.81 2.10
C LEU C 74 31.16 -21.82 3.03
N LYS C 75 30.43 -22.32 4.01
CA LYS C 75 31.00 -23.29 4.95
C LYS C 75 30.03 -24.43 5.09
N SER C 76 30.51 -25.67 4.83
CA SER C 76 29.65 -26.84 4.90
C SER C 76 29.64 -27.51 6.27
N ALA C 77 28.71 -28.43 6.47
CA ALA C 77 28.60 -29.19 7.71
C ALA C 77 29.84 -30.08 7.95
N GLY C 78 30.62 -30.32 6.89
CA GLY C 78 31.86 -31.11 6.97
C GLY C 78 33.08 -30.23 7.09
N ASN C 79 32.84 -28.97 7.44
N ASN C 79 32.85 -28.97 7.45
CA ASN C 79 33.90 -27.98 7.60
CA ASN C 79 33.93 -28.00 7.61
C ASN C 79 34.75 -27.75 6.35
C ASN C 79 34.73 -27.68 6.35
N THR C 80 34.09 -27.79 5.18
CA THR C 80 34.72 -27.40 3.91
C THR C 80 34.46 -25.87 3.76
N ASN C 81 35.46 -25.09 3.37
CA ASN C 81 35.32 -23.65 3.26
C ASN C 81 35.73 -23.15 1.90
N LEU C 82 34.87 -22.32 1.28
CA LEU C 82 35.13 -21.76 -0.06
C LEU C 82 34.90 -20.27 -0.01
N SER C 83 35.70 -19.55 -0.77
CA SER C 83 35.62 -18.10 -0.99
C SER C 83 35.19 -18.02 -2.44
N ILE C 84 34.11 -17.29 -2.76
CA ILE C 84 33.69 -17.14 -4.15
C ILE C 84 33.61 -15.65 -4.45
N ASP C 85 34.37 -15.18 -5.45
CA ASP C 85 34.32 -13.79 -5.89
C ASP C 85 34.66 -12.77 -4.81
N PHE C 86 35.44 -13.22 -3.82
CA PHE C 86 35.84 -12.35 -2.71
C PHE C 86 36.70 -11.23 -3.25
N TRP C 87 36.18 -10.00 -3.13
CA TRP C 87 36.83 -8.84 -3.70
C TRP C 87 37.18 -7.78 -2.66
N CYS C 88 38.47 -7.45 -2.59
CA CYS C 88 39.00 -6.49 -1.64
C CYS C 88 39.58 -5.24 -2.29
N GLY C 89 39.07 -4.93 -3.48
CA GLY C 89 39.43 -3.66 -4.10
C GLY C 89 38.43 -2.57 -3.76
N THR C 90 38.67 -1.37 -4.29
CA THR C 90 37.74 -0.25 -4.17
C THR C 90 37.49 0.38 -5.57
N GLY C 91 36.74 1.47 -5.63
CA GLY C 91 36.42 2.12 -6.90
C GLY C 91 37.33 3.30 -7.17
N LYS C 92 36.78 4.37 -7.74
CA LYS C 92 37.58 5.57 -8.00
C LYS C 92 38.11 6.13 -6.67
N LYS C 93 39.31 6.71 -6.72
CA LYS C 93 39.94 7.29 -5.52
C LYS C 93 40.24 8.78 -5.74
N THR C 94 39.91 9.29 -6.92
CA THR C 94 40.15 10.68 -7.25
C THR C 94 39.34 11.05 -8.49
N GLN C 95 39.12 12.35 -8.69
CA GLN C 95 38.43 12.89 -9.86
C GLN C 95 39.43 13.57 -10.84
N LYS C 96 40.70 13.60 -10.44
CA LYS C 96 41.77 14.25 -11.22
C LYS C 96 41.79 13.78 -12.69
N ASN C 97 41.76 12.46 -12.92
CA ASN C 97 41.67 11.90 -14.26
C ASN C 97 40.19 11.89 -14.68
N ARG C 98 39.81 12.81 -15.55
N ARG C 98 39.83 12.83 -15.54
CA ARG C 98 38.41 12.95 -15.95
CA ARG C 98 38.44 13.00 -15.97
C ARG C 98 37.99 12.07 -17.12
C ARG C 98 38.03 12.14 -17.16
N LEU C 99 38.93 11.28 -17.63
CA LEU C 99 38.69 10.48 -18.82
C LEU C 99 38.64 8.98 -18.59
N MET C 100 37.70 8.30 -19.25
CA MET C 100 37.61 6.85 -19.14
C MET C 100 38.64 6.22 -20.06
N ASN C 101 39.22 5.10 -19.61
CA ASN C 101 40.18 4.37 -20.43
C ASN C 101 39.60 3.98 -21.76
N THR C 102 40.38 4.19 -22.84
N THR C 102 40.39 4.17 -22.81
CA THR C 102 39.97 3.85 -24.19
CA THR C 102 40.00 3.84 -24.18
C THR C 102 39.62 2.37 -24.25
C THR C 102 39.61 2.37 -24.23
N GLN C 103 38.48 2.08 -24.86
CA GLN C 103 37.99 0.71 -25.00
C GLN C 103 37.66 -0.07 -23.72
N HIS C 104 37.43 0.67 -22.64
CA HIS C 104 36.88 0.06 -21.42
C HIS C 104 35.52 -0.48 -21.88
N GLN C 105 35.05 -1.57 -21.27
CA GLN C 105 33.73 -2.14 -21.67
C GLN C 105 32.60 -1.12 -21.69
N MET C 106 32.63 -0.13 -20.79
CA MET C 106 31.60 0.93 -20.78
C MET C 106 31.69 1.84 -22.00
N MET C 107 32.91 2.03 -22.54
CA MET C 107 33.08 2.85 -23.73
C MET C 107 32.59 2.07 -24.92
N ARG C 108 32.83 0.77 -24.90
CA ARG C 108 32.42 -0.06 -26.01
C ARG C 108 30.90 -0.15 -26.03
N MET C 109 30.25 -0.38 -24.87
CA MET C 109 28.79 -0.47 -24.85
C MET C 109 28.08 0.87 -24.97
N GLY C 110 28.67 1.95 -24.42
CA GLY C 110 27.99 3.24 -24.43
C GLY C 110 28.49 4.44 -25.23
N GLY C 111 29.62 4.30 -25.91
CA GLY C 111 30.18 5.45 -26.72
C GLY C 111 30.48 6.68 -25.90
N VAL C 112 30.87 6.46 -24.65
CA VAL C 112 31.19 7.53 -23.70
C VAL C 112 32.71 7.82 -23.67
N GLU C 113 33.04 8.99 -23.11
CA GLU C 113 34.44 9.41 -22.94
C GLU C 113 34.82 9.70 -21.47
N ALA C 114 33.86 10.20 -20.69
CA ALA C 114 34.11 10.63 -19.32
C ALA C 114 34.24 9.51 -18.30
N LEU C 115 35.01 9.78 -17.24
N LEU C 115 35.01 9.79 -17.24
CA LEU C 115 35.25 8.85 -16.16
CA LEU C 115 35.22 8.87 -16.13
C LEU C 115 33.92 8.39 -15.55
C LEU C 115 33.91 8.40 -15.52
N GLN C 116 33.87 7.13 -15.14
CA GLN C 116 32.67 6.59 -14.46
C GLN C 116 32.81 6.91 -12.97
N PRO C 117 31.75 7.45 -12.34
CA PRO C 117 31.85 7.78 -10.92
C PRO C 117 31.51 6.58 -10.06
N ASN C 118 32.20 5.47 -10.29
CA ASN C 118 31.92 4.27 -9.46
C ASN C 118 32.77 4.29 -8.17
N LEU C 119 32.11 4.63 -7.06
CA LEU C 119 32.75 4.73 -5.74
C LEU C 119 32.20 3.59 -4.91
N ARG C 120 33.09 2.89 -4.20
CA ARG C 120 32.70 1.74 -3.39
C ARG C 120 31.90 2.21 -2.17
N THR C 121 30.70 1.62 -2.01
CA THR C 121 29.79 2.04 -0.93
C THR C 121 29.52 1.05 0.21
N SER C 122 30.20 -0.10 0.17
CA SER C 122 30.08 -1.05 1.23
C SER C 122 31.43 -1.24 1.94
N ILE C 123 31.34 -1.54 3.24
CA ILE C 123 32.54 -1.75 4.04
C ILE C 123 33.21 -3.10 3.68
N PHE C 124 34.35 -3.39 4.29
CA PHE C 124 35.11 -4.61 4.07
C PHE C 124 34.92 -5.45 5.32
N PRO C 125 33.98 -6.42 5.30
CA PRO C 125 33.71 -7.12 6.55
C PRO C 125 34.71 -8.20 6.92
N LEU C 126 35.55 -8.63 5.98
CA LEU C 126 36.47 -9.76 6.22
C LEU C 126 37.92 -9.38 5.88
N ASP C 127 38.85 -9.68 6.78
CA ASP C 127 40.27 -9.40 6.52
C ASP C 127 40.83 -10.61 5.77
N PRO C 128 41.20 -10.43 4.48
CA PRO C 128 41.67 -11.58 3.72
C PRO C 128 42.98 -12.15 4.34
N PHE C 129 43.74 -11.27 4.98
CA PHE C 129 45.02 -11.63 5.60
C PHE C 129 44.91 -12.38 6.93
N ALA C 130 43.68 -12.58 7.41
CA ALA C 130 43.41 -13.33 8.61
C ALA C 130 42.81 -14.66 8.25
N ILE C 131 42.71 -14.99 6.96
CA ILE C 131 42.14 -16.28 6.56
C ILE C 131 43.13 -17.37 6.99
N LYS C 132 42.66 -18.39 7.70
N LYS C 132 42.65 -18.35 7.76
CA LYS C 132 43.54 -19.49 8.12
CA LYS C 132 43.48 -19.45 8.30
C LYS C 132 43.03 -20.83 7.62
C LYS C 132 42.84 -20.86 8.17
N GLU C 133 41.71 -20.92 7.47
CA GLU C 133 41.02 -22.17 7.13
C GLU C 133 40.23 -21.96 5.83
N ILE C 134 40.63 -22.65 4.75
CA ILE C 134 39.98 -22.48 3.43
C ILE C 134 40.38 -23.66 2.54
N ASP C 135 39.43 -24.13 1.72
CA ASP C 135 39.69 -25.21 0.79
C ASP C 135 39.91 -24.73 -0.63
N ALA C 136 39.19 -23.67 -1.07
CA ALA C 136 39.33 -23.15 -2.42
C ALA C 136 38.89 -21.69 -2.58
N VAL C 137 39.50 -21.04 -3.57
CA VAL C 137 39.23 -19.69 -3.98
C VAL C 137 38.62 -19.81 -5.38
N LEU C 138 37.35 -19.40 -5.51
CA LEU C 138 36.66 -19.48 -6.78
C LEU C 138 36.44 -18.10 -7.35
N ALA C 139 36.34 -18.05 -8.67
CA ALA C 139 36.04 -16.80 -9.35
C ALA C 139 35.08 -17.15 -10.51
N SER C 140 33.94 -16.45 -10.56
CA SER C 140 32.96 -16.65 -11.65
C SER C 140 33.48 -16.12 -12.99
N HIS C 141 34.20 -15.00 -12.94
CA HIS C 141 34.71 -14.38 -14.13
C HIS C 141 35.84 -13.41 -13.85
N ASP C 142 36.48 -12.95 -14.93
CA ASP C 142 37.67 -12.12 -14.80
C ASP C 142 37.47 -10.63 -14.62
N HIS C 143 36.22 -10.17 -14.49
CA HIS C 143 36.02 -8.74 -14.18
C HIS C 143 36.70 -8.40 -12.86
N ALA C 144 37.27 -7.20 -12.78
CA ALA C 144 38.05 -6.75 -11.64
C ALA C 144 37.41 -6.90 -10.26
N ASP C 145 36.09 -6.68 -10.19
CA ASP C 145 35.37 -6.74 -8.93
C ASP C 145 34.96 -8.15 -8.52
N HIS C 146 35.55 -9.15 -9.17
CA HIS C 146 35.21 -10.57 -8.91
C HIS C 146 36.43 -11.45 -8.68
N ILE C 147 37.58 -10.83 -8.67
CA ILE C 147 38.86 -11.53 -8.50
C ILE C 147 39.83 -10.54 -7.85
N ASP C 148 40.75 -11.03 -7.03
CA ASP C 148 41.54 -10.13 -6.24
C ASP C 148 42.96 -10.65 -5.97
N VAL C 149 43.95 -9.80 -6.28
CA VAL C 149 45.38 -10.15 -6.11
C VAL C 149 45.76 -10.21 -4.63
N ASN C 150 45.09 -9.41 -3.80
CA ASN C 150 45.36 -9.38 -2.37
C ASN C 150 44.87 -10.64 -1.68
N VAL C 151 43.69 -11.11 -2.08
CA VAL C 151 43.11 -12.34 -1.54
C VAL C 151 44.02 -13.53 -1.92
N ALA C 152 44.51 -13.49 -3.15
CA ALA C 152 45.44 -14.50 -3.66
C ALA C 152 46.71 -14.50 -2.80
N ALA C 153 47.34 -13.32 -2.68
CA ALA C 153 48.55 -13.14 -1.85
C ALA C 153 48.32 -13.71 -0.45
N ALA C 154 47.21 -13.30 0.19
CA ALA C 154 46.90 -13.72 1.53
C ALA C 154 46.79 -15.24 1.69
N VAL C 155 46.05 -15.88 0.80
CA VAL C 155 45.84 -17.33 0.84
C VAL C 155 47.16 -18.10 0.58
N LEU C 156 47.96 -17.59 -0.37
CA LEU C 156 49.25 -18.23 -0.69
C LEU C 156 50.20 -18.12 0.51
N GLN C 157 50.16 -16.96 1.16
CA GLN C 157 51.00 -16.67 2.32
C GLN C 157 50.63 -17.41 3.60
N ASN C 158 49.33 -17.61 3.85
CA ASN C 158 48.88 -18.21 5.12
C ASN C 158 48.41 -19.65 5.07
N CYS C 159 48.13 -20.15 3.87
CA CYS C 159 47.55 -21.49 3.78
C CYS C 159 48.43 -22.50 3.11
N GLY C 160 48.06 -23.77 3.31
CA GLY C 160 48.76 -24.93 2.75
C GLY C 160 48.70 -25.04 1.24
N GLU C 161 49.58 -25.88 0.70
N GLU C 161 49.56 -25.91 0.71
CA GLU C 161 49.67 -26.13 -0.74
CA GLU C 161 49.68 -26.18 -0.72
C GLU C 161 48.41 -26.75 -1.35
C GLU C 161 48.38 -26.70 -1.35
N HIS C 162 47.49 -27.22 -0.50
CA HIS C 162 46.24 -27.87 -0.94
C HIS C 162 45.12 -26.93 -1.43
N VAL C 163 45.24 -25.64 -1.13
CA VAL C 163 44.18 -24.70 -1.52
C VAL C 163 44.16 -24.47 -3.02
N LYS C 164 43.01 -24.74 -3.63
CA LYS C 164 42.88 -24.59 -5.08
C LYS C 164 42.34 -23.22 -5.50
N PHE C 165 42.79 -22.74 -6.66
CA PHE C 165 42.26 -21.53 -7.26
C PHE C 165 41.46 -22.04 -8.47
N ILE C 166 40.13 -21.93 -8.38
CA ILE C 166 39.21 -22.43 -9.41
C ILE C 166 38.55 -21.28 -10.17
N GLY C 167 38.56 -21.33 -11.50
CA GLY C 167 37.94 -20.27 -12.30
C GLY C 167 38.04 -20.56 -13.79
N PRO C 168 37.31 -19.79 -14.63
CA PRO C 168 37.46 -19.97 -16.08
C PRO C 168 38.91 -19.72 -16.51
N GLN C 169 39.28 -20.17 -17.71
CA GLN C 169 40.64 -20.00 -18.24
C GLN C 169 41.18 -18.59 -18.03
N ALA C 170 40.37 -17.56 -18.35
CA ALA C 170 40.83 -16.17 -18.20
C ALA C 170 41.13 -15.75 -16.74
N CYS C 171 40.48 -16.39 -15.77
CA CYS C 171 40.77 -16.10 -14.36
C CYS C 171 42.08 -16.79 -13.96
N VAL C 172 42.27 -18.02 -14.42
CA VAL C 172 43.52 -18.74 -14.17
C VAL C 172 44.68 -17.89 -14.78
N ASP C 173 44.51 -17.42 -16.02
CA ASP C 173 45.54 -16.57 -16.63
C ASP C 173 45.90 -15.34 -15.80
N LEU C 174 44.91 -14.76 -15.12
CA LEU C 174 45.19 -13.59 -14.28
C LEU C 174 45.94 -14.00 -13.01
N TRP C 175 45.51 -15.10 -12.38
CA TRP C 175 46.16 -15.59 -11.19
C TRP C 175 47.62 -15.95 -11.51
N LEU C 176 47.83 -16.77 -12.54
CA LEU C 176 49.18 -17.14 -13.03
C LEU C 176 50.07 -15.92 -13.20
N GLY C 177 49.55 -14.92 -13.92
CA GLY C 177 50.27 -13.68 -14.17
C GLY C 177 50.59 -12.89 -12.92
N TRP C 178 49.85 -13.16 -11.83
CA TRP C 178 50.10 -12.50 -10.56
C TRP C 178 51.14 -13.28 -9.71
N GLY C 179 51.41 -14.52 -10.12
CA GLY C 179 52.39 -15.34 -9.43
C GLY C 179 51.81 -16.53 -8.68
N VAL C 180 50.53 -16.81 -8.90
CA VAL C 180 49.92 -18.00 -8.32
C VAL C 180 50.50 -19.15 -9.15
N PRO C 181 51.05 -20.17 -8.48
CA PRO C 181 51.62 -21.31 -9.20
C PRO C 181 50.56 -22.13 -9.92
N GLN C 182 50.88 -22.51 -11.17
CA GLN C 182 49.98 -23.35 -11.98
C GLN C 182 49.44 -24.55 -11.21
N GLU C 183 50.25 -25.10 -10.31
CA GLU C 183 49.83 -26.29 -9.56
C GLU C 183 48.59 -26.05 -8.66
N ARG C 184 48.37 -24.79 -8.29
CA ARG C 184 47.25 -24.45 -7.41
C ARG C 184 45.92 -24.21 -8.15
N CYS C 185 46.03 -23.99 -9.46
CA CYS C 185 44.89 -23.66 -10.30
C CYS C 185 44.18 -24.82 -10.95
N ILE C 186 42.87 -24.62 -11.15
CA ILE C 186 42.02 -25.57 -11.84
C ILE C 186 41.19 -24.74 -12.81
N VAL C 187 41.33 -24.96 -14.11
CA VAL C 187 40.54 -24.24 -15.10
C VAL C 187 39.15 -24.85 -15.08
N ALA C 188 38.15 -24.00 -14.83
CA ALA C 188 36.77 -24.43 -14.79
C ALA C 188 36.17 -24.27 -16.19
N LYS C 189 35.58 -25.34 -16.69
CA LYS C 189 34.93 -25.33 -17.98
C LYS C 189 33.50 -25.81 -17.79
N VAL C 190 32.62 -25.29 -18.63
CA VAL C 190 31.22 -25.63 -18.53
C VAL C 190 31.02 -27.14 -18.62
N GLY C 191 30.27 -27.69 -17.69
CA GLY C 191 30.02 -29.13 -17.64
C GLY C 191 30.93 -29.84 -16.64
N ASP C 192 31.98 -29.18 -16.18
CA ASP C 192 32.86 -29.80 -15.16
C ASP C 192 32.15 -29.97 -13.83
N VAL C 193 32.50 -31.00 -13.09
CA VAL C 193 31.96 -31.22 -11.76
C VAL C 193 33.20 -31.44 -10.89
N LEU C 194 33.43 -30.53 -9.95
CA LEU C 194 34.60 -30.60 -9.10
C LEU C 194 34.20 -30.97 -7.69
N GLU C 195 35.03 -31.79 -7.03
CA GLU C 195 34.77 -32.20 -5.65
C GLU C 195 35.81 -31.49 -4.80
N ILE C 196 35.34 -30.78 -3.77
CA ILE C 196 36.23 -30.13 -2.82
C ILE C 196 35.66 -30.52 -1.48
N GLY C 197 36.44 -31.21 -0.65
CA GLY C 197 35.91 -31.65 0.63
C GLY C 197 34.58 -32.36 0.44
N ASP C 198 33.56 -31.96 1.22
CA ASP C 198 32.23 -32.56 1.11
C ASP C 198 31.26 -31.79 0.18
N VAL C 199 31.81 -30.95 -0.66
CA VAL C 199 30.95 -30.18 -1.57
C VAL C 199 31.25 -30.50 -3.02
N LYS C 200 30.22 -30.38 -3.85
N LYS C 200 30.21 -30.45 -3.84
CA LYS C 200 30.30 -30.63 -5.29
CA LYS C 200 30.32 -30.62 -5.28
C LYS C 200 30.06 -29.31 -6.02
C LYS C 200 30.16 -29.23 -5.90
N ILE C 201 31.00 -28.93 -6.88
CA ILE C 201 30.94 -27.66 -7.62
C ILE C 201 30.62 -27.94 -9.08
N ARG C 202 29.42 -27.57 -9.53
CA ARG C 202 29.08 -27.74 -10.94
C ARG C 202 29.37 -26.45 -11.67
N VAL C 203 30.16 -26.54 -12.73
CA VAL C 203 30.51 -25.36 -13.48
C VAL C 203 29.45 -25.27 -14.57
N LEU C 204 28.78 -24.10 -14.65
CA LEU C 204 27.67 -23.91 -15.59
C LEU C 204 27.82 -22.67 -16.47
N ASP C 205 26.99 -22.52 -17.51
CA ASP C 205 27.11 -21.39 -18.42
C ASP C 205 26.90 -20.06 -17.70
N SER C 206 27.60 -19.03 -18.13
CA SER C 206 27.38 -17.67 -17.64
C SER C 206 26.61 -16.86 -18.72
N PHE C 207 25.92 -15.81 -18.28
CA PHE C 207 25.17 -14.95 -19.22
C PHE C 207 25.63 -13.51 -19.03
N ASP C 208 26.89 -13.34 -18.67
CA ASP C 208 27.46 -12.03 -18.44
C ASP C 208 27.79 -11.42 -19.81
N ARG C 209 26.80 -10.75 -20.40
CA ARG C 209 26.97 -10.11 -21.72
C ARG C 209 28.08 -9.06 -21.73
N THR C 210 28.27 -8.38 -20.60
CA THR C 210 29.34 -7.36 -20.47
C THR C 210 30.74 -8.00 -20.69
N ALA C 211 30.93 -9.18 -20.12
CA ALA C 211 32.18 -9.96 -20.23
C ALA C 211 32.59 -10.24 -21.69
N LEU C 212 31.61 -10.55 -22.55
CA LEU C 212 31.83 -10.80 -23.98
C LEU C 212 32.55 -9.64 -24.70
N VAL C 213 32.29 -8.42 -24.25
CA VAL C 213 32.88 -7.24 -24.89
C VAL C 213 33.97 -6.56 -24.05
N THR C 214 34.43 -7.25 -22.99
CA THR C 214 35.49 -6.76 -22.12
C THR C 214 36.82 -7.25 -22.74
N LEU C 215 37.31 -6.47 -23.69
CA LEU C 215 38.48 -6.86 -24.47
C LEU C 215 39.59 -5.84 -24.37
N PRO C 216 40.86 -6.30 -24.49
CA PRO C 216 42.00 -5.36 -24.44
C PRO C 216 41.94 -4.27 -25.51
N LYS C 217 42.58 -3.13 -25.26
CA LYS C 217 42.65 -2.07 -26.28
C LYS C 217 43.24 -2.62 -27.56
N GLY C 218 42.73 -2.15 -28.70
CA GLY C 218 43.26 -2.62 -29.99
C GLY C 218 42.63 -3.91 -30.48
N VAL C 219 41.77 -4.51 -29.64
CA VAL C 219 41.04 -5.72 -30.01
C VAL C 219 39.61 -5.25 -30.27
N SER C 220 39.13 -5.54 -31.47
CA SER C 220 37.81 -5.10 -31.90
C SER C 220 36.61 -5.87 -31.29
N SER C 221 35.61 -5.10 -30.82
CA SER C 221 34.36 -5.70 -30.35
C SER C 221 33.27 -5.61 -31.45
N TYR C 222 33.65 -5.17 -32.66
CA TYR C 222 32.71 -5.19 -33.79
C TYR C 222 32.64 -6.61 -34.33
N ASP C 223 33.74 -7.33 -34.14
CA ASP C 223 33.95 -8.69 -34.64
C ASP C 223 32.96 -9.67 -34.01
N LYS C 224 32.11 -10.30 -34.84
CA LYS C 224 31.13 -11.25 -34.31
C LYS C 224 31.75 -12.50 -33.68
N ALA C 225 33.00 -12.83 -34.01
CA ALA C 225 33.61 -14.02 -33.43
C ALA C 225 33.79 -13.92 -31.93
N ILE C 226 33.79 -12.71 -31.37
CA ILE C 226 33.94 -12.55 -29.90
C ILE C 226 32.73 -13.13 -29.17
N LEU C 227 31.64 -13.36 -29.92
CA LEU C 227 30.40 -13.84 -29.31
C LEU C 227 30.48 -15.26 -28.85
N ASP C 228 31.50 -15.99 -29.31
CA ASP C 228 31.65 -17.37 -28.85
C ASP C 228 32.50 -17.43 -27.61
N GLY C 229 32.93 -16.28 -27.12
CA GLY C 229 33.89 -16.26 -26.01
C GLY C 229 33.52 -16.37 -24.54
N MET C 230 32.25 -16.65 -24.24
CA MET C 230 31.82 -16.66 -22.83
C MET C 230 32.56 -17.66 -21.93
N ASP C 231 32.56 -18.91 -22.35
CA ASP C 231 33.11 -20.01 -21.57
C ASP C 231 34.56 -19.90 -21.14
N GLU C 232 35.35 -19.19 -21.93
N GLU C 232 35.34 -19.18 -21.95
CA GLU C 232 36.77 -19.03 -21.64
CA GLU C 232 36.76 -18.96 -21.71
C GLU C 232 37.01 -18.06 -20.49
C GLU C 232 36.98 -18.09 -20.48
N ARG C 233 36.05 -17.17 -20.25
CA ARG C 233 36.21 -16.17 -19.21
C ARG C 233 35.12 -15.95 -18.17
N ALA C 234 34.01 -16.67 -18.28
CA ALA C 234 32.93 -16.51 -17.33
C ALA C 234 32.12 -17.79 -17.22
N VAL C 235 31.81 -18.17 -15.98
CA VAL C 235 30.96 -19.31 -15.65
C VAL C 235 30.07 -18.96 -14.45
N ASN C 236 29.03 -19.75 -14.25
CA ASN C 236 28.18 -19.66 -13.07
C ASN C 236 28.48 -20.95 -12.33
N TYR C 237 28.24 -20.98 -11.02
CA TYR C 237 28.48 -22.19 -10.22
C TYR C 237 27.24 -22.67 -9.49
N LEU C 238 26.99 -23.98 -9.51
CA LEU C 238 25.98 -24.55 -8.67
C LEU C 238 26.77 -25.37 -7.65
N ILE C 239 26.75 -24.95 -6.39
CA ILE C 239 27.50 -25.61 -5.28
C ILE C 239 26.55 -26.45 -4.48
N GLU C 240 26.78 -27.77 -4.49
CA GLU C 240 25.89 -28.68 -3.79
C GLU C 240 26.51 -29.10 -2.46
N THR C 241 25.74 -28.96 -1.39
CA THR C 241 26.22 -29.34 -0.04
C THR C 241 25.23 -30.29 0.52
N SER C 242 25.53 -30.82 1.71
CA SER C 242 24.63 -31.73 2.41
C SER C 242 23.43 -31.00 2.95
N GLY C 243 23.44 -29.67 2.92
CA GLY C 243 22.29 -28.89 3.38
C GLY C 243 21.47 -28.24 2.26
N GLY C 244 21.93 -28.43 1.03
CA GLY C 244 21.25 -27.89 -0.14
C GLY C 244 22.23 -27.23 -1.07
N SER C 245 21.70 -26.62 -2.12
CA SER C 245 22.54 -26.04 -3.15
C SER C 245 22.36 -24.54 -3.30
N VAL C 246 23.43 -23.91 -3.78
CA VAL C 246 23.47 -22.49 -4.03
C VAL C 246 23.99 -22.24 -5.45
N TYR C 247 23.31 -21.34 -6.18
CA TYR C 247 23.69 -21.03 -7.54
C TYR C 247 24.26 -19.61 -7.49
N HIS C 248 25.52 -19.46 -7.86
CA HIS C 248 26.18 -18.16 -7.85
C HIS C 248 26.25 -17.77 -9.31
N SER C 249 25.51 -16.74 -9.69
CA SER C 249 25.45 -16.33 -11.10
C SER C 249 26.51 -15.32 -11.53
N GLY C 250 27.50 -15.05 -10.68
CA GLY C 250 28.49 -13.97 -10.95
C GLY C 250 27.64 -12.72 -11.20
N ASP C 251 27.96 -11.94 -12.24
CA ASP C 251 26.94 -10.93 -12.58
C ASP C 251 26.36 -11.15 -13.98
N SER C 252 25.90 -12.39 -14.19
CA SER C 252 25.19 -12.70 -15.38
C SER C 252 23.99 -11.75 -15.52
N HIS C 253 23.72 -11.38 -16.76
CA HIS C 253 22.50 -10.65 -17.12
C HIS C 253 21.33 -11.64 -17.19
N TYR C 254 20.16 -11.20 -17.68
CA TYR C 254 19.06 -12.16 -17.77
C TYR C 254 19.17 -13.06 -19.02
N SER C 255 19.00 -14.37 -18.86
CA SER C 255 18.92 -15.29 -20.00
C SER C 255 17.84 -16.34 -19.80
N ASN C 256 17.11 -16.61 -20.89
CA ASN C 256 16.12 -17.68 -20.89
C ASN C 256 16.81 -18.99 -20.47
N TYR C 257 18.12 -19.06 -20.68
CA TYR C 257 18.85 -20.31 -20.42
C TYR C 257 18.93 -20.71 -18.92
N TYR C 258 18.64 -19.76 -18.04
CA TYR C 258 18.47 -20.10 -16.62
C TYR C 258 17.46 -21.23 -16.49
N ALA C 259 16.46 -21.25 -17.38
CA ALA C 259 15.40 -22.28 -17.29
C ALA C 259 15.98 -23.67 -17.62
N LYS C 260 17.02 -23.70 -18.45
CA LYS C 260 17.69 -24.99 -18.77
C LYS C 260 18.39 -25.43 -17.48
N HIS C 261 19.12 -24.51 -16.83
CA HIS C 261 19.77 -24.86 -15.56
C HIS C 261 18.74 -25.29 -14.53
N GLY C 262 17.59 -24.61 -14.50
CA GLY C 262 16.54 -24.91 -13.55
C GLY C 262 15.84 -26.25 -13.82
N ASN C 263 15.74 -26.61 -15.09
CA ASN C 263 15.15 -27.93 -15.47
C ASN C 263 16.11 -29.07 -15.09
N ASP C 264 17.41 -28.82 -15.25
CA ASP C 264 18.42 -29.89 -15.01
C ASP C 264 18.84 -30.20 -13.57
N TYR C 265 18.68 -29.24 -12.66
CA TYR C 265 19.19 -29.38 -11.28
C TYR C 265 18.25 -28.79 -10.24
N GLN C 266 18.30 -29.34 -9.02
N GLN C 266 18.23 -29.32 -9.01
CA GLN C 266 17.59 -28.76 -7.89
CA GLN C 266 17.39 -28.75 -7.92
C GLN C 266 18.45 -27.60 -7.42
C GLN C 266 18.21 -27.66 -7.22
N ILE C 267 17.87 -26.40 -7.50
CA ILE C 267 18.58 -25.19 -7.04
C ILE C 267 17.82 -24.59 -5.86
N ASP C 268 18.42 -24.66 -4.66
CA ASP C 268 17.71 -24.19 -3.49
C ASP C 268 17.78 -22.66 -3.36
N VAL C 269 18.99 -22.13 -3.38
CA VAL C 269 19.22 -20.69 -3.17
C VAL C 269 19.86 -20.14 -4.43
N ALA C 270 19.30 -19.06 -4.99
CA ALA C 270 19.85 -18.45 -6.20
C ALA C 270 20.40 -17.04 -5.85
N LEU C 271 21.66 -16.77 -6.16
CA LEU C 271 22.29 -15.48 -5.88
C LEU C 271 22.41 -14.77 -7.22
N LEU C 272 21.74 -13.62 -7.34
CA LEU C 272 21.63 -12.88 -8.61
C LEU C 272 22.03 -11.43 -8.43
N SER C 273 22.84 -10.91 -9.35
CA SER C 273 23.34 -9.55 -9.23
C SER C 273 22.25 -8.54 -9.59
N TYR C 274 22.15 -7.49 -8.78
CA TYR C 274 21.10 -6.51 -8.98
C TYR C 274 21.69 -5.13 -8.87
N GLY C 275 21.05 -4.15 -9.50
CA GLY C 275 21.52 -2.77 -9.31
C GLY C 275 20.70 -1.84 -10.20
N GLU C 276 20.87 -0.52 -10.01
CA GLU C 276 20.07 0.44 -10.79
C GLU C 276 20.90 0.85 -11.98
N ASN C 277 20.50 0.45 -13.18
CA ASN C 277 21.29 0.81 -14.36
C ASN C 277 21.13 2.29 -14.66
N PRO C 278 22.26 2.99 -14.92
CA PRO C 278 22.23 4.37 -15.42
C PRO C 278 21.51 4.40 -16.79
N ARG C 279 21.00 5.57 -17.14
CA ARG C 279 20.31 5.73 -18.42
C ARG C 279 21.26 5.34 -19.56
N GLY C 280 20.81 4.42 -20.43
CA GLY C 280 21.61 3.92 -21.57
C GLY C 280 22.67 2.83 -21.27
N VAL C 281 22.66 2.29 -20.05
CA VAL C 281 23.63 1.28 -19.63
C VAL C 281 22.82 0.06 -19.22
N THR C 282 23.36 -1.14 -19.48
CA THR C 282 22.74 -2.37 -19.01
C THR C 282 23.92 -3.16 -18.46
N ASP C 283 24.00 -3.22 -17.13
CA ASP C 283 25.11 -3.93 -16.48
C ASP C 283 24.62 -4.83 -15.36
N LYS C 284 23.36 -4.69 -14.97
CA LYS C 284 22.76 -5.53 -13.90
C LYS C 284 21.32 -5.85 -14.27
N MET C 285 20.83 -6.99 -13.81
N MET C 285 20.82 -7.04 -13.92
CA MET C 285 19.44 -7.37 -14.00
CA MET C 285 19.43 -7.33 -14.25
C MET C 285 18.47 -6.45 -13.26
C MET C 285 18.49 -6.51 -13.34
N THR C 286 17.32 -6.20 -13.87
CA THR C 286 16.29 -5.38 -13.20
C THR C 286 15.56 -6.17 -12.15
N SER C 287 14.67 -5.50 -11.43
N SER C 287 14.82 -5.47 -11.29
CA SER C 287 13.82 -6.16 -10.40
CA SER C 287 14.07 -6.12 -10.20
C SER C 287 12.87 -7.19 -11.02
C SER C 287 13.19 -7.20 -10.77
N SER C 288 12.29 -6.86 -12.20
N SER C 288 12.51 -6.86 -11.88
CA SER C 288 11.43 -7.85 -12.90
CA SER C 288 11.62 -7.80 -12.56
C SER C 288 12.26 -9.10 -13.26
C SER C 288 12.36 -9.08 -13.02
N ASP C 289 13.53 -8.90 -13.63
CA ASP C 289 14.34 -10.04 -14.09
C ASP C 289 14.86 -10.88 -12.96
N VAL C 290 15.13 -10.27 -11.80
CA VAL C 290 15.50 -11.09 -10.61
C VAL C 290 14.38 -12.13 -10.38
N LEU C 291 13.13 -11.69 -10.49
CA LEU C 291 11.97 -12.58 -10.32
C LEU C 291 11.87 -13.57 -11.46
N ARG C 292 12.00 -13.10 -12.70
CA ARG C 292 11.95 -14.07 -13.82
C ARG C 292 13.06 -15.11 -13.69
N ALA C 293 14.24 -14.66 -13.25
CA ALA C 293 15.38 -15.60 -13.12
C ALA C 293 15.12 -16.63 -12.02
N ALA C 294 14.51 -16.19 -10.90
CA ALA C 294 14.17 -17.09 -9.81
C ALA C 294 13.17 -18.12 -10.28
N GLU C 295 12.21 -17.71 -11.09
CA GLU C 295 11.23 -18.61 -11.66
C GLU C 295 11.92 -19.58 -12.61
N SER C 296 12.81 -19.06 -13.43
CA SER C 296 13.58 -19.90 -14.41
C SER C 296 14.51 -20.93 -13.71
N LEU C 297 15.24 -20.48 -12.71
CA LEU C 297 16.11 -21.40 -11.94
C LEU C 297 15.27 -22.35 -11.09
N ASP C 298 13.99 -22.01 -10.92
CA ASP C 298 13.04 -22.78 -10.14
C ASP C 298 13.59 -22.99 -8.72
N CYS C 299 14.13 -21.92 -8.14
CA CYS C 299 14.70 -21.97 -6.80
C CYS C 299 13.65 -21.91 -5.66
N GLN C 300 14.14 -22.07 -4.43
N GLN C 300 14.11 -22.04 -4.42
CA GLN C 300 13.34 -21.93 -3.23
CA GLN C 300 13.21 -21.86 -3.29
C GLN C 300 13.46 -20.51 -2.69
C GLN C 300 13.44 -20.46 -2.69
N VAL C 301 14.70 -19.98 -2.70
CA VAL C 301 15.01 -18.61 -2.16
C VAL C 301 15.84 -17.84 -3.21
N VAL C 302 15.46 -16.57 -3.51
CA VAL C 302 16.28 -15.76 -4.39
C VAL C 302 16.89 -14.64 -3.56
N VAL C 303 18.18 -14.41 -3.78
CA VAL C 303 18.92 -13.49 -2.94
C VAL C 303 19.63 -12.50 -3.86
N PRO C 304 19.10 -11.24 -3.96
CA PRO C 304 19.89 -10.32 -4.76
C PRO C 304 21.25 -10.01 -4.07
N PHE C 305 22.30 -9.79 -4.84
CA PHE C 305 23.58 -9.31 -4.27
C PHE C 305 24.18 -8.37 -5.31
N HIS C 306 25.40 -7.86 -5.08
CA HIS C 306 26.06 -6.88 -5.97
C HIS C 306 25.43 -5.47 -5.85
N HIS C 307 24.27 -5.37 -5.22
CA HIS C 307 23.53 -4.11 -5.12
C HIS C 307 23.99 -3.21 -4.01
N ASP C 308 25.07 -3.59 -3.34
CA ASP C 308 25.62 -2.85 -2.22
C ASP C 308 26.79 -1.96 -2.61
N ILE C 309 27.40 -2.27 -3.74
CA ILE C 309 28.80 -1.89 -3.99
C ILE C 309 29.12 -0.58 -4.66
N TRP C 310 28.33 -0.18 -5.68
CA TRP C 310 28.66 1.06 -6.38
C TRP C 310 27.67 2.16 -6.19
N ALA C 311 28.19 3.36 -5.91
CA ALA C 311 27.34 4.51 -5.66
C ALA C 311 26.47 4.84 -6.85
N ASN C 312 27.03 4.69 -8.05
CA ASN C 312 26.28 5.05 -9.27
C ASN C 312 25.19 4.04 -9.68
N PHE C 313 25.15 2.91 -8.97
CA PHE C 313 24.11 1.86 -9.18
C PHE C 313 23.17 1.80 -7.99
N GLN C 314 23.19 2.82 -7.14
CA GLN C 314 22.31 2.88 -5.96
C GLN C 314 20.89 2.51 -6.37
N ASN C 315 20.27 1.59 -5.60
CA ASN C 315 19.04 0.93 -6.02
C ASN C 315 18.03 0.77 -4.86
N ASP C 316 16.92 0.12 -5.16
CA ASP C 316 15.90 -0.07 -4.17
C ASP C 316 15.49 -1.54 -4.27
N PRO C 317 16.05 -2.40 -3.41
CA PRO C 317 15.65 -3.83 -3.47
C PRO C 317 14.17 -4.07 -3.13
N ARG C 318 13.48 -3.11 -2.51
N ARG C 318 13.48 -3.10 -2.51
CA ARG C 318 12.05 -3.25 -2.20
CA ARG C 318 12.04 -3.24 -2.23
C ARG C 318 11.23 -3.42 -3.49
C ARG C 318 11.24 -3.46 -3.51
N GLU C 319 11.76 -3.03 -4.66
CA GLU C 319 11.06 -3.24 -5.95
C GLU C 319 10.82 -4.75 -6.09
N ILE C 320 11.83 -5.51 -5.74
CA ILE C 320 11.75 -6.99 -5.87
C ILE C 320 10.62 -7.53 -4.97
N GLU C 321 10.62 -7.09 -3.71
CA GLU C 321 9.61 -7.54 -2.74
C GLU C 321 8.20 -7.12 -3.17
N VAL C 322 8.03 -5.87 -3.61
CA VAL C 322 6.72 -5.41 -4.05
C VAL C 322 6.18 -6.19 -5.26
N LEU C 323 7.02 -6.33 -6.29
CA LEU C 323 6.63 -7.05 -7.53
C LEU C 323 6.29 -8.50 -7.14
N TRP C 324 7.11 -9.11 -6.28
CA TRP C 324 6.88 -10.50 -5.86
C TRP C 324 5.49 -10.62 -5.17
N ASN C 325 5.16 -9.69 -4.27
CA ASN C 325 3.85 -9.74 -3.64
C ASN C 325 2.70 -9.61 -4.63
N MET C 326 2.88 -8.79 -5.66
CA MET C 326 1.84 -8.56 -6.65
C MET C 326 1.59 -9.70 -7.61
N LYS C 327 2.63 -10.49 -7.84
CA LYS C 327 2.65 -11.51 -8.89
C LYS C 327 2.64 -12.96 -8.37
N LYS C 328 2.97 -13.17 -7.10
CA LYS C 328 3.26 -14.59 -6.65
C LYS C 328 2.02 -15.51 -6.73
N ASP C 329 0.83 -14.98 -6.50
CA ASP C 329 -0.36 -15.82 -6.63
C ASP C 329 -0.68 -16.12 -8.09
N ARG C 330 -0.82 -15.05 -8.87
CA ARG C 330 -1.17 -15.19 -10.30
C ARG C 330 -0.19 -16.13 -11.04
N LEU C 331 1.12 -16.00 -10.76
CA LEU C 331 2.13 -16.81 -11.45
C LEU C 331 2.55 -18.08 -10.68
N GLN C 332 1.93 -18.27 -9.52
N GLN C 332 1.95 -18.27 -9.51
CA GLN C 332 2.21 -19.42 -8.64
CA GLN C 332 2.21 -19.43 -8.64
C GLN C 332 3.73 -19.59 -8.46
C GLN C 332 3.69 -19.63 -8.28
N TYR C 333 4.36 -18.50 -8.05
CA TYR C 333 5.78 -18.48 -7.75
C TYR C 333 6.03 -19.39 -6.54
N GLN C 334 7.02 -20.25 -6.61
CA GLN C 334 7.25 -21.17 -5.50
C GLN C 334 8.43 -20.73 -4.62
N PHE C 335 9.05 -19.61 -4.95
CA PHE C 335 10.23 -19.13 -4.26
C PHE C 335 9.85 -17.85 -3.49
N ALA C 336 10.73 -17.45 -2.58
CA ALA C 336 10.52 -16.19 -1.83
C ALA C 336 11.84 -15.47 -1.86
N PRO C 337 11.83 -14.11 -1.92
CA PRO C 337 13.08 -13.37 -1.85
C PRO C 337 13.64 -13.20 -0.42
N PHE C 338 14.95 -12.96 -0.32
CA PHE C 338 15.62 -12.72 0.97
C PHE C 338 16.57 -11.56 0.78
N PHE C 339 16.46 -10.56 1.64
CA PHE C 339 17.20 -9.31 1.56
C PHE C 339 18.26 -9.28 2.65
N TRP C 340 19.50 -9.34 2.18
CA TRP C 340 20.65 -9.57 3.09
C TRP C 340 21.33 -8.27 3.44
N GLN C 341 22.44 -8.35 4.21
CA GLN C 341 23.25 -7.17 4.52
C GLN C 341 24.71 -7.61 4.43
N VAL C 342 25.57 -6.71 3.96
CA VAL C 342 26.99 -7.01 3.76
C VAL C 342 27.62 -7.39 5.09
N GLY C 343 28.27 -8.53 5.10
CA GLY C 343 28.88 -9.09 6.29
C GLY C 343 27.97 -10.06 7.01
N GLY C 344 26.72 -10.16 6.54
CA GLY C 344 25.71 -10.97 7.16
C GLY C 344 25.82 -12.45 6.84
N LYS C 345 25.17 -13.27 7.66
CA LYS C 345 25.15 -14.72 7.54
C LYS C 345 23.80 -15.21 7.03
N TYR C 346 23.82 -16.36 6.36
CA TYR C 346 22.60 -17.01 5.93
C TYR C 346 22.88 -18.50 6.08
N THR C 347 21.96 -19.20 6.74
CA THR C 347 22.06 -20.67 6.90
C THR C 347 20.82 -21.31 6.28
N TYR C 348 21.03 -22.24 5.37
CA TYR C 348 19.94 -22.92 4.69
C TYR C 348 19.95 -24.42 5.10
N PRO C 349 18.77 -25.02 5.31
CA PRO C 349 17.41 -24.45 5.20
C PRO C 349 16.90 -23.73 6.45
N THR C 350 17.76 -23.51 7.46
CA THR C 350 17.32 -22.98 8.76
C THR C 350 16.61 -21.59 8.64
N ASP C 351 17.16 -20.79 7.75
CA ASP C 351 16.66 -19.42 7.57
C ASP C 351 15.58 -19.24 6.51
N LYS C 352 15.15 -20.34 5.90
N LYS C 352 15.04 -20.34 5.99
CA LYS C 352 14.12 -20.29 4.88
CA LYS C 352 13.98 -20.30 4.98
C LYS C 352 12.88 -19.73 5.58
C LYS C 352 12.77 -19.40 5.31
N GLY C 353 12.21 -18.77 4.97
N GLY C 353 12.40 -19.30 6.58
CA GLY C 353 11.08 -18.17 5.60
CA GLY C 353 11.21 -18.52 7.00
C GLY C 353 11.46 -16.79 6.12
C GLY C 353 11.36 -17.01 7.10
N ARG C 354 12.76 -16.53 6.35
N ARG C 354 12.58 -16.54 6.91
CA ARG C 354 13.20 -15.21 6.81
CA ARG C 354 12.90 -15.12 6.99
C ARG C 354 13.30 -14.35 5.56
C ARG C 354 13.01 -14.44 5.61
N MET C 355 12.72 -13.14 5.60
CA MET C 355 12.76 -12.30 4.41
C MET C 355 13.76 -11.14 4.54
N HIS C 356 13.83 -10.55 5.73
CA HIS C 356 14.72 -9.40 5.94
C HIS C 356 15.78 -9.67 6.99
N TYR C 357 17.02 -9.75 6.54
CA TYR C 357 18.17 -9.97 7.43
C TYR C 357 18.35 -8.79 8.36
N GLN C 358 18.67 -9.06 9.64
CA GLN C 358 19.03 -8.00 10.58
C GLN C 358 20.31 -8.46 11.29
N HIS C 359 21.32 -7.62 11.31
CA HIS C 359 22.55 -7.93 12.05
C HIS C 359 22.21 -8.19 13.52
N PHE C 360 23.02 -9.00 14.20
CA PHE C 360 22.84 -9.20 15.63
C PHE C 360 22.71 -7.83 16.35
N ARG C 361 21.69 -7.71 17.18
CA ARG C 361 21.39 -6.45 17.86
C ARG C 361 22.17 -6.23 19.14
N GLY C 362 22.72 -7.33 19.64
CA GLY C 362 23.45 -7.24 20.89
C GLY C 362 22.57 -7.19 22.11
N PHE C 363 23.22 -6.98 23.25
CA PHE C 363 22.53 -6.84 24.51
C PHE C 363 21.62 -8.02 24.86
N GLN C 364 22.06 -9.23 24.56
N GLN C 364 22.08 -9.23 24.58
CA GLN C 364 21.22 -10.37 24.93
CA GLN C 364 21.32 -10.43 24.93
C GLN C 364 21.19 -10.59 26.45
C GLN C 364 21.13 -10.47 26.45
N ASP C 365 22.10 -9.94 27.18
CA ASP C 365 22.11 -10.02 28.66
C ASP C 365 21.53 -8.76 29.29
N ILE C 366 20.61 -8.11 28.58
CA ILE C 366 20.05 -6.88 29.10
C ILE C 366 19.46 -7.07 30.50
N PHE C 367 19.78 -6.15 31.40
CA PHE C 367 19.32 -6.20 32.79
C PHE C 367 19.75 -7.45 33.55
N LYS C 368 20.89 -8.01 33.15
CA LYS C 368 21.51 -9.13 33.91
C LYS C 368 21.67 -8.59 35.34
N ASN C 369 22.14 -7.35 35.42
CA ASN C 369 22.24 -6.63 36.69
C ASN C 369 21.37 -5.38 36.61
N GLU C 370 21.18 -4.70 37.73
CA GLU C 370 20.39 -3.49 37.73
C GLU C 370 21.14 -2.34 37.08
N PRO C 371 20.42 -1.39 36.47
CA PRO C 371 21.12 -0.27 35.91
C PRO C 371 21.66 0.67 37.00
N GLU C 372 22.60 1.54 36.63
CA GLU C 372 23.18 2.49 37.52
C GLU C 372 22.74 3.85 36.99
N LEU C 373 21.56 4.24 37.42
CA LEU C 373 20.95 5.50 37.02
C LEU C 373 20.44 6.30 38.22
N PRO C 374 20.26 7.63 38.04
CA PRO C 374 19.82 8.48 39.15
C PRO C 374 18.44 8.18 39.66
N TYR C 375 17.61 7.59 38.81
CA TYR C 375 16.27 7.12 39.17
C TYR C 375 15.87 6.08 38.10
N LYS C 376 15.00 5.15 38.47
CA LYS C 376 14.74 4.04 37.56
C LYS C 376 14.16 4.46 36.21
N ALA C 377 13.29 5.47 36.20
CA ALA C 377 12.64 5.89 34.93
C ALA C 377 13.46 6.93 34.11
N PHE C 378 14.74 7.10 34.44
CA PHE C 378 15.60 8.05 33.74
C PHE C 378 15.55 7.73 32.23
N LEU C 379 15.58 6.42 31.94
CA LEU C 379 15.41 5.92 30.58
C LEU C 379 14.53 4.70 30.62
N SER D 26 -38.49 -21.71 -36.51
CA SER D 26 -38.15 -21.10 -37.83
C SER D 26 -36.95 -20.14 -37.78
N LYS D 27 -36.93 -19.17 -36.85
CA LYS D 27 -35.73 -18.32 -36.72
C LYS D 27 -34.54 -19.23 -36.47
N VAL D 28 -34.70 -20.20 -35.57
CA VAL D 28 -33.68 -21.21 -35.33
C VAL D 28 -33.41 -22.03 -36.61
N ASN D 29 -34.42 -22.18 -37.48
CA ASN D 29 -34.27 -22.93 -38.73
C ASN D 29 -33.54 -22.15 -39.83
N GLU D 30 -33.58 -20.82 -39.75
CA GLU D 30 -32.93 -19.97 -40.75
C GLU D 30 -31.46 -19.73 -40.41
N ILE D 31 -31.07 -20.07 -39.18
CA ILE D 31 -29.72 -19.74 -38.71
C ILE D 31 -28.60 -20.75 -39.01
N THR D 32 -27.46 -20.23 -39.47
CA THR D 32 -26.29 -21.06 -39.68
C THR D 32 -25.10 -20.47 -38.93
N ARG D 33 -24.10 -21.29 -38.67
CA ARG D 33 -22.87 -20.79 -38.04
C ARG D 33 -22.39 -19.57 -38.82
N GLU D 34 -22.41 -19.68 -40.15
N GLU D 34 -22.43 -19.68 -40.14
CA GLU D 34 -21.99 -18.61 -41.03
CA GLU D 34 -22.00 -18.65 -41.03
C GLU D 34 -22.85 -17.36 -40.90
C GLU D 34 -22.85 -17.37 -40.96
N SER D 35 -24.16 -17.52 -40.75
CA SER D 35 -25.04 -16.31 -40.70
C SER D 35 -24.83 -15.63 -39.34
N TRP D 36 -24.63 -16.46 -38.32
CA TRP D 36 -24.35 -15.96 -36.96
C TRP D 36 -23.07 -15.14 -37.02
N ILE D 37 -22.01 -15.74 -37.57
CA ILE D 37 -20.75 -15.04 -37.65
C ILE D 37 -20.87 -13.76 -38.44
N LEU D 38 -21.52 -13.81 -39.62
CA LEU D 38 -21.60 -12.63 -40.42
C LEU D 38 -22.43 -11.50 -39.81
N SER D 39 -23.37 -11.85 -38.95
CA SER D 39 -24.21 -10.84 -38.30
C SER D 39 -23.59 -10.28 -37.01
N THR D 40 -22.52 -10.91 -36.54
CA THR D 40 -21.99 -10.60 -35.20
C THR D 40 -20.62 -9.92 -35.19
N PHE D 41 -19.76 -10.29 -36.13
CA PHE D 41 -18.37 -9.80 -36.16
C PHE D 41 -18.04 -8.87 -37.32
N PRO D 42 -17.05 -7.96 -37.14
CA PRO D 42 -16.21 -7.67 -35.96
C PRO D 42 -17.09 -7.03 -34.85
N GLU D 43 -16.65 -7.12 -33.58
CA GLU D 43 -17.48 -6.76 -32.43
C GLU D 43 -18.13 -5.40 -32.36
N TRP D 44 -17.41 -4.41 -32.81
CA TRP D 44 -17.87 -3.01 -32.76
C TRP D 44 -18.42 -2.53 -34.09
N GLY D 45 -18.55 -3.45 -35.04
CA GLY D 45 -18.97 -3.07 -36.40
C GLY D 45 -18.13 -1.91 -36.91
N THR D 46 -18.81 -0.84 -37.36
CA THR D 46 -18.15 0.34 -37.86
C THR D 46 -18.23 1.52 -36.87
N TRP D 47 -18.53 1.26 -35.60
CA TRP D 47 -18.58 2.32 -34.59
C TRP D 47 -17.33 3.19 -34.58
N LEU D 48 -16.18 2.53 -34.57
CA LEU D 48 -14.92 3.25 -34.48
C LEU D 48 -14.49 3.86 -35.82
N ASN D 49 -14.82 3.17 -36.90
CA ASN D 49 -14.55 3.74 -38.22
C ASN D 49 -15.21 5.12 -38.30
N GLU D 50 -16.48 5.14 -37.92
CA GLU D 50 -17.29 6.38 -37.91
C GLU D 50 -16.73 7.40 -36.95
N GLU D 51 -16.34 6.92 -35.76
CA GLU D 51 -15.78 7.79 -34.74
C GLU D 51 -14.55 8.53 -35.26
N ILE D 52 -13.59 7.75 -35.78
CA ILE D 52 -12.34 8.29 -36.30
C ILE D 52 -12.56 9.31 -37.45
N GLU D 53 -13.35 8.93 -38.46
CA GLU D 53 -13.66 9.77 -39.63
C GLU D 53 -14.29 11.11 -39.26
N GLN D 54 -15.19 11.06 -38.26
CA GLN D 54 -15.90 12.24 -37.77
C GLN D 54 -15.12 13.02 -36.70
N THR D 55 -13.90 12.57 -36.37
CA THR D 55 -13.12 13.34 -35.39
C THR D 55 -12.44 14.50 -36.07
N VAL D 56 -12.70 15.70 -35.58
CA VAL D 56 -12.03 16.88 -36.13
C VAL D 56 -10.97 17.26 -35.08
N VAL D 57 -9.70 16.96 -35.38
CA VAL D 57 -8.54 17.19 -34.51
C VAL D 57 -8.17 18.69 -34.40
N GLU D 58 -8.04 19.20 -33.17
CA GLU D 58 -7.74 20.62 -32.94
C GLU D 58 -6.32 20.99 -33.36
N PRO D 59 -6.09 22.25 -33.77
CA PRO D 59 -4.73 22.64 -34.16
C PRO D 59 -3.75 22.35 -33.02
N ASN D 60 -2.51 22.01 -33.35
CA ASN D 60 -1.43 21.73 -32.40
C ASN D 60 -1.67 20.56 -31.44
N THR D 61 -2.45 19.59 -31.90
CA THR D 61 -2.73 18.35 -31.14
C THR D 61 -2.75 17.23 -32.17
N PHE D 62 -2.69 15.96 -31.72
CA PHE D 62 -2.87 14.82 -32.61
C PHE D 62 -3.64 13.76 -31.81
N SER D 63 -4.34 12.87 -32.49
CA SER D 63 -5.13 11.84 -31.81
C SER D 63 -4.67 10.49 -32.34
N MET D 64 -4.77 9.47 -31.49
CA MET D 64 -4.44 8.11 -31.90
C MET D 64 -5.48 7.19 -31.27
N TRP D 65 -5.70 6.04 -31.88
CA TRP D 65 -6.59 5.03 -31.35
C TRP D 65 -5.84 3.68 -31.34
N TRP D 66 -6.09 2.89 -30.29
CA TRP D 66 -5.47 1.59 -30.13
C TRP D 66 -6.37 0.53 -30.77
N LEU D 67 -5.87 -0.10 -31.81
CA LEU D 67 -6.66 -1.02 -32.63
C LEU D 67 -6.43 -2.45 -32.19
N GLY D 68 -5.74 -2.63 -31.06
CA GLY D 68 -5.40 -3.98 -30.59
C GLY D 68 -3.95 -4.34 -30.93
N CYS D 69 -3.34 -5.19 -30.10
CA CYS D 69 -1.92 -5.57 -30.26
C CYS D 69 -1.04 -4.31 -30.32
N THR D 70 -0.34 -4.05 -31.43
CA THR D 70 0.34 -2.77 -31.57
C THR D 70 -0.25 -1.85 -32.65
N GLY D 71 -1.47 -2.14 -33.06
CA GLY D 71 -2.09 -1.37 -34.13
C GLY D 71 -2.48 -0.03 -33.58
N ILE D 72 -2.18 1.01 -34.35
CA ILE D 72 -2.49 2.37 -34.01
C ILE D 72 -3.11 3.09 -35.24
N TRP D 73 -4.18 3.85 -35.00
CA TRP D 73 -4.65 4.79 -36.01
C TRP D 73 -4.17 6.17 -35.55
N LEU D 74 -3.46 6.90 -36.43
CA LEU D 74 -3.02 8.22 -36.07
C LEU D 74 -3.70 9.19 -37.01
N LYS D 75 -4.19 10.29 -36.45
CA LYS D 75 -4.89 11.32 -37.23
C LYS D 75 -4.37 12.69 -36.79
N SER D 76 -3.80 13.45 -37.75
CA SER D 76 -3.26 14.78 -37.43
C SER D 76 -4.28 15.89 -37.62
N ALA D 77 -3.91 17.08 -37.15
CA ALA D 77 -4.73 18.30 -37.25
C ALA D 77 -4.98 18.64 -38.73
N GLY D 78 -4.08 18.26 -39.62
CA GLY D 78 -4.26 18.49 -41.07
C GLY D 78 -5.00 17.38 -41.77
N ASN D 79 -5.62 16.51 -40.97
CA ASN D 79 -6.36 15.36 -41.45
C ASN D 79 -5.49 14.37 -42.23
N THR D 80 -4.23 14.18 -41.82
CA THR D 80 -3.44 13.11 -42.41
C THR D 80 -3.77 11.88 -41.55
N ASN D 81 -3.94 10.73 -42.18
CA ASN D 81 -4.35 9.52 -41.45
C ASN D 81 -3.44 8.35 -41.75
N LEU D 82 -2.86 7.78 -40.68
CA LEU D 82 -1.96 6.64 -40.83
C LEU D 82 -2.41 5.48 -39.95
N SER D 83 -2.31 4.24 -40.46
N SER D 83 -2.25 4.27 -40.47
CA SER D 83 -2.54 3.05 -39.64
CA SER D 83 -2.44 3.10 -39.68
C SER D 83 -1.19 2.31 -39.51
C SER D 83 -1.01 2.65 -39.43
N ILE D 84 -0.76 2.07 -38.26
CA ILE D 84 0.54 1.48 -37.98
C ILE D 84 0.34 0.08 -37.37
N ASP D 85 0.90 -0.95 -38.00
CA ASP D 85 0.81 -2.30 -37.44
C ASP D 85 -0.63 -2.77 -37.17
N PHE D 86 -1.57 -2.33 -37.99
CA PHE D 86 -2.96 -2.70 -37.83
C PHE D 86 -3.11 -4.18 -38.20
N TRP D 87 -3.45 -5.00 -37.21
CA TRP D 87 -3.52 -6.44 -37.40
C TRP D 87 -4.90 -6.95 -37.11
N CYS D 88 -5.47 -7.65 -38.12
CA CYS D 88 -6.80 -8.23 -38.02
C CYS D 88 -6.81 -9.76 -38.10
N GLY D 89 -5.71 -10.40 -37.68
CA GLY D 89 -5.73 -11.85 -37.64
C GLY D 89 -6.12 -12.33 -36.24
N THR D 90 -6.07 -13.62 -36.01
CA THR D 90 -6.30 -14.14 -34.67
C THR D 90 -5.21 -15.18 -34.33
N GLY D 91 -5.28 -15.81 -33.17
CA GLY D 91 -4.29 -16.81 -32.79
C GLY D 91 -4.76 -18.19 -33.16
N LYS D 92 -4.50 -19.15 -32.28
CA LYS D 92 -4.89 -20.54 -32.52
C LYS D 92 -6.42 -20.69 -32.57
N LYS D 93 -6.88 -21.67 -33.36
CA LYS D 93 -8.31 -21.92 -33.55
C LYS D 93 -8.67 -23.38 -33.27
N THR D 94 -7.67 -24.17 -32.88
CA THR D 94 -7.91 -25.56 -32.58
C THR D 94 -6.68 -26.10 -31.86
N GLN D 95 -6.89 -27.15 -31.09
CA GLN D 95 -5.80 -27.85 -30.43
C GLN D 95 -5.41 -29.12 -31.21
N LYS D 96 -5.99 -29.31 -32.40
N LYS D 96 -6.01 -29.30 -32.39
CA LYS D 96 -5.76 -30.54 -33.18
CA LYS D 96 -5.79 -30.52 -33.22
C LYS D 96 -4.34 -30.74 -33.70
C LYS D 96 -4.36 -30.73 -33.71
N ASN D 97 -3.70 -29.67 -34.13
CA ASN D 97 -2.28 -29.73 -34.55
C ASN D 97 -1.49 -29.62 -33.22
N ARG D 98 -0.94 -30.76 -32.82
N ARG D 98 -0.97 -30.73 -32.72
CA ARG D 98 -0.23 -30.95 -31.56
CA ARG D 98 -0.27 -30.68 -31.41
C ARG D 98 1.16 -30.27 -31.48
C ARG D 98 1.18 -30.17 -31.45
N LEU D 99 1.73 -30.03 -32.65
CA LEU D 99 3.12 -29.58 -32.78
C LEU D 99 3.31 -28.17 -33.31
N MET D 100 4.37 -27.54 -32.81
CA MET D 100 4.76 -26.23 -33.28
C MET D 100 5.45 -26.48 -34.62
N ASN D 101 5.28 -25.55 -35.55
CA ASN D 101 5.93 -25.65 -36.87
C ASN D 101 7.44 -25.68 -36.69
N THR D 102 8.11 -26.60 -37.38
CA THR D 102 9.56 -26.75 -37.30
C THR D 102 10.25 -25.43 -37.54
N GLN D 103 11.24 -25.15 -36.69
CA GLN D 103 12.03 -23.93 -36.77
C GLN D 103 11.25 -22.62 -36.69
N HIS D 104 10.10 -22.70 -36.04
CA HIS D 104 9.36 -21.48 -35.68
C HIS D 104 10.38 -20.73 -34.79
N GLN D 105 10.28 -19.40 -34.71
CA GLN D 105 11.22 -18.67 -33.87
C GLN D 105 11.19 -19.15 -32.42
N MET D 106 10.01 -19.59 -31.93
CA MET D 106 9.89 -20.06 -30.56
C MET D 106 10.63 -21.39 -30.40
N MET D 107 10.67 -22.16 -31.49
CA MET D 107 11.41 -23.42 -31.45
C MET D 107 12.91 -23.10 -31.42
N ARG D 108 13.34 -22.12 -32.22
CA ARG D 108 14.76 -21.73 -32.26
C ARG D 108 15.23 -21.20 -30.90
N MET D 109 14.43 -20.33 -30.29
CA MET D 109 14.80 -19.72 -29.01
C MET D 109 14.66 -20.65 -27.82
N GLY D 110 13.64 -21.50 -27.86
CA GLY D 110 13.36 -22.34 -26.71
C GLY D 110 13.48 -23.85 -26.77
N GLY D 111 13.80 -24.40 -27.94
CA GLY D 111 13.96 -25.87 -28.11
C GLY D 111 12.73 -26.65 -27.72
N VAL D 112 11.57 -26.05 -27.97
CA VAL D 112 10.28 -26.65 -27.68
C VAL D 112 9.75 -27.40 -28.90
N GLU D 113 8.73 -28.22 -28.67
CA GLU D 113 8.08 -29.03 -29.71
C GLU D 113 6.55 -28.87 -29.72
N ALA D 114 5.95 -28.74 -28.54
CA ALA D 114 4.49 -28.61 -28.39
C ALA D 114 3.96 -27.27 -28.90
N LEU D 115 2.71 -27.27 -29.36
N LEU D 115 2.69 -27.27 -29.33
CA LEU D 115 2.10 -26.03 -29.88
CA LEU D 115 2.02 -26.09 -29.87
C LEU D 115 2.04 -24.95 -28.81
C LEU D 115 1.88 -24.96 -28.84
N GLN D 116 2.09 -23.72 -29.28
CA GLN D 116 1.96 -22.57 -28.38
C GLN D 116 0.45 -22.27 -28.22
N PRO D 117 -0.02 -22.08 -26.96
CA PRO D 117 -1.43 -21.73 -26.71
C PRO D 117 -1.70 -20.22 -26.82
N ASN D 118 -1.31 -19.61 -27.94
CA ASN D 118 -1.52 -18.17 -28.11
C ASN D 118 -2.94 -17.96 -28.69
N LEU D 119 -3.85 -17.51 -27.83
CA LEU D 119 -5.26 -17.30 -28.18
C LEU D 119 -5.48 -15.81 -28.09
N ARG D 120 -6.07 -15.21 -29.12
CA ARG D 120 -6.31 -13.76 -29.13
C ARG D 120 -7.35 -13.40 -28.10
N THR D 121 -7.00 -12.44 -27.25
CA THR D 121 -7.87 -12.02 -26.14
C THR D 121 -8.44 -10.62 -26.23
N SER D 122 -8.20 -9.92 -27.34
CA SER D 122 -8.82 -8.61 -27.48
C SER D 122 -9.77 -8.59 -28.69
N ILE D 123 -10.82 -7.77 -28.57
CA ILE D 123 -11.82 -7.64 -29.65
C ILE D 123 -11.23 -6.87 -30.85
N PHE D 124 -12.01 -6.76 -31.93
CA PHE D 124 -11.56 -6.07 -33.15
C PHE D 124 -12.34 -4.79 -33.20
N PRO D 125 -11.76 -3.69 -32.72
CA PRO D 125 -12.56 -2.49 -32.59
C PRO D 125 -12.82 -1.76 -33.92
N LEU D 126 -12.04 -2.08 -34.97
CA LEU D 126 -12.15 -1.35 -36.24
C LEU D 126 -12.36 -2.27 -37.42
N ASP D 127 -13.37 -2.03 -38.26
CA ASP D 127 -13.59 -2.86 -39.46
C ASP D 127 -12.68 -2.33 -40.56
N PRO D 128 -11.63 -3.09 -40.95
CA PRO D 128 -10.70 -2.55 -41.94
C PRO D 128 -11.41 -2.32 -43.28
N PHE D 129 -12.47 -3.09 -43.52
CA PHE D 129 -13.22 -3.01 -44.79
C PHE D 129 -14.17 -1.81 -44.82
N ALA D 130 -14.19 -1.04 -43.74
CA ALA D 130 -14.92 0.23 -43.71
C ALA D 130 -13.96 1.43 -43.77
N ILE D 131 -12.66 1.19 -43.95
CA ILE D 131 -11.70 2.29 -44.07
C ILE D 131 -11.96 2.98 -45.43
N LYS D 132 -12.11 4.30 -45.40
CA LYS D 132 -12.41 5.07 -46.59
C LYS D 132 -11.53 6.30 -46.70
N GLU D 133 -10.77 6.59 -45.67
CA GLU D 133 -9.90 7.75 -45.64
C GLU D 133 -8.60 7.36 -44.93
N ILE D 134 -7.50 7.37 -45.67
CA ILE D 134 -6.19 6.95 -45.14
C ILE D 134 -5.10 7.41 -46.08
N ASP D 135 -3.94 7.78 -45.53
CA ASP D 135 -2.80 8.22 -46.34
C ASP D 135 -1.69 7.18 -46.45
N ALA D 136 -1.51 6.34 -45.43
CA ALA D 136 -0.47 5.32 -45.50
C ALA D 136 -0.73 4.22 -44.50
N VAL D 137 -0.31 3.01 -44.87
CA VAL D 137 -0.35 1.81 -44.04
C VAL D 137 1.11 1.49 -43.70
N LEU D 138 1.47 1.55 -42.42
CA LEU D 138 2.85 1.30 -41.98
C LEU D 138 2.96 -0.06 -41.31
N ALA D 139 4.10 -0.72 -41.52
CA ALA D 139 4.43 -1.96 -40.77
C ALA D 139 5.82 -1.75 -40.15
N SER D 140 5.93 -2.02 -38.84
CA SER D 140 7.20 -1.87 -38.13
C SER D 140 8.13 -3.02 -38.48
N HIS D 141 7.54 -4.19 -38.64
CA HIS D 141 8.29 -5.40 -38.96
C HIS D 141 7.39 -6.48 -39.52
N ASP D 142 8.01 -7.54 -40.04
CA ASP D 142 7.27 -8.59 -40.77
C ASP D 142 6.70 -9.73 -39.95
N HIS D 143 6.76 -9.63 -38.62
CA HIS D 143 6.09 -10.63 -37.79
C HIS D 143 4.61 -10.58 -38.10
N ALA D 144 3.96 -11.76 -38.06
CA ALA D 144 2.57 -11.89 -38.47
C ALA D 144 1.56 -10.96 -37.80
N ASP D 145 1.77 -10.69 -36.52
CA ASP D 145 0.84 -9.84 -35.76
C ASP D 145 1.04 -8.34 -35.95
N HIS D 146 1.86 -7.96 -36.95
CA HIS D 146 2.14 -6.56 -37.23
C HIS D 146 1.91 -6.13 -38.68
N ILE D 147 1.40 -7.05 -39.50
CA ILE D 147 1.18 -6.81 -40.93
C ILE D 147 -0.03 -7.63 -41.30
N ASP D 148 -0.83 -7.18 -42.29
CA ASP D 148 -2.08 -7.89 -42.48
C ASP D 148 -2.61 -7.87 -43.91
N VAL D 149 -2.84 -9.06 -44.45
CA VAL D 149 -3.31 -9.17 -45.85
C VAL D 149 -4.71 -8.59 -46.04
N ASN D 150 -5.58 -8.78 -45.06
CA ASN D 150 -6.95 -8.25 -45.10
C ASN D 150 -6.99 -6.73 -45.08
N VAL D 151 -6.19 -6.12 -44.20
CA VAL D 151 -6.05 -4.66 -44.18
C VAL D 151 -5.60 -4.17 -45.57
N ALA D 152 -4.55 -4.77 -46.12
CA ALA D 152 -4.06 -4.44 -47.47
C ALA D 152 -5.21 -4.55 -48.53
N ALA D 153 -5.88 -5.69 -48.54
CA ALA D 153 -7.02 -5.92 -49.47
C ALA D 153 -8.07 -4.82 -49.33
N ALA D 154 -8.48 -4.56 -48.09
CA ALA D 154 -9.49 -3.55 -47.82
C ALA D 154 -9.08 -2.16 -48.29
N VAL D 155 -7.83 -1.78 -48.03
CA VAL D 155 -7.32 -0.48 -48.42
C VAL D 155 -7.19 -0.31 -49.95
N LEU D 156 -6.77 -1.37 -50.63
CA LEU D 156 -6.64 -1.37 -52.11
C LEU D 156 -8.03 -1.25 -52.76
N GLN D 157 -9.00 -1.97 -52.21
CA GLN D 157 -10.39 -1.95 -52.69
C GLN D 157 -11.10 -0.61 -52.46
N ASN D 158 -11.01 -0.10 -51.23
CA ASN D 158 -11.77 1.09 -50.85
C ASN D 158 -11.18 2.44 -51.12
N CYS D 159 -9.85 2.54 -51.17
CA CYS D 159 -9.20 3.84 -51.26
C CYS D 159 -8.48 4.16 -52.56
N GLY D 160 -8.05 5.41 -52.70
CA GLY D 160 -7.37 5.88 -53.92
C GLY D 160 -6.00 5.27 -54.18
N GLU D 161 -5.47 5.55 -55.37
N GLU D 161 -5.47 5.53 -55.38
CA GLU D 161 -4.17 5.09 -55.83
CA GLU D 161 -4.14 5.02 -55.77
C GLU D 161 -3.04 5.76 -55.04
C GLU D 161 -3.03 5.74 -55.01
N HIS D 162 -3.40 6.78 -54.27
CA HIS D 162 -2.44 7.58 -53.52
C HIS D 162 -1.93 6.90 -52.23
N VAL D 163 -2.66 5.89 -51.74
CA VAL D 163 -2.27 5.25 -50.45
C VAL D 163 -0.95 4.50 -50.52
N LYS D 164 -0.02 4.85 -49.62
CA LYS D 164 1.28 4.18 -49.60
C LYS D 164 1.38 3.07 -48.57
N PHE D 165 2.18 2.06 -48.86
CA PHE D 165 2.46 0.96 -47.92
C PHE D 165 3.91 1.12 -47.57
N ILE D 166 4.19 1.47 -46.32
CA ILE D 166 5.53 1.78 -45.86
C ILE D 166 6.05 0.71 -44.88
N GLY D 167 7.20 0.11 -45.16
CA GLY D 167 7.75 -0.86 -44.20
C GLY D 167 9.14 -1.28 -44.61
N PRO D 168 9.86 -1.99 -43.72
CA PRO D 168 11.20 -2.46 -44.11
C PRO D 168 11.09 -3.41 -45.32
N GLN D 169 12.22 -3.66 -45.98
CA GLN D 169 12.23 -4.51 -47.17
C GLN D 169 11.38 -5.77 -46.99
N ALA D 170 11.55 -6.44 -45.87
CA ALA D 170 10.80 -7.68 -45.63
C ALA D 170 9.28 -7.52 -45.65
N CYS D 171 8.80 -6.35 -45.19
CA CYS D 171 7.38 -6.06 -45.21
C CYS D 171 6.94 -5.78 -46.65
N VAL D 172 7.69 -4.93 -47.36
CA VAL D 172 7.41 -4.66 -48.78
C VAL D 172 7.37 -5.98 -49.56
N ASP D 173 8.31 -6.90 -49.30
CA ASP D 173 8.26 -8.18 -50.00
C ASP D 173 6.96 -8.96 -49.74
N LEU D 174 6.45 -8.93 -48.50
N LEU D 174 6.46 -8.90 -48.50
CA LEU D 174 5.20 -9.63 -48.20
CA LEU D 174 5.24 -9.63 -48.15
C LEU D 174 4.05 -8.98 -48.94
C LEU D 174 4.02 -9.00 -48.83
N TRP D 175 3.96 -7.67 -48.84
CA TRP D 175 2.90 -6.93 -49.50
C TRP D 175 2.93 -7.18 -51.00
N LEU D 176 4.11 -7.03 -51.60
CA LEU D 176 4.27 -7.31 -53.06
C LEU D 176 3.78 -8.72 -53.41
N GLY D 177 4.16 -9.70 -52.60
CA GLY D 177 3.75 -11.09 -52.82
C GLY D 177 2.28 -11.37 -52.64
N TRP D 178 1.60 -10.49 -51.88
CA TRP D 178 0.17 -10.63 -51.69
C TRP D 178 -0.59 -9.96 -52.83
N GLY D 179 0.08 -9.09 -53.58
CA GLY D 179 -0.52 -8.44 -54.73
C GLY D 179 -0.58 -6.94 -54.63
N VAL D 180 0.02 -6.37 -53.60
CA VAL D 180 0.01 -4.92 -53.50
C VAL D 180 0.95 -4.48 -54.62
N PRO D 181 0.49 -3.55 -55.45
CA PRO D 181 1.31 -3.05 -56.54
C PRO D 181 2.58 -2.38 -56.04
N GLN D 182 3.69 -2.65 -56.74
N GLN D 182 3.63 -2.54 -56.84
CA GLN D 182 5.00 -2.07 -56.42
CA GLN D 182 4.95 -1.96 -56.60
C GLN D 182 4.98 -0.55 -56.30
C GLN D 182 4.95 -0.46 -56.28
N GLU D 183 4.11 0.09 -57.09
N GLU D 183 4.31 0.34 -57.14
CA GLU D 183 4.00 1.55 -57.14
CA GLU D 183 4.35 1.80 -56.92
C GLU D 183 3.45 2.20 -55.86
C GLU D 183 3.64 2.25 -55.65
N ARG D 184 2.87 1.37 -55.01
CA ARG D 184 2.23 1.79 -53.74
C ARG D 184 3.22 1.68 -52.58
N CYS D 185 4.24 0.83 -52.75
CA CYS D 185 5.19 0.54 -51.67
C CYS D 185 6.39 1.45 -51.54
N ILE D 186 6.80 1.69 -50.29
CA ILE D 186 7.98 2.48 -50.01
C ILE D 186 8.79 1.69 -49.00
N VAL D 187 10.00 1.31 -49.39
CA VAL D 187 10.86 0.54 -48.48
C VAL D 187 11.45 1.53 -47.48
N ALA D 188 11.16 1.27 -46.20
CA ALA D 188 11.65 2.08 -45.10
C ALA D 188 13.04 1.60 -44.71
N LYS D 189 14.00 2.51 -44.65
CA LYS D 189 15.36 2.18 -44.25
C LYS D 189 15.72 3.09 -43.13
N VAL D 190 16.50 2.57 -42.18
CA VAL D 190 16.89 3.37 -41.04
C VAL D 190 17.59 4.64 -41.51
N GLY D 191 17.17 5.76 -40.94
CA GLY D 191 17.72 7.07 -41.32
C GLY D 191 16.83 7.80 -42.30
N ASP D 192 15.91 7.10 -42.96
CA ASP D 192 15.00 7.79 -43.87
C ASP D 192 14.06 8.71 -43.14
N VAL D 193 13.69 9.80 -43.79
CA VAL D 193 12.67 10.71 -43.28
C VAL D 193 11.61 10.80 -44.38
N LEU D 194 10.39 10.39 -44.07
CA LEU D 194 9.33 10.40 -45.07
C LEU D 194 8.28 11.46 -44.73
N GLU D 195 7.85 12.21 -45.76
N GLU D 195 7.83 12.16 -45.77
CA GLU D 195 6.82 13.21 -45.57
CA GLU D 195 6.83 13.21 -45.69
C GLU D 195 5.52 12.68 -46.16
C GLU D 195 5.51 12.65 -46.19
N ILE D 196 4.47 12.72 -45.36
CA ILE D 196 3.13 12.25 -45.74
C ILE D 196 2.18 13.29 -45.20
N GLY D 197 1.51 14.03 -46.08
CA GLY D 197 0.58 15.05 -45.63
C GLY D 197 1.31 16.03 -44.72
N ASP D 198 0.75 16.31 -43.56
CA ASP D 198 1.42 17.21 -42.61
C ASP D 198 2.20 16.47 -41.49
N VAL D 199 2.55 15.21 -41.71
CA VAL D 199 3.34 14.52 -40.68
C VAL D 199 4.70 14.09 -41.26
N LYS D 200 5.69 13.96 -40.38
CA LYS D 200 7.01 13.54 -40.78
C LYS D 200 7.26 12.16 -40.15
N ILE D 201 7.73 11.21 -40.93
CA ILE D 201 7.96 9.88 -40.39
C ILE D 201 9.47 9.61 -40.40
N ARG D 202 10.06 9.40 -39.22
CA ARG D 202 11.49 9.10 -39.12
C ARG D 202 11.64 7.59 -38.91
N VAL D 203 12.40 6.94 -39.78
CA VAL D 203 12.57 5.49 -39.69
C VAL D 203 13.83 5.29 -38.82
N LEU D 204 13.69 4.51 -37.74
CA LEU D 204 14.78 4.34 -36.76
C LEU D 204 15.09 2.88 -36.48
N ASP D 205 16.17 2.62 -35.74
CA ASP D 205 16.57 1.25 -35.46
C ASP D 205 15.51 0.53 -34.64
N SER D 206 15.32 -0.78 -34.89
CA SER D 206 14.44 -1.63 -34.08
C SER D 206 15.33 -2.50 -33.17
N PHE D 207 14.78 -2.98 -32.04
CA PHE D 207 15.53 -3.87 -31.17
C PHE D 207 14.78 -5.16 -30.96
N ASP D 208 14.09 -5.59 -32.01
CA ASP D 208 13.28 -6.78 -31.94
C ASP D 208 14.19 -8.00 -32.12
N ARG D 209 14.78 -8.45 -31.01
CA ARG D 209 15.69 -9.58 -31.06
C ARG D 209 15.05 -10.82 -31.63
N THR D 210 13.74 -10.95 -31.42
CA THR D 210 13.04 -12.17 -31.90
C THR D 210 13.09 -12.22 -33.44
N ALA D 211 12.92 -11.06 -34.06
CA ALA D 211 12.95 -10.95 -35.53
C ALA D 211 14.25 -11.48 -36.15
N LEU D 212 15.38 -11.28 -35.46
CA LEU D 212 16.68 -11.73 -35.98
C LEU D 212 16.71 -13.21 -36.27
N VAL D 213 16.01 -13.98 -35.44
CA VAL D 213 15.99 -15.45 -35.55
C VAL D 213 14.69 -16.00 -36.10
N THR D 214 13.85 -15.12 -36.65
CA THR D 214 12.60 -15.54 -37.28
C THR D 214 12.98 -15.81 -38.72
N LEU D 215 13.43 -17.04 -38.96
CA LEU D 215 13.94 -17.42 -40.29
C LEU D 215 13.18 -18.59 -40.89
N PRO D 216 13.12 -18.67 -42.25
CA PRO D 216 12.41 -19.79 -42.86
C PRO D 216 13.00 -21.16 -42.47
N LYS D 217 12.16 -22.19 -42.46
CA LYS D 217 12.56 -23.57 -42.20
C LYS D 217 13.75 -23.86 -43.12
N GLY D 218 14.75 -24.58 -42.62
CA GLY D 218 15.95 -24.91 -43.43
C GLY D 218 17.04 -23.84 -43.46
N VAL D 219 16.76 -22.66 -42.90
CA VAL D 219 17.74 -21.60 -42.80
C VAL D 219 18.27 -21.61 -41.36
N SER D 220 19.59 -21.68 -41.21
CA SER D 220 20.26 -21.76 -39.93
C SER D 220 20.29 -20.47 -39.10
N SER D 221 19.89 -20.59 -37.84
CA SER D 221 20.02 -19.49 -36.85
C SER D 221 21.25 -19.67 -35.94
N TYR D 222 22.11 -20.64 -36.26
CA TYR D 222 23.39 -20.77 -35.56
C TYR D 222 24.38 -19.77 -36.18
N ASP D 223 24.12 -19.42 -37.44
CA ASP D 223 24.98 -18.56 -38.23
C ASP D 223 25.00 -17.12 -37.67
N LYS D 224 26.18 -16.59 -37.33
CA LYS D 224 26.28 -15.22 -36.79
C LYS D 224 25.98 -14.12 -37.79
N ALA D 225 25.97 -14.46 -39.08
CA ALA D 225 25.69 -13.44 -40.10
C ALA D 225 24.27 -12.91 -40.00
N ILE D 226 23.37 -13.67 -39.39
CA ILE D 226 21.96 -13.27 -39.26
C ILE D 226 21.82 -12.06 -38.35
N LEU D 227 22.83 -11.84 -37.51
CA LEU D 227 22.85 -10.75 -36.55
C LEU D 227 22.90 -9.37 -37.17
N ASP D 228 23.29 -9.29 -38.43
CA ASP D 228 23.26 -8.01 -39.14
C ASP D 228 21.91 -7.76 -39.81
N GLY D 229 20.98 -8.71 -39.64
CA GLY D 229 19.72 -8.68 -40.39
C GLY D 229 18.55 -7.81 -39.93
N MET D 230 18.74 -7.02 -38.87
CA MET D 230 17.62 -6.24 -38.32
C MET D 230 17.01 -5.23 -39.30
N ASP D 231 17.84 -4.35 -39.88
CA ASP D 231 17.31 -3.24 -40.71
C ASP D 231 16.48 -3.63 -41.94
N GLU D 232 16.71 -4.83 -42.47
N GLU D 232 16.74 -4.83 -42.46
CA GLU D 232 15.99 -5.27 -43.66
CA GLU D 232 16.07 -5.36 -43.66
C GLU D 232 14.58 -5.68 -43.30
C GLU D 232 14.65 -5.83 -43.32
N ARG D 233 14.38 -6.05 -42.04
CA ARG D 233 13.07 -6.55 -41.60
C ARG D 233 12.33 -5.90 -40.44
N ALA D 234 12.95 -4.93 -39.77
CA ALA D 234 12.29 -4.29 -38.62
C ALA D 234 12.85 -2.90 -38.38
N VAL D 235 11.95 -1.97 -38.10
CA VAL D 235 12.32 -0.60 -37.79
C VAL D 235 11.35 -0.07 -36.72
N ASN D 236 11.76 1.01 -36.08
CA ASN D 236 10.91 1.74 -35.16
C ASN D 236 10.57 3.04 -35.88
N TYR D 237 9.44 3.64 -35.56
CA TYR D 237 9.04 4.89 -36.19
C TYR D 237 8.88 6.02 -35.19
N LEU D 238 9.40 7.19 -35.50
CA LEU D 238 9.13 8.37 -34.71
C LEU D 238 8.32 9.23 -35.68
N ILE D 239 7.07 9.49 -35.34
CA ILE D 239 6.13 10.22 -36.20
C ILE D 239 5.97 11.59 -35.59
N GLU D 240 6.29 12.63 -36.36
CA GLU D 240 6.20 13.99 -35.88
C GLU D 240 5.01 14.71 -36.48
N THR D 241 4.21 15.34 -35.60
CA THR D 241 2.99 16.04 -36.01
C THR D 241 3.05 17.44 -35.43
N SER D 242 2.10 18.28 -35.84
CA SER D 242 2.03 19.62 -35.30
C SER D 242 1.62 19.61 -33.84
N GLY D 243 1.18 18.46 -33.34
CA GLY D 243 0.80 18.32 -31.92
C GLY D 243 1.85 17.60 -31.06
N GLY D 244 2.90 17.12 -31.70
CA GLY D 244 4.00 16.45 -30.99
C GLY D 244 4.34 15.18 -31.71
N SER D 245 5.17 14.35 -31.06
CA SER D 245 5.67 13.16 -31.67
C SER D 245 5.33 11.89 -30.89
N VAL D 246 5.25 10.82 -31.65
CA VAL D 246 4.99 9.49 -31.08
C VAL D 246 6.00 8.46 -31.60
N TYR D 247 6.58 7.69 -30.68
CA TYR D 247 7.59 6.69 -31.02
C TYR D 247 6.90 5.34 -30.97
N HIS D 248 6.84 4.63 -32.09
CA HIS D 248 6.18 3.33 -32.12
C HIS D 248 7.33 2.35 -32.16
N SER D 249 7.51 1.55 -31.11
CA SER D 249 8.66 0.66 -31.08
C SER D 249 8.40 -0.75 -31.63
N GLY D 250 7.29 -0.98 -32.33
CA GLY D 250 6.93 -2.35 -32.76
C GLY D 250 6.98 -3.23 -31.54
N ASP D 251 7.60 -4.41 -31.60
CA ASP D 251 7.83 -5.09 -30.33
C ASP D 251 9.32 -5.29 -30.05
N SER D 252 10.03 -4.16 -30.18
CA SER D 252 11.43 -4.09 -29.80
C SER D 252 11.55 -4.56 -28.35
N HIS D 253 12.61 -5.31 -28.09
CA HIS D 253 12.98 -5.68 -26.74
C HIS D 253 13.68 -4.47 -26.13
N TYR D 254 14.29 -4.63 -24.94
CA TYR D 254 14.98 -3.52 -24.34
C TYR D 254 16.37 -3.32 -24.98
N SER D 255 16.69 -2.08 -25.32
CA SER D 255 18.05 -1.78 -25.76
C SER D 255 18.54 -0.47 -25.21
N ASN D 256 19.80 -0.46 -24.77
CA ASN D 256 20.42 0.80 -24.34
C ASN D 256 20.29 1.87 -25.46
N TYR D 257 20.24 1.40 -26.71
CA TYR D 257 20.23 2.32 -27.87
C TYR D 257 18.96 3.24 -27.90
N TYR D 258 17.93 2.92 -27.09
CA TYR D 258 16.81 3.86 -26.97
C TYR D 258 17.32 5.22 -26.53
N ALA D 259 18.42 5.23 -25.77
CA ALA D 259 18.99 6.46 -25.24
C ALA D 259 19.54 7.30 -26.40
N LYS D 260 20.02 6.62 -27.46
CA LYS D 260 20.57 7.32 -28.67
C LYS D 260 19.38 8.01 -29.33
N HIS D 261 18.29 7.26 -29.55
CA HIS D 261 17.09 7.88 -30.09
C HIS D 261 16.60 9.05 -29.23
N GLY D 262 16.63 8.87 -27.90
CA GLY D 262 16.19 9.92 -27.00
C GLY D 262 17.05 11.17 -26.95
N ASN D 263 18.36 10.98 -27.08
CA ASN D 263 19.35 12.10 -27.17
C ASN D 263 19.12 12.91 -28.45
N ASP D 264 18.84 12.20 -29.53
CA ASP D 264 18.70 12.81 -30.87
C ASP D 264 17.41 13.51 -31.19
N TYR D 265 16.31 13.05 -30.61
CA TYR D 265 15.00 13.57 -30.93
C TYR D 265 14.15 13.83 -29.71
N GLN D 266 13.22 14.77 -29.84
CA GLN D 266 12.26 15.06 -28.80
C GLN D 266 11.11 14.08 -29.04
N ILE D 267 10.89 13.17 -28.08
CA ILE D 267 9.90 12.10 -28.19
C ILE D 267 8.86 12.38 -27.13
N ASP D 268 7.64 12.74 -27.54
CA ASP D 268 6.59 13.08 -26.58
C ASP D 268 5.95 11.83 -26.00
N VAL D 269 5.51 10.94 -26.87
CA VAL D 269 4.79 9.72 -26.43
C VAL D 269 5.53 8.51 -26.92
N ALA D 270 5.81 7.55 -26.03
CA ALA D 270 6.50 6.32 -26.43
C ALA D 270 5.52 5.14 -26.26
N LEU D 271 5.36 4.32 -27.32
CA LEU D 271 4.49 3.18 -27.32
C LEU D 271 5.44 1.97 -27.28
N LEU D 272 5.35 1.22 -26.18
CA LEU D 272 6.27 0.10 -25.91
C LEU D 272 5.52 -1.18 -25.65
N SER D 273 5.97 -2.26 -26.26
CA SER D 273 5.33 -3.55 -26.11
C SER D 273 5.64 -4.18 -24.77
N TYR D 274 4.59 -4.68 -24.14
CA TYR D 274 4.68 -5.27 -22.79
C TYR D 274 3.92 -6.56 -22.76
N GLY D 275 4.27 -7.44 -21.82
CA GLY D 275 3.55 -8.71 -21.69
C GLY D 275 4.24 -9.56 -20.64
N GLU D 276 3.57 -10.63 -20.18
CA GLU D 276 4.13 -11.51 -19.17
C GLU D 276 4.84 -12.66 -19.88
N ASN D 277 6.16 -12.67 -19.85
CA ASN D 277 6.91 -13.73 -20.53
C ASN D 277 6.72 -15.07 -19.84
N PRO D 278 6.37 -16.13 -20.60
CA PRO D 278 6.41 -17.50 -19.99
C PRO D 278 7.82 -17.82 -19.46
N ARG D 279 7.90 -18.79 -18.56
CA ARG D 279 9.21 -19.25 -18.04
C ARG D 279 10.08 -19.73 -19.23
N GLY D 280 11.27 -19.14 -19.35
CA GLY D 280 12.24 -19.51 -20.38
C GLY D 280 12.04 -18.84 -21.74
N VAL D 281 11.12 -17.89 -21.80
CA VAL D 281 10.84 -17.20 -23.05
C VAL D 281 11.10 -15.73 -22.78
N THR D 282 11.61 -15.01 -23.79
CA THR D 282 11.73 -13.56 -23.72
C THR D 282 11.18 -13.03 -25.04
N ASP D 283 10.03 -12.39 -24.97
CA ASP D 283 9.39 -11.89 -26.18
C ASP D 283 8.89 -10.48 -26.00
N LYS D 284 8.80 -10.02 -24.75
CA LYS D 284 8.28 -8.66 -24.45
C LYS D 284 9.11 -8.08 -23.31
N MET D 285 9.22 -6.76 -23.29
N MET D 285 9.34 -6.78 -23.31
CA MET D 285 9.91 -6.08 -22.21
CA MET D 285 10.10 -6.24 -22.19
C MET D 285 9.16 -6.24 -20.90
C MET D 285 9.23 -6.27 -20.93
N THR D 286 9.90 -6.29 -19.79
CA THR D 286 9.28 -6.36 -18.47
C THR D 286 8.79 -5.00 -17.99
N SER D 287 8.15 -4.94 -16.82
N SER D 287 7.99 -4.98 -16.92
CA SER D 287 7.72 -3.67 -16.23
CA SER D 287 7.43 -3.73 -16.38
C SER D 287 8.92 -2.73 -15.91
C SER D 287 8.53 -2.73 -16.10
N SER D 288 10.01 -3.32 -15.40
N SER D 288 9.64 -3.24 -15.56
CA SER D 288 11.20 -2.56 -15.11
CA SER D 288 10.81 -2.45 -15.23
C SER D 288 11.73 -1.92 -16.40
C SER D 288 11.46 -1.84 -16.47
N ASP D 289 11.67 -2.66 -17.51
CA ASP D 289 12.23 -2.18 -18.76
C ASP D 289 11.36 -1.14 -19.48
N VAL D 290 10.06 -1.20 -19.26
CA VAL D 290 9.17 -0.17 -19.84
C VAL D 290 9.63 1.18 -19.24
N LEU D 291 9.94 1.16 -17.94
CA LEU D 291 10.35 2.38 -17.28
C LEU D 291 11.75 2.81 -17.73
N ARG D 292 12.68 1.83 -17.82
N ARG D 292 12.69 1.87 -17.79
CA ARG D 292 14.05 2.11 -18.30
CA ARG D 292 14.03 2.21 -18.27
C ARG D 292 14.03 2.66 -19.73
C ARG D 292 13.91 2.79 -19.69
N ALA D 293 13.10 2.17 -20.52
CA ALA D 293 12.95 2.62 -21.93
C ALA D 293 12.38 4.02 -21.99
N ALA D 294 11.41 4.31 -21.13
CA ALA D 294 10.79 5.63 -21.11
C ALA D 294 11.86 6.67 -20.72
N GLU D 295 12.71 6.31 -19.76
CA GLU D 295 13.78 7.16 -19.32
C GLU D 295 14.80 7.32 -20.45
N SER D 296 15.10 6.23 -21.14
CA SER D 296 16.10 6.24 -22.24
C SER D 296 15.59 7.11 -23.41
N LEU D 297 14.32 6.93 -23.77
CA LEU D 297 13.70 7.73 -24.86
C LEU D 297 13.49 9.19 -24.39
N ASP D 298 13.65 9.41 -23.09
CA ASP D 298 13.41 10.73 -22.50
C ASP D 298 12.05 11.27 -22.97
N CYS D 299 11.01 10.43 -22.89
CA CYS D 299 9.67 10.81 -23.35
C CYS D 299 8.89 11.59 -22.27
N GLN D 300 7.71 12.08 -22.63
CA GLN D 300 6.88 12.70 -21.63
C GLN D 300 5.82 11.70 -21.12
N VAL D 301 5.38 10.80 -22.01
CA VAL D 301 4.29 9.87 -21.67
C VAL D 301 4.73 8.51 -22.24
N VAL D 302 4.64 7.48 -21.40
CA VAL D 302 4.95 6.10 -21.81
C VAL D 302 3.64 5.32 -21.82
N VAL D 303 3.38 4.60 -22.91
CA VAL D 303 2.15 3.93 -23.08
C VAL D 303 2.43 2.45 -23.40
N PRO D 304 2.26 1.53 -22.42
CA PRO D 304 2.44 0.14 -22.83
C PRO D 304 1.36 -0.30 -23.85
N PHE D 305 1.70 -1.13 -24.83
CA PHE D 305 0.73 -1.78 -25.71
C PHE D 305 1.14 -3.22 -25.97
N HIS D 306 0.38 -3.95 -26.80
CA HIS D 306 0.68 -5.39 -27.10
C HIS D 306 0.30 -6.29 -25.92
N HIS D 307 0.00 -5.70 -24.77
CA HIS D 307 -0.28 -6.48 -23.57
C HIS D 307 -1.73 -6.97 -23.49
N ASP D 308 -2.51 -6.62 -24.50
CA ASP D 308 -3.91 -7.01 -24.58
C ASP D 308 -4.17 -8.32 -25.34
N ILE D 309 -3.23 -8.68 -26.18
CA ILE D 309 -3.51 -9.61 -27.27
C ILE D 309 -3.44 -11.10 -27.05
N TRP D 310 -2.48 -11.59 -26.27
CA TRP D 310 -2.33 -13.06 -26.13
C TRP D 310 -2.60 -13.59 -24.77
N ALA D 311 -3.43 -14.64 -24.71
CA ALA D 311 -3.79 -15.26 -23.43
C ALA D 311 -2.57 -15.73 -22.67
N ASN D 312 -1.59 -16.30 -23.39
CA ASN D 312 -0.43 -16.87 -22.68
C ASN D 312 0.59 -15.82 -22.19
N PHE D 313 0.32 -14.55 -22.50
CA PHE D 313 1.15 -13.41 -22.03
C PHE D 313 0.35 -12.52 -21.09
N GLN D 314 -0.78 -13.04 -20.57
CA GLN D 314 -1.63 -12.30 -19.64
C GLN D 314 -0.76 -11.67 -18.55
N ASN D 315 -1.00 -10.38 -18.27
CA ASN D 315 -0.06 -9.60 -17.48
C ASN D 315 -0.77 -8.63 -16.55
N ASP D 316 0.03 -7.83 -15.85
CA ASP D 316 -0.47 -6.86 -14.90
C ASP D 316 0.22 -5.50 -15.13
N PRO D 317 -0.40 -4.60 -15.90
CA PRO D 317 0.25 -3.32 -16.15
C PRO D 317 0.42 -2.49 -14.87
N ARG D 318 -0.32 -2.80 -13.83
N ARG D 318 -0.33 -2.80 -13.82
CA ARG D 318 -0.19 -2.07 -12.54
CA ARG D 318 -0.16 -2.08 -12.53
C ARG D 318 1.24 -2.16 -12.00
C ARG D 318 1.27 -2.14 -12.03
N GLU D 319 2.00 -3.20 -12.43
CA GLU D 319 3.41 -3.32 -12.07
C GLU D 319 4.14 -2.06 -12.51
N ILE D 320 3.83 -1.62 -13.73
CA ILE D 320 4.48 -0.40 -14.22
C ILE D 320 4.20 0.83 -13.33
N GLU D 321 2.94 1.00 -12.95
CA GLU D 321 2.47 2.13 -12.15
C GLU D 321 3.09 2.09 -10.75
N VAL D 322 3.11 0.90 -10.15
CA VAL D 322 3.67 0.79 -8.80
C VAL D 322 5.17 1.12 -8.79
N LEU D 323 5.92 0.51 -9.69
CA LEU D 323 7.37 0.79 -9.84
C LEU D 323 7.64 2.28 -10.10
N TRP D 324 6.86 2.83 -11.03
CA TRP D 324 6.97 4.28 -11.35
C TRP D 324 6.80 5.13 -10.07
N ASN D 325 5.74 4.90 -9.28
CA ASN D 325 5.60 5.64 -8.05
C ASN D 325 6.72 5.45 -7.05
N MET D 326 7.31 4.25 -6.99
CA MET D 326 8.39 3.99 -6.05
C MET D 326 9.72 4.64 -6.41
N LYS D 327 9.90 4.88 -7.71
CA LYS D 327 11.18 5.30 -8.24
C LYS D 327 11.29 6.72 -8.78
N LYS D 328 10.14 7.35 -9.04
CA LYS D 328 10.11 8.61 -9.83
C LYS D 328 10.83 9.75 -9.10
N ASP D 329 10.70 9.84 -7.78
CA ASP D 329 11.48 10.87 -7.07
C ASP D 329 13.00 10.63 -7.09
N ARG D 330 13.39 9.42 -6.69
CA ARG D 330 14.79 9.10 -6.54
C ARG D 330 15.55 9.24 -7.85
N LEU D 331 14.93 8.82 -8.97
CA LEU D 331 15.54 8.86 -10.30
C LEU D 331 15.13 10.09 -11.10
N GLN D 332 14.34 10.95 -10.49
N GLN D 332 14.30 10.93 -10.50
CA GLN D 332 13.87 12.16 -11.17
CA GLN D 332 13.81 12.18 -11.09
C GLN D 332 13.33 11.85 -12.54
C GLN D 332 13.16 11.98 -12.45
N TYR D 333 12.36 10.91 -12.58
CA TYR D 333 11.71 10.56 -13.82
C TYR D 333 10.89 11.78 -14.32
N GLN D 334 10.96 12.06 -15.60
CA GLN D 334 10.29 13.22 -16.18
C GLN D 334 9.10 12.84 -17.04
N PHE D 335 8.70 11.58 -16.98
CA PHE D 335 7.59 11.08 -17.77
C PHE D 335 6.58 10.47 -16.83
N ALA D 336 5.39 10.22 -17.36
CA ALA D 336 4.38 9.48 -16.60
C ALA D 336 3.77 8.37 -17.48
N PRO D 337 3.38 7.22 -16.88
CA PRO D 337 2.71 6.19 -17.66
C PRO D 337 1.21 6.48 -17.93
N PHE D 338 0.70 5.92 -19.03
CA PHE D 338 -0.70 6.03 -19.39
C PHE D 338 -1.21 4.64 -19.75
N PHE D 339 -2.33 4.24 -19.12
CA PHE D 339 -2.89 2.89 -19.27
C PHE D 339 -4.14 2.97 -20.10
N TRP D 340 -4.01 2.44 -21.30
CA TRP D 340 -5.03 2.58 -22.31
C TRP D 340 -5.99 1.38 -22.32
N GLN D 341 -6.94 1.39 -23.26
CA GLN D 341 -7.83 0.25 -23.47
C GLN D 341 -8.01 0.10 -24.99
N VAL D 342 -8.15 -1.13 -25.45
CA VAL D 342 -8.31 -1.43 -26.89
C VAL D 342 -9.56 -0.74 -27.43
N GLY D 343 -9.38 -0.07 -28.56
CA GLY D 343 -10.47 0.69 -29.16
C GLY D 343 -10.44 2.12 -28.67
N GLY D 344 -9.63 2.42 -27.65
CA GLY D 344 -9.57 3.75 -26.99
C GLY D 344 -8.82 4.84 -27.73
N LYS D 345 -9.13 6.10 -27.40
CA LYS D 345 -8.53 7.26 -28.02
C LYS D 345 -7.52 7.92 -27.08
N TYR D 346 -6.52 8.60 -27.64
CA TYR D 346 -5.61 9.37 -26.85
C TYR D 346 -5.29 10.61 -27.69
N THR D 347 -5.43 11.77 -27.09
CA THR D 347 -5.13 13.02 -27.77
C THR D 347 -4.04 13.75 -27.04
N TYR D 348 -2.98 14.05 -27.79
CA TYR D 348 -1.82 14.72 -27.21
C TYR D 348 -1.66 16.15 -27.79
N PRO D 349 -1.32 17.13 -26.95
CA PRO D 349 -1.06 17.05 -25.51
C PRO D 349 -2.28 17.16 -24.60
N THR D 350 -3.48 17.15 -25.16
CA THR D 350 -4.72 17.39 -24.37
C THR D 350 -4.88 16.44 -23.17
N ASP D 351 -4.53 15.16 -23.39
CA ASP D 351 -4.72 14.12 -22.36
C ASP D 351 -3.50 13.87 -21.47
N LYS D 352 -2.48 14.71 -21.58
CA LYS D 352 -1.31 14.60 -20.73
C LYS D 352 -1.82 14.78 -19.28
N GLY D 353 -1.30 14.05 -18.30
CA GLY D 353 -1.92 14.28 -17.00
C GLY D 353 -2.94 13.19 -16.66
N ARG D 354 -3.55 12.59 -17.69
N ARG D 354 -3.53 12.57 -17.69
CA ARG D 354 -4.47 11.47 -17.46
CA ARG D 354 -4.45 11.45 -17.46
C ARG D 354 -3.63 10.20 -17.38
C ARG D 354 -3.60 10.19 -17.37
N MET D 355 -3.92 9.34 -16.40
CA MET D 355 -3.16 8.10 -16.22
C MET D 355 -3.96 6.86 -16.63
N HIS D 356 -5.27 6.86 -16.35
CA HIS D 356 -6.09 5.65 -16.63
C HIS D 356 -7.23 5.97 -17.56
N TYR D 357 -7.16 5.39 -18.74
CA TYR D 357 -8.20 5.59 -19.71
C TYR D 357 -9.49 4.90 -19.27
N GLN D 358 -10.62 5.55 -19.54
CA GLN D 358 -11.91 4.95 -19.32
C GLN D 358 -12.74 5.19 -20.59
N HIS D 359 -13.36 4.15 -21.13
CA HIS D 359 -14.25 4.30 -22.31
C HIS D 359 -15.39 5.25 -21.92
N PHE D 360 -15.95 5.97 -22.90
CA PHE D 360 -17.11 6.81 -22.63
C PHE D 360 -18.18 6.00 -21.90
N ARG D 361 -18.69 6.59 -20.82
CA ARG D 361 -19.62 5.89 -19.93
C ARG D 361 -21.06 5.99 -20.39
N GLY D 362 -21.30 6.94 -21.30
CA GLY D 362 -22.62 7.23 -21.83
C GLY D 362 -23.51 8.00 -20.87
N PHE D 363 -24.79 8.07 -21.20
CA PHE D 363 -25.81 8.66 -20.33
C PHE D 363 -25.50 10.12 -19.93
N GLN D 364 -24.89 10.86 -20.85
N GLN D 364 -24.88 10.88 -20.83
CA GLN D 364 -24.57 12.26 -20.63
CA GLN D 364 -24.58 12.28 -20.55
C GLN D 364 -25.86 13.05 -20.38
C GLN D 364 -25.86 13.11 -20.44
N ASP D 365 -26.97 12.57 -20.95
CA ASP D 365 -28.29 13.25 -20.86
C ASP D 365 -29.14 12.67 -19.74
N ILE D 366 -28.48 12.06 -18.74
CA ILE D 366 -29.19 11.42 -17.63
C ILE D 366 -30.22 12.40 -17.06
N PHE D 367 -31.43 11.89 -16.83
CA PHE D 367 -32.57 12.68 -16.34
C PHE D 367 -32.91 13.92 -17.20
N LYS D 368 -32.64 13.84 -18.51
CA LYS D 368 -33.06 14.90 -19.43
C LYS D 368 -34.57 15.04 -19.20
N ASN D 369 -35.23 13.88 -19.09
CA ASN D 369 -36.65 13.75 -18.77
C ASN D 369 -36.79 12.99 -17.46
N GLU D 370 -37.99 12.97 -16.90
CA GLU D 370 -38.21 12.25 -15.64
C GLU D 370 -38.25 10.74 -15.86
N PRO D 371 -37.80 9.97 -14.86
CA PRO D 371 -37.87 8.52 -15.04
C PRO D 371 -39.33 8.02 -15.03
N GLU D 372 -39.57 6.81 -15.52
CA GLU D 372 -40.90 6.19 -15.51
C GLU D 372 -40.81 4.96 -14.60
N LEU D 373 -41.07 5.18 -13.31
CA LEU D 373 -40.91 4.14 -12.28
C LEU D 373 -42.11 4.06 -11.32
N PRO D 374 -42.31 2.90 -10.65
CA PRO D 374 -43.48 2.77 -9.75
C PRO D 374 -43.46 3.75 -8.56
N TYR D 375 -42.26 4.19 -8.20
CA TYR D 375 -42.02 5.18 -7.14
C TYR D 375 -40.59 5.69 -7.34
N LYS D 376 -40.35 6.95 -6.97
CA LYS D 376 -39.09 7.60 -7.28
C LYS D 376 -37.86 6.89 -6.74
N ALA D 377 -37.95 6.39 -5.51
CA ALA D 377 -36.82 5.71 -4.88
C ALA D 377 -36.70 4.22 -5.26
N PHE D 378 -37.39 3.81 -6.32
CA PHE D 378 -37.28 2.42 -6.81
C PHE D 378 -35.81 2.10 -7.07
N LEU D 379 -35.11 3.08 -7.65
CA LEU D 379 -33.67 3.00 -7.89
C LEU D 379 -33.01 4.37 -7.58
N SER E 26 -3.30 -10.24 -56.19
CA SER E 26 -4.16 -11.45 -56.37
C SER E 26 -4.53 -12.17 -55.08
N LYS E 27 -3.67 -12.17 -54.06
CA LYS E 27 -4.14 -12.77 -52.81
C LYS E 27 -5.08 -11.72 -52.23
N VAL E 28 -4.74 -10.46 -52.45
CA VAL E 28 -5.58 -9.33 -52.06
C VAL E 28 -6.82 -9.23 -52.97
N ASN E 29 -6.78 -9.87 -54.13
CA ASN E 29 -7.92 -9.85 -55.05
C ASN E 29 -8.97 -10.91 -54.74
N GLU E 30 -8.58 -11.98 -54.05
CA GLU E 30 -9.49 -13.07 -53.68
C GLU E 30 -10.18 -12.81 -52.34
N ILE E 31 -9.83 -11.69 -51.72
CA ILE E 31 -10.32 -11.40 -50.36
C ILE E 31 -11.49 -10.41 -50.31
N THR E 32 -12.50 -10.78 -49.51
N THR E 32 -12.49 -10.71 -49.49
CA THR E 32 -13.70 -9.98 -49.30
CA THR E 32 -13.55 -9.77 -49.31
C THR E 32 -13.89 -9.75 -47.80
C THR E 32 -13.75 -9.61 -47.80
N ARG E 33 -14.66 -8.73 -47.43
CA ARG E 33 -14.99 -8.49 -46.00
C ARG E 33 -15.52 -9.81 -45.41
N GLU E 34 -16.42 -10.45 -46.15
N GLU E 34 -16.42 -10.47 -46.14
CA GLU E 34 -17.03 -11.70 -45.71
CA GLU E 34 -17.02 -11.71 -45.66
C GLU E 34 -16.04 -12.86 -45.54
C GLU E 34 -16.04 -12.89 -45.54
N SER E 35 -15.08 -13.00 -46.46
CA SER E 35 -14.12 -14.10 -46.40
C SER E 35 -13.20 -13.88 -45.19
N TRP E 36 -12.84 -12.62 -44.95
CA TRP E 36 -11.99 -12.29 -43.78
C TRP E 36 -12.72 -12.62 -42.49
N ILE E 37 -13.98 -12.22 -42.41
CA ILE E 37 -14.78 -12.50 -41.22
C ILE E 37 -14.93 -13.98 -41.00
N LEU E 38 -15.23 -14.73 -42.07
CA LEU E 38 -15.42 -16.16 -41.90
C LEU E 38 -14.16 -16.93 -41.59
N SER E 39 -13.01 -16.38 -41.97
CA SER E 39 -11.75 -17.05 -41.69
C SER E 39 -11.20 -16.67 -40.32
N THR E 40 -11.78 -15.64 -39.70
CA THR E 40 -11.19 -15.10 -38.48
C THR E 40 -11.94 -15.32 -37.18
N PHE E 41 -13.27 -15.33 -37.26
CA PHE E 41 -14.14 -15.37 -36.05
C PHE E 41 -14.92 -16.66 -35.94
N PRO E 42 -15.30 -17.08 -34.72
CA PRO E 42 -15.01 -16.47 -33.41
C PRO E 42 -13.50 -16.61 -33.10
N GLU E 43 -12.99 -15.79 -32.18
CA GLU E 43 -11.54 -15.67 -31.97
C GLU E 43 -10.71 -16.89 -31.61
N TRP E 44 -11.30 -17.76 -30.81
CA TRP E 44 -10.62 -18.97 -30.33
C TRP E 44 -10.97 -20.19 -31.16
N GLY E 45 -11.73 -20.00 -32.23
CA GLY E 45 -12.18 -21.14 -33.06
C GLY E 45 -12.89 -22.12 -32.15
N THR E 46 -12.54 -23.41 -32.29
CA THR E 46 -13.07 -24.45 -31.44
C THR E 46 -12.07 -24.89 -30.35
N TRP E 47 -11.06 -24.07 -30.07
CA TRP E 47 -10.08 -24.45 -29.02
C TRP E 47 -10.72 -24.84 -27.68
N LEU E 48 -11.67 -24.03 -27.24
CA LEU E 48 -12.29 -24.28 -25.92
C LEU E 48 -13.33 -25.38 -26.00
N ASN E 49 -14.03 -25.47 -27.16
CA ASN E 49 -14.98 -26.59 -27.36
C ASN E 49 -14.24 -27.92 -27.14
N GLU E 50 -13.08 -28.06 -27.77
CA GLU E 50 -12.19 -29.22 -27.64
C GLU E 50 -11.70 -29.37 -26.20
N GLU E 51 -11.29 -28.26 -25.58
CA GLU E 51 -10.82 -28.30 -24.20
C GLU E 51 -11.87 -28.88 -23.25
N ILE E 52 -13.07 -28.32 -23.33
CA ILE E 52 -14.18 -28.73 -22.49
C ILE E 52 -14.54 -30.21 -22.69
N GLU E 53 -14.70 -30.60 -23.96
CA GLU E 53 -15.09 -32.00 -24.28
C GLU E 53 -14.08 -33.00 -23.77
N GLN E 54 -12.80 -32.64 -23.85
CA GLN E 54 -11.73 -33.53 -23.44
C GLN E 54 -11.36 -33.43 -21.97
N THR E 55 -12.11 -32.62 -21.21
CA THR E 55 -11.81 -32.52 -19.80
C THR E 55 -12.48 -33.67 -19.08
N VAL E 56 -11.65 -34.42 -18.37
N VAL E 56 -11.67 -34.47 -18.39
CA VAL E 56 -12.14 -35.54 -17.59
CA VAL E 56 -12.23 -35.55 -17.61
C VAL E 56 -12.12 -35.07 -16.13
C VAL E 56 -12.14 -35.10 -16.15
N VAL E 57 -13.28 -34.61 -15.67
CA VAL E 57 -13.44 -34.07 -14.32
C VAL E 57 -13.29 -35.14 -13.24
N GLU E 58 -12.47 -34.87 -12.23
CA GLU E 58 -12.18 -35.81 -11.16
C GLU E 58 -13.34 -36.02 -10.21
N PRO E 59 -13.45 -37.22 -9.62
CA PRO E 59 -14.55 -37.43 -8.67
C PRO E 59 -14.54 -36.36 -7.57
N ASN E 60 -15.74 -36.00 -7.12
CA ASN E 60 -15.96 -35.03 -6.06
C ASN E 60 -15.40 -33.65 -6.36
N THR E 61 -15.42 -33.26 -7.64
CA THR E 61 -14.99 -31.91 -8.06
C THR E 61 -15.96 -31.51 -9.15
N PHE E 62 -15.97 -30.22 -9.53
CA PHE E 62 -16.69 -29.83 -10.73
C PHE E 62 -15.87 -28.76 -11.38
N SER E 63 -16.08 -28.55 -12.67
CA SER E 63 -15.32 -27.55 -13.43
C SER E 63 -16.30 -26.62 -14.12
N MET E 64 -15.89 -25.35 -14.27
CA MET E 64 -16.69 -24.33 -14.96
C MET E 64 -15.79 -23.51 -15.82
N TRP E 65 -16.33 -23.00 -16.91
CA TRP E 65 -15.59 -22.10 -17.78
C TRP E 65 -16.45 -20.85 -17.95
N TRP E 66 -15.77 -19.71 -18.01
CA TRP E 66 -16.41 -18.41 -18.18
C TRP E 66 -16.47 -18.10 -19.68
N LEU E 67 -17.68 -17.99 -20.20
CA LEU E 67 -17.88 -17.84 -21.64
C LEU E 67 -18.10 -16.38 -22.04
N GLY E 68 -17.88 -15.46 -21.10
CA GLY E 68 -18.11 -14.02 -21.36
C GLY E 68 -19.42 -13.59 -20.71
N CYS E 69 -19.50 -12.30 -20.33
CA CYS E 69 -20.67 -11.76 -19.64
C CYS E 69 -21.01 -12.60 -18.41
N THR E 70 -22.21 -13.22 -18.36
CA THR E 70 -22.48 -14.14 -17.26
C THR E 70 -22.57 -15.61 -17.76
N GLY E 71 -22.10 -15.86 -18.97
CA GLY E 71 -22.13 -17.23 -19.52
C GLY E 71 -21.17 -18.17 -18.82
N ILE E 72 -21.66 -19.35 -18.49
CA ILE E 72 -20.91 -20.36 -17.77
C ILE E 72 -21.13 -21.75 -18.40
N TRP E 73 -20.05 -22.48 -18.62
CA TRP E 73 -20.19 -23.90 -18.97
C TRP E 73 -19.90 -24.66 -17.69
N LEU E 74 -20.79 -25.55 -17.24
CA LEU E 74 -20.52 -26.34 -16.06
C LEU E 74 -20.48 -27.80 -16.47
N LYS E 75 -19.45 -28.51 -15.98
CA LYS E 75 -19.27 -29.94 -16.28
C LYS E 75 -19.04 -30.70 -14.99
N SER E 76 -19.90 -31.68 -14.71
CA SER E 76 -19.79 -32.47 -13.49
C SER E 76 -18.90 -33.71 -13.64
N ALA E 77 -18.55 -34.32 -12.52
CA ALA E 77 -17.74 -35.54 -12.50
C ALA E 77 -18.46 -36.73 -13.20
N GLY E 78 -19.79 -36.64 -13.31
CA GLY E 78 -20.61 -37.66 -14.03
C GLY E 78 -20.82 -37.30 -15.48
N ASN E 79 -20.10 -36.28 -15.94
CA ASN E 79 -20.21 -35.82 -17.32
C ASN E 79 -21.58 -35.22 -17.67
N THR E 80 -22.16 -34.51 -16.70
CA THR E 80 -23.37 -33.70 -16.99
C THR E 80 -22.85 -32.31 -17.46
N ASN E 81 -23.42 -31.80 -18.54
CA ASN E 81 -22.96 -30.52 -19.11
C ASN E 81 -24.08 -29.51 -19.24
N LEU E 82 -23.89 -28.34 -18.62
CA LEU E 82 -24.91 -27.29 -18.66
C LEU E 82 -24.24 -26.02 -19.17
N SER E 83 -25.00 -25.24 -19.93
CA SER E 83 -24.62 -23.94 -20.43
C SER E 83 -25.56 -23.00 -19.65
N ILE E 84 -25.03 -21.99 -18.97
CA ILE E 84 -25.88 -21.04 -18.27
C ILE E 84 -25.65 -19.65 -18.82
N ASP E 85 -26.70 -18.98 -19.28
CA ASP E 85 -26.59 -17.60 -19.77
C ASP E 85 -25.55 -17.38 -20.86
N PHE E 86 -25.33 -18.43 -21.67
CA PHE E 86 -24.36 -18.37 -22.75
C PHE E 86 -24.83 -17.40 -23.84
N TRP E 87 -24.13 -16.26 -23.93
CA TRP E 87 -24.48 -15.20 -24.86
C TRP E 87 -23.47 -14.93 -25.95
N CYS E 88 -23.96 -15.05 -27.20
CA CYS E 88 -23.14 -14.90 -28.36
C CYS E 88 -23.54 -13.71 -29.19
N GLY E 89 -24.17 -12.71 -28.56
CA GLY E 89 -24.45 -11.52 -29.34
C GLY E 89 -23.33 -10.50 -29.13
N THR E 90 -23.54 -9.30 -29.65
CA THR E 90 -22.57 -8.23 -29.42
C THR E 90 -23.36 -6.95 -29.09
N GLY E 91 -22.68 -5.82 -28.96
CA GLY E 91 -23.35 -4.59 -28.59
C GLY E 91 -23.65 -3.76 -29.82
N LYS E 92 -23.50 -2.44 -29.70
CA LYS E 92 -23.70 -1.53 -30.84
C LYS E 92 -22.69 -1.77 -31.98
N LYS E 93 -23.14 -1.58 -33.24
CA LYS E 93 -22.28 -1.82 -34.41
C LYS E 93 -22.16 -0.54 -35.26
N THR E 94 -22.80 0.53 -34.81
CA THR E 94 -22.77 1.77 -35.55
C THR E 94 -23.28 2.87 -34.65
N GLN E 95 -22.88 4.10 -34.95
CA GLN E 95 -23.40 5.28 -34.26
C GLN E 95 -24.52 5.96 -35.06
N LYS E 96 -24.85 5.41 -36.22
N LYS E 96 -24.89 5.38 -36.21
CA LYS E 96 -25.88 6.02 -37.07
CA LYS E 96 -25.92 5.94 -37.13
C LYS E 96 -27.20 6.25 -36.31
C LYS E 96 -27.36 6.06 -36.59
N ASN E 97 -27.72 5.21 -35.65
CA ASN E 97 -28.99 5.32 -34.92
C ASN E 97 -28.66 6.21 -33.71
N ARG E 98 -29.08 7.46 -33.83
N ARG E 98 -29.06 7.47 -33.82
CA ARG E 98 -28.81 8.52 -32.87
CA ARG E 98 -28.74 8.47 -32.81
C ARG E 98 -29.55 8.35 -31.52
C ARG E 98 -29.52 8.28 -31.49
N LEU E 99 -30.72 7.70 -31.59
CA LEU E 99 -31.60 7.56 -30.43
C LEU E 99 -31.77 6.18 -29.82
N MET E 100 -32.00 6.17 -28.50
CA MET E 100 -32.30 4.95 -27.76
C MET E 100 -33.75 4.58 -28.09
N ASN E 101 -34.02 3.27 -28.12
CA ASN E 101 -35.39 2.78 -28.34
C ASN E 101 -36.32 3.33 -27.26
N THR E 102 -37.46 3.88 -27.70
CA THR E 102 -38.45 4.43 -26.78
C THR E 102 -38.83 3.40 -25.72
N GLN E 103 -38.84 3.83 -24.45
CA GLN E 103 -39.19 2.99 -23.31
C GLN E 103 -38.30 1.77 -23.01
N HIS E 104 -37.07 1.80 -23.56
CA HIS E 104 -36.03 0.82 -23.21
C HIS E 104 -35.89 0.97 -21.69
N GLN E 105 -35.52 -0.10 -20.98
CA GLN E 105 -35.34 -0.02 -19.51
C GLN E 105 -34.48 1.19 -19.07
N MET E 106 -33.45 1.50 -19.87
CA MET E 106 -32.56 2.64 -19.58
C MET E 106 -33.27 4.00 -19.67
N MET E 107 -34.24 4.08 -20.57
CA MET E 107 -35.02 5.31 -20.73
C MET E 107 -36.02 5.45 -19.57
N ARG E 108 -36.58 4.31 -19.15
CA ARG E 108 -37.53 4.29 -18.03
C ARG E 108 -36.79 4.65 -16.74
N MET E 109 -35.61 4.06 -16.54
CA MET E 109 -34.85 4.32 -15.31
C MET E 109 -34.17 5.68 -15.28
N GLY E 110 -33.72 6.16 -16.43
CA GLY E 110 -32.93 7.38 -16.46
C GLY E 110 -33.37 8.62 -17.20
N GLY E 111 -34.54 8.58 -17.83
CA GLY E 111 -35.08 9.73 -18.60
C GLY E 111 -34.15 10.22 -19.70
N VAL E 112 -33.41 9.26 -20.26
CA VAL E 112 -32.44 9.52 -21.33
C VAL E 112 -33.07 9.40 -22.73
N GLU E 113 -32.38 9.97 -23.72
CA GLU E 113 -32.84 9.97 -25.11
C GLU E 113 -31.76 9.45 -26.07
N ALA E 114 -30.50 9.79 -25.79
CA ALA E 114 -29.37 9.40 -26.64
C ALA E 114 -29.01 7.92 -26.54
N LEU E 115 -28.45 7.43 -27.64
CA LEU E 115 -28.02 6.05 -27.79
C LEU E 115 -27.03 5.67 -26.67
N GLN E 116 -27.14 4.45 -26.15
CA GLN E 116 -26.16 3.96 -25.19
C GLN E 116 -24.93 3.44 -25.95
N PRO E 117 -23.71 3.84 -25.53
CA PRO E 117 -22.49 3.33 -26.16
C PRO E 117 -22.00 1.97 -25.58
N ASN E 118 -22.88 0.96 -25.56
CA ASN E 118 -22.49 -0.36 -25.08
C ASN E 118 -21.82 -1.19 -26.21
N LEU E 119 -20.50 -1.27 -26.14
CA LEU E 119 -19.67 -1.96 -27.13
C LEU E 119 -19.11 -3.20 -26.44
N ARG E 120 -19.22 -4.38 -27.08
CA ARG E 120 -18.75 -5.62 -26.45
C ARG E 120 -17.24 -5.59 -26.41
N THR E 121 -16.70 -5.87 -25.22
CA THR E 121 -15.26 -5.81 -25.03
C THR E 121 -14.55 -7.13 -24.74
N SER E 122 -15.29 -8.24 -24.76
N SER E 122 -15.30 -8.23 -24.80
CA SER E 122 -14.65 -9.53 -24.57
CA SER E 122 -14.75 -9.56 -24.59
C SER E 122 -14.81 -10.38 -25.83
C SER E 122 -14.81 -10.38 -25.87
N ILE E 123 -13.82 -11.24 -26.06
CA ILE E 123 -13.80 -12.13 -27.21
C ILE E 123 -14.86 -13.23 -27.01
N PHE E 124 -15.02 -14.11 -28.00
CA PHE E 124 -16.00 -15.20 -27.95
C PHE E 124 -15.16 -16.46 -27.85
N PRO E 125 -14.98 -16.97 -26.63
CA PRO E 125 -14.05 -18.09 -26.47
C PRO E 125 -14.62 -19.45 -26.90
N LEU E 126 -15.95 -19.55 -27.07
CA LEU E 126 -16.55 -20.85 -27.41
C LEU E 126 -17.43 -20.72 -28.66
N ASP E 127 -17.24 -21.60 -29.64
CA ASP E 127 -18.07 -21.57 -30.86
C ASP E 127 -19.32 -22.37 -30.54
N PRO E 128 -20.51 -21.73 -30.42
CA PRO E 128 -21.71 -22.47 -30.05
C PRO E 128 -22.02 -23.56 -31.07
N PHE E 129 -21.60 -23.33 -32.32
CA PHE E 129 -21.87 -24.25 -33.43
C PHE E 129 -20.96 -25.48 -33.43
N ALA E 130 -20.06 -25.58 -32.44
CA ALA E 130 -19.24 -26.78 -32.29
C ALA E 130 -19.65 -27.56 -31.07
N ILE E 131 -20.75 -27.16 -30.41
CA ILE E 131 -21.24 -27.84 -29.22
C ILE E 131 -21.81 -29.17 -29.71
N LYS E 132 -21.35 -30.25 -29.11
CA LYS E 132 -21.76 -31.59 -29.49
C LYS E 132 -22.21 -32.41 -28.27
N GLU E 133 -21.82 -31.98 -27.08
CA GLU E 133 -22.19 -32.67 -25.85
C GLU E 133 -22.78 -31.66 -24.84
N ILE E 134 -24.06 -31.82 -24.49
CA ILE E 134 -24.74 -30.90 -23.54
C ILE E 134 -26.03 -31.56 -23.01
N ASP E 135 -26.45 -31.17 -21.81
CA ASP E 135 -27.66 -31.71 -21.19
C ASP E 135 -28.76 -30.68 -21.09
N ALA E 136 -28.38 -29.42 -20.85
CA ALA E 136 -29.38 -28.37 -20.75
C ALA E 136 -28.81 -27.00 -21.01
N VAL E 137 -29.66 -26.12 -21.51
CA VAL E 137 -29.35 -24.73 -21.77
C VAL E 137 -30.19 -23.94 -20.77
N LEU E 138 -29.53 -23.20 -19.86
CA LEU E 138 -30.27 -22.43 -18.83
C LEU E 138 -30.20 -20.94 -19.12
N ALA E 139 -31.25 -20.20 -18.73
CA ALA E 139 -31.26 -18.72 -18.84
C ALA E 139 -31.81 -18.22 -17.53
N SER E 140 -31.09 -17.30 -16.91
CA SER E 140 -31.49 -16.75 -15.62
C SER E 140 -32.61 -15.73 -15.78
N HIS E 141 -32.59 -15.04 -16.89
CA HIS E 141 -33.59 -14.03 -17.21
C HIS E 141 -33.63 -13.70 -18.68
N ASP E 142 -34.67 -12.95 -19.06
CA ASP E 142 -34.90 -12.67 -20.46
C ASP E 142 -34.22 -11.44 -21.03
N HIS E 143 -33.29 -10.80 -20.29
CA HIS E 143 -32.52 -9.71 -20.89
C HIS E 143 -31.66 -10.29 -22.01
N ALA E 144 -31.48 -9.49 -23.06
CA ALA E 144 -30.78 -9.90 -24.27
C ALA E 144 -29.43 -10.57 -24.07
N ASP E 145 -28.64 -10.02 -23.15
CA ASP E 145 -27.30 -10.54 -22.90
C ASP E 145 -27.23 -11.83 -22.04
N HIS E 146 -28.38 -12.51 -21.85
CA HIS E 146 -28.43 -13.73 -21.04
C HIS E 146 -29.13 -14.91 -21.70
N ILE E 147 -29.54 -14.70 -22.94
CA ILE E 147 -30.27 -15.70 -23.72
C ILE E 147 -29.90 -15.49 -25.18
N ASP E 148 -29.84 -16.57 -25.97
CA ASP E 148 -29.30 -16.39 -27.30
C ASP E 148 -29.90 -17.32 -28.37
N VAL E 149 -30.40 -16.71 -29.44
CA VAL E 149 -31.06 -17.50 -30.49
C VAL E 149 -30.08 -18.38 -31.27
N ASN E 150 -28.83 -17.92 -31.38
CA ASN E 150 -27.79 -18.68 -32.10
C ASN E 150 -27.37 -19.91 -31.31
N VAL E 151 -27.23 -19.76 -29.99
CA VAL E 151 -26.93 -20.88 -29.11
C VAL E 151 -28.06 -21.92 -29.23
N ALA E 152 -29.31 -21.44 -29.23
CA ALA E 152 -30.48 -22.30 -29.38
C ALA E 152 -30.44 -23.07 -30.71
N ALA E 153 -30.25 -22.34 -31.81
CA ALA E 153 -30.15 -22.93 -33.16
C ALA E 153 -29.06 -24.01 -33.21
N ALA E 154 -27.88 -23.66 -32.70
CA ALA E 154 -26.78 -24.62 -32.67
C ALA E 154 -27.08 -25.90 -31.89
N VAL E 155 -27.65 -25.76 -30.69
CA VAL E 155 -27.93 -26.90 -29.87
C VAL E 155 -29.01 -27.78 -30.55
N LEU E 156 -30.00 -27.14 -31.18
CA LEU E 156 -31.07 -27.92 -31.84
C LEU E 156 -30.54 -28.72 -33.05
N GLN E 157 -29.63 -28.07 -33.79
CA GLN E 157 -29.01 -28.66 -34.97
C GLN E 157 -28.04 -29.79 -34.63
N ASN E 158 -27.13 -29.53 -33.69
CA ASN E 158 -26.06 -30.49 -33.40
C ASN E 158 -26.35 -31.55 -32.35
N CYS E 159 -27.32 -31.32 -31.47
CA CYS E 159 -27.50 -32.24 -30.36
C CYS E 159 -28.81 -32.99 -30.40
N GLY E 160 -28.92 -33.99 -29.52
CA GLY E 160 -30.09 -34.83 -29.42
C GLY E 160 -31.36 -34.20 -28.84
N GLU E 161 -32.49 -34.83 -29.17
N GLU E 161 -32.49 -34.83 -29.14
CA GLU E 161 -33.81 -34.41 -28.71
CA GLU E 161 -33.81 -34.39 -28.72
C GLU E 161 -33.97 -34.35 -27.18
C GLU E 161 -33.95 -34.34 -27.18
N HIS E 162 -32.95 -34.81 -26.46
CA HIS E 162 -32.96 -34.84 -25.00
C HIS E 162 -32.56 -33.51 -24.33
N VAL E 163 -31.97 -32.59 -25.10
CA VAL E 163 -31.49 -31.32 -24.51
C VAL E 163 -32.67 -30.45 -24.10
N LYS E 164 -32.66 -30.03 -22.83
CA LYS E 164 -33.70 -29.16 -22.29
C LYS E 164 -33.25 -27.71 -22.28
N PHE E 165 -34.22 -26.81 -22.46
CA PHE E 165 -34.03 -25.37 -22.34
C PHE E 165 -34.79 -24.96 -21.08
N ILE E 166 -34.06 -24.51 -20.07
CA ILE E 166 -34.64 -24.21 -18.75
C ILE E 166 -34.55 -22.71 -18.43
N GLY E 167 -35.68 -22.10 -18.12
CA GLY E 167 -35.64 -20.68 -17.79
C GLY E 167 -36.99 -20.25 -17.27
N PRO E 168 -37.05 -19.04 -16.71
CA PRO E 168 -38.35 -18.50 -16.29
C PRO E 168 -39.30 -18.39 -17.50
N GLN E 169 -40.59 -18.17 -17.21
CA GLN E 169 -41.62 -18.14 -18.24
C GLN E 169 -41.27 -17.24 -19.42
N ALA E 170 -40.77 -16.05 -19.13
CA ALA E 170 -40.41 -15.09 -20.19
C ALA E 170 -39.35 -15.63 -21.12
N CYS E 171 -38.42 -16.42 -20.56
CA CYS E 171 -37.33 -17.03 -21.35
C CYS E 171 -37.92 -18.15 -22.21
N VAL E 172 -38.68 -19.04 -21.59
CA VAL E 172 -39.36 -20.11 -22.33
C VAL E 172 -40.19 -19.50 -23.47
N ASP E 173 -40.88 -18.40 -23.23
CA ASP E 173 -41.66 -17.74 -24.29
C ASP E 173 -40.78 -17.27 -25.45
N LEU E 174 -39.60 -16.73 -25.13
N LEU E 174 -39.59 -16.76 -25.11
CA LEU E 174 -38.67 -16.32 -26.17
CA LEU E 174 -38.67 -16.29 -26.13
C LEU E 174 -38.20 -17.53 -26.97
C LEU E 174 -38.11 -17.47 -26.95
N TRP E 175 -37.76 -18.57 -26.27
CA TRP E 175 -37.29 -19.77 -26.97
C TRP E 175 -38.40 -20.28 -27.92
N LEU E 176 -39.61 -20.43 -27.37
CA LEU E 176 -40.78 -20.89 -28.17
C LEU E 176 -40.99 -20.05 -29.44
N GLY E 177 -40.99 -18.73 -29.28
CA GLY E 177 -41.19 -17.79 -30.39
C GLY E 177 -40.08 -17.81 -31.44
N TRP E 178 -38.93 -18.36 -31.07
CA TRP E 178 -37.80 -18.51 -31.97
C TRP E 178 -37.87 -19.85 -32.72
N GLY E 179 -38.63 -20.81 -32.22
CA GLY E 179 -38.77 -22.11 -32.90
C GLY E 179 -38.37 -23.31 -32.06
N VAL E 180 -37.91 -23.06 -30.85
CA VAL E 180 -37.54 -24.16 -29.97
C VAL E 180 -38.84 -24.90 -29.69
N PRO E 181 -38.85 -26.22 -29.90
CA PRO E 181 -40.07 -26.98 -29.65
C PRO E 181 -40.45 -26.95 -28.16
N GLN E 182 -41.75 -26.84 -27.88
CA GLN E 182 -42.27 -26.78 -26.52
C GLN E 182 -41.81 -27.97 -25.66
N GLU E 183 -41.68 -29.12 -26.30
N GLU E 183 -41.70 -29.14 -26.29
CA GLU E 183 -41.30 -30.37 -25.63
CA GLU E 183 -41.30 -30.36 -25.62
C GLU E 183 -39.89 -30.30 -25.01
C GLU E 183 -39.90 -30.28 -24.97
N ARG E 184 -39.07 -29.37 -25.51
CA ARG E 184 -37.70 -29.19 -25.01
C ARG E 184 -37.60 -28.23 -23.82
N CYS E 185 -38.59 -27.37 -23.70
CA CYS E 185 -38.59 -26.29 -22.71
C CYS E 185 -39.16 -26.66 -21.36
N ILE E 186 -38.50 -26.17 -20.31
CA ILE E 186 -38.96 -26.33 -18.94
C ILE E 186 -39.06 -24.94 -18.29
N VAL E 187 -40.25 -24.59 -17.82
CA VAL E 187 -40.47 -23.34 -17.14
C VAL E 187 -39.94 -23.46 -15.72
N ALA E 188 -38.95 -22.61 -15.37
CA ALA E 188 -38.34 -22.60 -14.04
C ALA E 188 -39.16 -21.69 -13.12
N LYS E 189 -39.58 -22.20 -11.98
CA LYS E 189 -40.32 -21.40 -11.01
C LYS E 189 -39.59 -21.47 -9.72
N VAL E 190 -39.58 -20.35 -8.97
CA VAL E 190 -38.93 -20.33 -7.67
C VAL E 190 -39.41 -21.47 -6.78
N GLY E 191 -38.48 -22.22 -6.23
CA GLY E 191 -38.81 -23.32 -5.35
C GLY E 191 -38.68 -24.63 -6.08
N ASP E 192 -38.64 -24.61 -7.40
CA ASP E 192 -38.46 -25.85 -8.15
C ASP E 192 -37.07 -26.40 -7.90
N VAL E 193 -36.97 -27.72 -8.01
CA VAL E 193 -35.70 -28.40 -7.92
C VAL E 193 -35.68 -29.35 -9.13
N LEU E 194 -34.76 -29.12 -10.06
CA LEU E 194 -34.67 -29.94 -11.26
C LEU E 194 -33.45 -30.86 -11.23
N GLU E 195 -33.66 -32.11 -11.62
N GLU E 195 -33.66 -32.11 -11.62
CA GLU E 195 -32.58 -33.07 -11.67
CA GLU E 195 -32.58 -33.07 -11.67
C GLU E 195 -32.22 -33.26 -13.15
C GLU E 195 -32.22 -33.29 -13.14
N ILE E 196 -30.93 -33.12 -13.45
CA ILE E 196 -30.41 -33.31 -14.79
C ILE E 196 -29.13 -34.07 -14.53
N GLY E 197 -29.08 -35.30 -15.03
CA GLY E 197 -27.93 -36.16 -14.81
C GLY E 197 -27.61 -36.27 -13.34
N ASP E 198 -26.33 -36.05 -13.00
CA ASP E 198 -25.90 -36.11 -11.61
C ASP E 198 -25.88 -34.71 -10.91
N VAL E 199 -26.58 -33.73 -11.46
N VAL E 199 -26.62 -33.76 -11.47
CA VAL E 199 -26.63 -32.41 -10.80
CA VAL E 199 -26.68 -32.41 -10.93
C VAL E 199 -28.04 -31.96 -10.51
C VAL E 199 -28.09 -32.08 -10.43
N LYS E 200 -28.17 -31.22 -9.41
CA LYS E 200 -29.43 -30.71 -8.93
C LYS E 200 -29.48 -29.20 -9.15
N ILE E 201 -30.52 -28.72 -9.81
CA ILE E 201 -30.72 -27.29 -10.10
C ILE E 201 -31.86 -26.72 -9.25
N ARG E 202 -31.52 -25.90 -8.24
CA ARG E 202 -32.55 -25.24 -7.40
C ARG E 202 -32.84 -23.87 -7.98
N VAL E 203 -34.11 -23.61 -8.30
CA VAL E 203 -34.50 -22.31 -8.86
C VAL E 203 -34.83 -21.41 -7.70
N LEU E 204 -34.18 -20.25 -7.64
CA LEU E 204 -34.32 -19.33 -6.49
C LEU E 204 -34.70 -17.93 -6.91
N ASP E 205 -35.11 -17.09 -5.94
CA ASP E 205 -35.50 -15.72 -6.29
C ASP E 205 -34.37 -14.93 -6.91
N SER E 206 -34.71 -14.05 -7.85
CA SER E 206 -33.76 -13.12 -8.46
C SER E 206 -33.97 -11.75 -7.83
N PHE E 207 -32.95 -10.88 -7.92
CA PHE E 207 -33.08 -9.50 -7.42
C PHE E 207 -32.72 -8.52 -8.51
N ASP E 208 -33.04 -8.90 -9.75
CA ASP E 208 -32.73 -8.08 -10.91
C ASP E 208 -33.78 -6.97 -11.03
N ARG E 209 -33.51 -5.86 -10.34
CA ARG E 209 -34.43 -4.73 -10.31
C ARG E 209 -34.70 -4.20 -11.71
N THR E 210 -33.68 -4.22 -12.57
CA THR E 210 -33.81 -3.70 -13.95
C THR E 210 -34.88 -4.51 -14.71
N ALA E 211 -34.93 -5.81 -14.45
CA ALA E 211 -35.91 -6.70 -15.11
C ALA E 211 -37.37 -6.31 -14.85
N LEU E 212 -37.64 -5.80 -13.64
CA LEU E 212 -38.99 -5.39 -13.28
C LEU E 212 -39.55 -4.28 -14.17
N VAL E 213 -38.66 -3.41 -14.66
CA VAL E 213 -39.04 -2.29 -15.50
C VAL E 213 -38.66 -2.47 -16.99
N THR E 214 -38.25 -3.67 -17.36
CA THR E 214 -37.93 -3.96 -18.74
C THR E 214 -39.24 -4.42 -19.36
N LEU E 215 -40.02 -3.43 -19.81
CA LEU E 215 -41.36 -3.70 -20.32
C LEU E 215 -41.51 -3.20 -21.75
N PRO E 216 -42.36 -3.88 -22.56
CA PRO E 216 -42.58 -3.47 -23.96
C PRO E 216 -43.07 -2.03 -24.10
N LYS E 217 -42.76 -1.41 -25.24
CA LYS E 217 -43.18 -0.07 -25.61
C LYS E 217 -44.68 0.01 -25.37
N GLY E 218 -45.16 1.15 -24.86
CA GLY E 218 -46.59 1.33 -24.59
C GLY E 218 -47.15 0.66 -23.34
N VAL E 219 -46.28 -0.01 -22.58
CA VAL E 219 -46.66 -0.65 -21.32
C VAL E 219 -46.09 0.21 -20.19
N SER E 220 -46.96 0.66 -19.30
CA SER E 220 -46.58 1.56 -18.21
C SER E 220 -45.73 0.94 -17.10
N SER E 221 -44.61 1.60 -16.82
CA SER E 221 -43.74 1.26 -15.68
C SER E 221 -44.07 2.16 -14.47
N TYR E 222 -45.14 2.96 -14.57
CA TYR E 222 -45.60 3.77 -13.42
C TYR E 222 -46.42 2.88 -12.49
N ASP E 223 -47.05 1.86 -13.08
CA ASP E 223 -47.92 0.90 -12.41
C ASP E 223 -47.20 -0.01 -11.39
N LYS E 224 -47.60 0.11 -10.12
CA LYS E 224 -46.99 -0.68 -9.04
C LYS E 224 -47.20 -2.18 -9.16
N ALA E 225 -48.17 -2.61 -9.98
CA ALA E 225 -48.42 -4.03 -10.16
C ALA E 225 -47.24 -4.76 -10.81
N ILE E 226 -46.46 -4.04 -11.60
CA ILE E 226 -45.27 -4.64 -12.27
C ILE E 226 -44.25 -5.13 -11.24
N LEU E 227 -44.41 -4.69 -9.99
CA LEU E 227 -43.46 -5.02 -8.93
C LEU E 227 -43.56 -6.48 -8.48
N ASP E 228 -44.65 -7.15 -8.84
CA ASP E 228 -44.82 -8.56 -8.50
C ASP E 228 -44.25 -9.46 -9.60
N GLY E 229 -43.74 -8.86 -10.66
CA GLY E 229 -43.33 -9.63 -11.83
C GLY E 229 -41.99 -10.31 -11.93
N MET E 230 -41.23 -10.35 -10.84
CA MET E 230 -39.88 -10.93 -10.92
C MET E 230 -39.87 -12.39 -11.33
N ASP E 231 -40.60 -13.22 -10.59
CA ASP E 231 -40.61 -14.68 -10.80
C ASP E 231 -40.95 -15.18 -12.20
N GLU E 232 -41.70 -14.37 -12.95
N GLU E 232 -41.72 -14.39 -12.94
CA GLU E 232 -42.11 -14.75 -14.28
CA GLU E 232 -42.12 -14.78 -14.28
C GLU E 232 -41.00 -14.56 -15.29
C GLU E 232 -41.00 -14.56 -15.29
N ARG E 233 -40.02 -13.73 -14.93
CA ARG E 233 -38.95 -13.40 -15.87
C ARG E 233 -37.50 -13.44 -15.42
N ALA E 234 -37.27 -13.72 -14.15
CA ALA E 234 -35.89 -13.79 -13.66
C ALA E 234 -35.78 -14.66 -12.43
N VAL E 235 -34.77 -15.53 -12.43
CA VAL E 235 -34.46 -16.39 -11.30
C VAL E 235 -32.95 -16.48 -11.10
N ASN E 236 -32.54 -16.98 -9.94
CA ASN E 236 -31.15 -17.28 -9.63
C ASN E 236 -31.13 -18.79 -9.53
N TYR E 237 -29.98 -19.39 -9.77
CA TYR E 237 -29.84 -20.84 -9.70
C TYR E 237 -28.77 -21.28 -8.73
N LEU E 238 -29.09 -22.28 -7.93
CA LEU E 238 -28.08 -22.91 -7.10
C LEU E 238 -27.93 -24.30 -7.68
N ILE E 239 -26.77 -24.55 -8.31
CA ILE E 239 -26.46 -25.85 -8.94
C ILE E 239 -25.60 -26.68 -8.02
N GLU E 240 -26.13 -27.84 -7.60
CA GLU E 240 -25.40 -28.72 -6.68
C GLU E 240 -24.81 -29.93 -7.40
N THR E 241 -23.52 -30.16 -7.20
CA THR E 241 -22.82 -31.24 -7.88
C THR E 241 -22.12 -32.02 -6.81
N SER E 242 -21.55 -33.16 -7.17
CA SER E 242 -20.80 -33.97 -6.21
C SER E 242 -19.51 -33.28 -5.76
N GLY E 243 -19.17 -32.18 -6.44
CA GLY E 243 -17.99 -31.39 -6.12
C GLY E 243 -18.28 -30.15 -5.27
N GLY E 244 -19.57 -29.86 -5.05
CA GLY E 244 -20.01 -28.69 -4.28
C GLY E 244 -21.02 -27.96 -5.13
N SER E 245 -21.37 -26.73 -4.71
CA SER E 245 -22.43 -25.98 -5.34
C SER E 245 -21.97 -24.62 -5.81
N VAL E 246 -22.65 -24.13 -6.84
CA VAL E 246 -22.41 -22.81 -7.42
C VAL E 246 -23.72 -22.06 -7.55
N TYR E 247 -23.69 -20.79 -7.12
CA TYR E 247 -24.86 -19.91 -7.17
C TYR E 247 -24.63 -18.91 -8.31
N HIS E 248 -25.50 -18.94 -9.33
CA HIS E 248 -25.41 -18.06 -10.47
C HIS E 248 -26.51 -17.03 -10.21
N SER E 249 -26.13 -15.77 -9.99
CA SER E 249 -27.13 -14.74 -9.64
C SER E 249 -27.69 -13.97 -10.84
N GLY E 250 -27.38 -14.42 -12.06
CA GLY E 250 -27.76 -13.71 -13.29
C GLY E 250 -27.17 -12.33 -13.10
N ASP E 251 -27.97 -11.28 -13.24
CA ASP E 251 -27.42 -10.00 -12.82
C ASP E 251 -28.31 -9.31 -11.79
N SER E 252 -28.64 -10.08 -10.77
CA SER E 252 -29.34 -9.58 -9.62
C SER E 252 -28.54 -8.38 -9.07
N HIS E 253 -29.27 -7.40 -8.53
CA HIS E 253 -28.72 -6.28 -7.83
C HIS E 253 -28.50 -6.76 -6.41
N TYR E 254 -28.13 -5.87 -5.50
CA TYR E 254 -27.98 -6.31 -4.14
C TYR E 254 -29.32 -6.46 -3.40
N SER E 255 -29.47 -7.57 -2.68
CA SER E 255 -30.65 -7.74 -1.81
C SER E 255 -30.31 -8.40 -0.49
N ASN E 256 -30.93 -7.90 0.58
CA ASN E 256 -30.81 -8.53 1.88
C ASN E 256 -31.21 -10.01 1.79
N TYR E 257 -32.08 -10.33 0.84
CA TYR E 257 -32.61 -11.69 0.69
C TYR E 257 -31.54 -12.76 0.33
N TYR E 258 -30.35 -12.34 -0.13
CA TYR E 258 -29.27 -13.31 -0.33
C TYR E 258 -29.00 -14.04 1.00
N ALA E 259 -29.27 -13.36 2.11
CA ALA E 259 -29.02 -13.94 3.43
C ALA E 259 -30.00 -15.10 3.72
N LYS E 260 -31.19 -15.03 3.12
CA LYS E 260 -32.18 -16.12 3.25
C LYS E 260 -31.62 -17.29 2.49
N HIS E 261 -31.21 -17.05 1.24
CA HIS E 261 -30.57 -18.13 0.47
C HIS E 261 -29.36 -18.73 1.19
N GLY E 262 -28.52 -17.86 1.77
CA GLY E 262 -27.34 -18.31 2.52
C GLY E 262 -27.65 -19.07 3.81
N ASN E 263 -28.74 -18.68 4.49
CA ASN E 263 -29.23 -19.42 5.69
C ASN E 263 -29.74 -20.80 5.28
N ASP E 264 -30.45 -20.86 4.14
CA ASP E 264 -31.12 -22.11 3.71
C ASP E 264 -30.27 -23.17 3.06
N TYR E 265 -29.21 -22.74 2.35
CA TYR E 265 -28.36 -23.65 1.58
C TYR E 265 -26.86 -23.43 1.78
N GLN E 266 -26.09 -24.51 1.59
N GLN E 266 -26.07 -24.49 1.62
CA GLN E 266 -24.65 -24.44 1.60
CA GLN E 266 -24.60 -24.40 1.69
C GLN E 266 -24.31 -23.99 0.19
C GLN E 266 -24.13 -24.06 0.27
N ILE E 267 -23.65 -22.82 0.09
CA ILE E 267 -23.26 -22.28 -1.21
C ILE E 267 -21.73 -22.22 -1.25
N ASP E 268 -21.09 -22.98 -2.13
CA ASP E 268 -19.63 -22.97 -2.14
C ASP E 268 -19.10 -21.82 -2.96
N VAL E 269 -19.59 -21.71 -4.18
CA VAL E 269 -19.13 -20.66 -5.12
C VAL E 269 -20.25 -19.74 -5.50
N ALA E 270 -20.04 -18.44 -5.35
CA ALA E 270 -21.06 -17.47 -5.75
C ALA E 270 -20.56 -16.64 -6.93
N LEU E 271 -21.38 -16.58 -7.99
CA LEU E 271 -21.07 -15.83 -9.19
C LEU E 271 -21.99 -14.61 -9.16
N LEU E 272 -21.37 -13.43 -9.05
CA LEU E 272 -22.11 -12.16 -8.89
C LEU E 272 -21.70 -11.17 -9.93
N SER E 273 -22.67 -10.49 -10.51
CA SER E 273 -22.41 -9.54 -11.56
C SER E 273 -21.89 -8.24 -11.02
N TYR E 274 -20.84 -7.76 -11.65
CA TYR E 274 -20.16 -6.54 -11.21
C TYR E 274 -19.93 -5.62 -12.37
N GLY E 275 -19.78 -4.32 -12.12
CA GLY E 275 -19.45 -3.42 -13.21
C GLY E 275 -19.38 -1.97 -12.68
N GLU E 276 -18.89 -1.05 -13.51
CA GLU E 276 -18.82 0.35 -13.11
C GLU E 276 -20.08 1.08 -13.59
N ASN E 277 -20.97 1.38 -12.67
CA ASN E 277 -22.18 2.11 -13.04
C ASN E 277 -21.90 3.53 -13.50
N PRO E 278 -22.41 3.91 -14.71
CA PRO E 278 -22.30 5.32 -15.14
C PRO E 278 -23.01 6.20 -14.11
N ARG E 279 -22.75 7.49 -14.13
CA ARG E 279 -23.42 8.42 -13.20
C ARG E 279 -24.95 8.41 -13.43
N GLY E 280 -25.73 8.20 -12.36
CA GLY E 280 -27.22 8.18 -12.48
C GLY E 280 -27.83 6.86 -12.95
N VAL E 281 -27.00 5.83 -13.07
CA VAL E 281 -27.48 4.52 -13.50
C VAL E 281 -27.10 3.55 -12.40
N THR E 282 -27.95 2.55 -12.19
CA THR E 282 -27.66 1.43 -11.28
C THR E 282 -28.05 0.17 -12.05
N ASP E 283 -27.06 -0.59 -12.49
CA ASP E 283 -27.33 -1.80 -13.26
C ASP E 283 -26.49 -2.96 -12.77
N LYS E 284 -25.48 -2.67 -11.95
CA LYS E 284 -24.55 -3.69 -11.45
C LYS E 284 -24.20 -3.43 -9.99
N MET E 285 -23.95 -4.50 -9.24
CA MET E 285 -23.55 -4.35 -7.86
C MET E 285 -22.19 -3.66 -7.79
N THR E 286 -21.98 -2.88 -6.74
CA THR E 286 -20.70 -2.21 -6.52
C THR E 286 -19.71 -3.19 -5.88
N SER E 287 -18.48 -2.75 -5.66
N SER E 287 -18.44 -2.82 -5.90
CA SER E 287 -17.49 -3.60 -4.99
CA SER E 287 -17.37 -3.68 -5.35
C SER E 287 -17.88 -3.90 -3.52
C SER E 287 -17.73 -4.08 -3.93
N SER E 288 -18.47 -2.90 -2.84
N SER E 288 -18.26 -3.12 -3.18
CA SER E 288 -18.90 -3.06 -1.48
CA SER E 288 -18.67 -3.31 -1.79
C SER E 288 -20.02 -4.13 -1.43
C SER E 288 -19.80 -4.33 -1.66
N ASP E 289 -20.87 -4.14 -2.45
CA ASP E 289 -21.99 -5.06 -2.45
C ASP E 289 -21.60 -6.48 -2.83
N VAL E 290 -20.59 -6.63 -3.67
CA VAL E 290 -20.08 -7.98 -4.00
C VAL E 290 -19.69 -8.68 -2.68
N LEU E 291 -19.00 -7.92 -1.81
CA LEU E 291 -18.58 -8.47 -0.53
C LEU E 291 -19.74 -8.73 0.43
N ARG E 292 -20.67 -7.78 0.48
N ARG E 292 -20.68 -7.79 0.51
CA ARG E 292 -21.86 -7.90 1.33
CA ARG E 292 -21.84 -7.97 1.38
C ARG E 292 -22.61 -9.17 0.88
C ARG E 292 -22.67 -9.15 0.88
N ALA E 293 -22.71 -9.34 -0.44
CA ALA E 293 -23.48 -10.51 -1.00
C ALA E 293 -22.79 -11.83 -0.70
N ALA E 294 -21.45 -11.82 -0.74
CA ALA E 294 -20.66 -13.01 -0.44
C ALA E 294 -20.87 -13.38 1.04
N GLU E 295 -20.91 -12.35 1.91
CA GLU E 295 -21.13 -12.57 3.34
C GLU E 295 -22.58 -13.08 3.55
N SER E 296 -23.52 -12.50 2.84
CA SER E 296 -24.97 -12.89 2.95
C SER E 296 -25.21 -14.33 2.43
N LEU E 297 -24.62 -14.66 1.31
CA LEU E 297 -24.73 -16.02 0.77
C LEU E 297 -23.91 -17.03 1.58
N ASP E 298 -23.03 -16.50 2.44
CA ASP E 298 -22.16 -17.31 3.30
C ASP E 298 -21.42 -18.37 2.45
N CYS E 299 -20.85 -17.93 1.32
CA CYS E 299 -20.12 -18.77 0.40
C CYS E 299 -18.67 -18.98 0.84
N GLN E 300 -17.93 -19.84 0.13
N GLN E 300 -17.95 -19.85 0.12
CA GLN E 300 -16.51 -20.00 0.40
CA GLN E 300 -16.54 -20.06 0.35
C GLN E 300 -15.67 -19.17 -0.60
C GLN E 300 -15.69 -19.19 -0.60
N VAL E 301 -16.17 -19.04 -1.83
CA VAL E 301 -15.47 -18.29 -2.89
C VAL E 301 -16.48 -17.38 -3.59
N VAL E 302 -16.10 -16.11 -3.78
CA VAL E 302 -16.94 -15.22 -4.53
C VAL E 302 -16.18 -14.87 -5.80
N VAL E 303 -16.92 -14.86 -6.90
CA VAL E 303 -16.34 -14.72 -8.20
C VAL E 303 -17.13 -13.65 -8.94
N PRO E 304 -16.57 -12.42 -9.07
CA PRO E 304 -17.32 -11.46 -9.88
C PRO E 304 -17.34 -11.88 -11.37
N PHE E 305 -18.45 -11.63 -12.06
CA PHE E 305 -18.48 -11.82 -13.51
C PHE E 305 -19.33 -10.70 -14.11
N HIS E 306 -19.55 -10.68 -15.44
CA HIS E 306 -20.32 -9.64 -16.14
C HIS E 306 -19.49 -8.36 -16.31
N HIS E 307 -18.35 -8.32 -15.66
CA HIS E 307 -17.49 -7.13 -15.64
C HIS E 307 -16.53 -7.07 -16.82
N ASP E 308 -16.66 -8.03 -17.72
CA ASP E 308 -15.79 -8.07 -18.89
C ASP E 308 -16.43 -7.46 -20.13
N ILE E 309 -17.75 -7.47 -20.12
CA ILE E 309 -18.51 -7.32 -21.37
C ILE E 309 -18.73 -5.97 -22.03
N TRP E 310 -18.97 -4.91 -21.24
CA TRP E 310 -19.34 -3.61 -21.82
C TRP E 310 -18.36 -2.48 -21.59
N ALA E 311 -17.98 -1.83 -22.69
CA ALA E 311 -17.05 -0.74 -22.65
C ALA E 311 -17.46 0.34 -21.64
N ASN E 312 -18.78 0.62 -21.61
CA ASN E 312 -19.25 1.75 -20.78
C ASN E 312 -19.38 1.40 -19.27
N PHE E 313 -19.08 0.14 -18.94
CA PHE E 313 -19.10 -0.35 -17.55
C PHE E 313 -17.69 -0.78 -17.14
N GLN E 314 -16.68 -0.37 -17.92
CA GLN E 314 -15.26 -0.62 -17.62
C GLN E 314 -15.00 -0.36 -16.14
N ASN E 315 -14.34 -1.32 -15.48
CA ASN E 315 -14.26 -1.29 -14.03
C ASN E 315 -12.90 -1.79 -13.51
N ASP E 316 -12.82 -1.89 -12.18
CA ASP E 316 -11.60 -2.27 -11.54
C ASP E 316 -11.92 -3.32 -10.45
N PRO E 317 -11.82 -4.63 -10.80
N PRO E 317 -11.67 -4.61 -10.77
CA PRO E 317 -12.17 -5.62 -9.81
CA PRO E 317 -11.86 -5.73 -9.86
C PRO E 317 -11.21 -5.63 -8.62
C PRO E 317 -10.99 -5.63 -8.61
N ARG E 318 -10.05 -4.97 -8.76
N ARG E 318 -9.84 -4.98 -8.70
CA ARG E 318 -9.10 -4.86 -7.64
CA ARG E 318 -9.01 -4.81 -7.51
C ARG E 318 -9.73 -4.12 -6.44
C ARG E 318 -9.76 -4.13 -6.37
N GLU E 319 -10.81 -3.35 -6.68
CA GLU E 319 -11.56 -2.69 -5.61
C GLU E 319 -12.06 -3.77 -4.64
N ILE E 320 -12.53 -4.87 -5.20
CA ILE E 320 -13.03 -5.97 -4.39
C ILE E 320 -11.94 -6.57 -3.50
N GLU E 321 -10.75 -6.80 -4.08
CA GLU E 321 -9.62 -7.39 -3.37
C GLU E 321 -9.13 -6.46 -2.27
N VAL E 322 -9.05 -5.16 -2.57
CA VAL E 322 -8.53 -4.23 -1.57
C VAL E 322 -9.50 -4.15 -0.38
N LEU E 323 -10.80 -3.97 -0.66
CA LEU E 323 -11.81 -3.90 0.39
C LEU E 323 -11.82 -5.20 1.22
N TRP E 324 -11.73 -6.35 0.56
CA TRP E 324 -11.72 -7.63 1.29
C TRP E 324 -10.53 -7.67 2.25
N ASN E 325 -9.33 -7.26 1.80
CA ASN E 325 -8.17 -7.28 2.68
C ASN E 325 -8.35 -6.36 3.88
N MET E 326 -9.01 -5.21 3.65
CA MET E 326 -9.21 -4.26 4.73
C MET E 326 -10.21 -4.66 5.79
N LYS E 327 -11.17 -5.48 5.38
CA LYS E 327 -12.35 -5.84 6.17
C LYS E 327 -12.38 -7.26 6.70
N LYS E 328 -11.56 -8.15 6.14
CA LYS E 328 -11.77 -9.58 6.40
C LYS E 328 -11.54 -9.95 7.85
N ASP E 329 -10.57 -9.33 8.53
CA ASP E 329 -10.37 -9.66 9.97
C ASP E 329 -11.47 -9.08 10.84
N ARG E 330 -11.76 -7.78 10.65
CA ARG E 330 -12.74 -7.10 11.47
C ARG E 330 -14.13 -7.77 11.40
N LEU E 331 -14.56 -8.15 10.19
CA LEU E 331 -15.90 -8.73 9.96
C LEU E 331 -15.86 -10.26 9.94
N GLN E 332 -14.68 -10.81 10.15
N GLN E 332 -14.66 -10.80 10.12
CA GLN E 332 -14.51 -12.26 10.16
CA GLN E 332 -14.36 -12.24 10.16
C GLN E 332 -15.13 -12.91 8.93
C GLN E 332 -14.89 -13.00 8.93
N TYR E 333 -14.74 -12.39 7.75
CA TYR E 333 -15.19 -12.96 6.49
C TYR E 333 -14.66 -14.41 6.32
N GLN E 334 -15.52 -15.34 5.94
CA GLN E 334 -15.11 -16.74 5.79
C GLN E 334 -14.93 -17.13 4.33
N PHE E 335 -15.01 -16.15 3.43
CA PHE E 335 -14.88 -16.41 2.02
C PHE E 335 -13.69 -15.64 1.47
N ALA E 336 -13.29 -15.95 0.23
CA ALA E 336 -12.20 -15.20 -0.45
C ALA E 336 -12.65 -14.98 -1.88
N PRO E 337 -12.26 -13.84 -2.47
CA PRO E 337 -12.57 -13.57 -3.86
C PRO E 337 -11.62 -14.31 -4.82
N PHE E 338 -12.13 -14.59 -6.01
CA PHE E 338 -11.38 -15.19 -7.13
C PHE E 338 -11.64 -14.34 -8.40
N PHE E 339 -10.54 -13.92 -9.05
CA PHE E 339 -10.55 -13.05 -10.21
C PHE E 339 -10.21 -13.85 -11.45
N TRP E 340 -11.24 -14.00 -12.28
CA TRP E 340 -11.16 -14.89 -13.42
C TRP E 340 -10.78 -14.15 -14.70
N GLN E 341 -10.77 -14.86 -15.82
CA GLN E 341 -10.52 -14.30 -17.14
C GLN E 341 -11.48 -15.02 -18.10
N VAL E 342 -11.98 -14.28 -19.08
CA VAL E 342 -12.91 -14.85 -20.06
C VAL E 342 -12.25 -15.96 -20.84
N GLY E 343 -12.96 -17.08 -20.88
CA GLY E 343 -12.48 -18.29 -21.51
C GLY E 343 -11.80 -19.20 -20.50
N GLY E 344 -11.59 -18.71 -19.27
CA GLY E 344 -10.87 -19.43 -18.25
C GLY E 344 -11.66 -20.55 -17.59
N LYS E 345 -10.92 -21.46 -16.95
CA LYS E 345 -11.46 -22.60 -16.25
C LYS E 345 -11.38 -22.39 -14.74
N TYR E 346 -12.32 -23.00 -14.03
CA TYR E 346 -12.25 -23.02 -12.57
C TYR E 346 -12.73 -24.40 -12.12
N THR E 347 -11.95 -25.03 -11.26
CA THR E 347 -12.30 -26.35 -10.72
C THR E 347 -12.39 -26.28 -9.22
N TYR E 348 -13.55 -26.66 -8.71
CA TYR E 348 -13.82 -26.65 -7.28
C TYR E 348 -14.00 -28.09 -6.72
N PRO E 349 -13.43 -28.38 -5.54
CA PRO E 349 -12.65 -27.51 -4.63
C PRO E 349 -11.15 -27.37 -4.95
N THR E 350 -10.69 -27.97 -6.04
CA THR E 350 -9.25 -28.03 -6.34
C THR E 350 -8.56 -26.64 -6.35
N ASP E 351 -9.26 -25.67 -6.95
CA ASP E 351 -8.74 -24.29 -7.12
C ASP E 351 -8.97 -23.33 -5.95
N LYS E 352 -9.58 -23.82 -4.87
N LYS E 352 -9.56 -23.83 -4.86
CA LYS E 352 -9.75 -22.97 -3.68
CA LYS E 352 -9.80 -23.03 -3.67
C LYS E 352 -8.36 -22.46 -3.32
C LYS E 352 -8.43 -22.55 -3.09
N GLY E 353 -8.29 -21.29 -2.74
CA GLY E 353 -6.98 -20.82 -2.29
C GLY E 353 -6.29 -20.04 -3.41
N ARG E 354 -6.66 -20.30 -4.66
N ARG E 354 -6.73 -20.25 -4.64
CA ARG E 354 -6.13 -19.49 -5.75
CA ARG E 354 -6.21 -19.52 -5.79
C ARG E 354 -6.98 -18.22 -5.81
C ARG E 354 -7.01 -18.22 -5.94
N MET E 355 -6.31 -17.08 -6.00
CA MET E 355 -7.00 -15.78 -6.11
C MET E 355 -7.00 -15.15 -7.50
N HIS E 356 -5.89 -15.25 -8.23
CA HIS E 356 -5.79 -14.63 -9.54
C HIS E 356 -5.55 -15.66 -10.64
N TYR E 357 -6.57 -15.86 -11.45
CA TYR E 357 -6.47 -16.81 -12.55
C TYR E 357 -5.44 -16.31 -13.58
N GLN E 358 -4.66 -17.24 -14.14
CA GLN E 358 -3.76 -16.90 -15.21
C GLN E 358 -4.01 -17.97 -16.30
N HIS E 359 -4.27 -17.56 -17.54
CA HIS E 359 -4.34 -18.54 -18.64
C HIS E 359 -3.06 -19.40 -18.72
N PHE E 360 -3.18 -20.60 -19.31
CA PHE E 360 -1.98 -21.44 -19.48
C PHE E 360 -0.89 -20.64 -20.23
N ARG E 361 0.30 -20.64 -19.67
CA ARG E 361 1.40 -19.84 -20.27
C ARG E 361 2.09 -20.55 -21.43
N GLY E 362 1.87 -21.85 -21.54
CA GLY E 362 2.51 -22.64 -22.60
C GLY E 362 3.97 -22.95 -22.28
N PHE E 363 4.68 -23.48 -23.27
CA PHE E 363 6.09 -23.79 -23.17
C PHE E 363 6.46 -24.69 -22.00
N GLN E 364 5.57 -25.64 -21.67
N GLN E 364 5.59 -25.64 -21.66
CA GLN E 364 5.85 -26.59 -20.58
CA GLN E 364 5.88 -26.59 -20.57
C GLN E 364 7.00 -27.54 -20.92
C GLN E 364 7.14 -27.40 -20.91
N ASP E 365 7.39 -27.57 -22.20
CA ASP E 365 8.54 -28.39 -22.67
C ASP E 365 9.74 -27.53 -22.98
N ILE E 366 9.82 -26.38 -22.30
CA ILE E 366 10.91 -25.44 -22.54
C ILE E 366 12.25 -26.17 -22.41
N PHE E 367 13.12 -25.94 -23.39
CA PHE E 367 14.45 -26.55 -23.52
C PHE E 367 14.47 -28.06 -23.54
N LYS E 368 13.36 -28.64 -24.01
CA LYS E 368 13.30 -30.08 -24.24
C LYS E 368 14.54 -30.42 -25.07
N ASN E 369 14.76 -29.57 -26.08
CA ASN E 369 15.91 -29.61 -26.99
C ASN E 369 16.73 -28.35 -26.79
N GLU E 370 17.95 -28.33 -27.33
CA GLU E 370 18.75 -27.11 -27.25
C GLU E 370 18.25 -26.06 -28.23
N PRO E 371 18.40 -24.78 -27.85
CA PRO E 371 18.00 -23.68 -28.75
C PRO E 371 18.93 -23.62 -29.97
N GLU E 372 18.48 -22.94 -31.02
CA GLU E 372 19.24 -22.76 -32.25
C GLU E 372 19.53 -21.25 -32.39
N LEU E 373 20.63 -20.84 -31.76
CA LEU E 373 20.99 -19.42 -31.70
C LEU E 373 22.44 -19.19 -32.05
N PRO E 374 22.78 -17.95 -32.49
CA PRO E 374 24.16 -17.61 -32.89
C PRO E 374 25.13 -17.71 -31.72
N TYR E 375 24.63 -17.63 -30.49
CA TYR E 375 25.46 -17.80 -29.30
C TYR E 375 24.49 -18.00 -28.13
N LYS E 376 24.92 -18.71 -27.09
CA LYS E 376 24.00 -19.09 -26.03
C LYS E 376 23.30 -17.94 -25.32
N ALA E 377 24.05 -16.88 -25.04
CA ALA E 377 23.50 -15.77 -24.29
C ALA E 377 22.79 -14.72 -25.18
N PHE E 378 22.49 -15.08 -26.44
CA PHE E 378 21.76 -14.18 -27.35
C PHE E 378 20.46 -13.69 -26.68
N LEU E 379 19.77 -14.65 -26.05
CA LEU E 379 18.57 -14.38 -25.22
C LEU E 379 18.68 -15.14 -23.89
N SER F 26 -16.50 11.71 53.95
CA SER F 26 -17.92 12.04 53.68
C SER F 26 -18.20 12.38 52.20
N LYS F 27 -17.15 12.67 51.42
CA LYS F 27 -17.36 12.91 49.97
C LYS F 27 -18.18 11.76 49.41
N VAL F 28 -17.78 10.52 49.73
CA VAL F 28 -18.50 9.33 49.26
C VAL F 28 -19.94 9.24 49.81
N ASN F 29 -20.15 9.76 51.03
CA ASN F 29 -21.49 9.76 51.65
C ASN F 29 -22.48 10.68 50.96
N GLU F 30 -21.98 11.77 50.39
CA GLU F 30 -22.83 12.77 49.76
C GLU F 30 -23.10 12.52 48.28
N ILE F 31 -22.67 11.36 47.79
CA ILE F 31 -22.78 11.03 46.38
C ILE F 31 -23.86 9.99 46.08
N THR F 32 -24.65 10.29 45.06
CA THR F 32 -25.66 9.34 44.60
C THR F 32 -25.43 9.11 43.10
N ARG F 33 -26.06 8.08 42.55
CA ARG F 33 -26.04 7.87 41.10
C ARG F 33 -26.52 9.14 40.39
N GLU F 34 -27.57 9.75 40.94
N GLU F 34 -27.59 9.75 40.92
CA GLU F 34 -28.17 10.94 40.39
CA GLU F 34 -28.13 10.97 40.34
C GLU F 34 -27.25 12.17 40.45
C GLU F 34 -27.16 12.15 40.40
N SER F 35 -26.51 12.35 41.54
CA SER F 35 -25.60 13.51 41.67
C SER F 35 -24.39 13.37 40.70
N TRP F 36 -23.89 12.14 40.58
CA TRP F 36 -22.82 11.82 39.61
C TRP F 36 -23.29 12.12 38.19
N ILE F 37 -24.45 11.60 37.80
CA ILE F 37 -24.93 11.86 36.43
C ILE F 37 -25.09 13.38 36.20
N LEU F 38 -25.71 14.07 37.15
CA LEU F 38 -25.90 15.51 36.98
C LEU F 38 -24.63 16.34 36.99
N SER F 39 -23.57 15.84 37.60
CA SER F 39 -22.33 16.62 37.61
C SER F 39 -21.43 16.29 36.41
N THR F 40 -21.78 15.21 35.69
CA THR F 40 -20.91 14.68 34.62
C THR F 40 -21.36 14.89 33.19
N PHE F 41 -22.67 14.80 32.96
CA PHE F 41 -23.23 14.83 31.60
C PHE F 41 -24.03 16.10 31.28
N PRO F 42 -24.09 16.50 29.99
CA PRO F 42 -23.41 15.87 28.84
C PRO F 42 -21.89 16.12 28.88
N GLU F 43 -21.14 15.27 28.18
CA GLU F 43 -19.68 15.26 28.29
C GLU F 43 -18.89 16.54 28.13
N TRP F 44 -19.32 17.41 27.22
CA TRP F 44 -18.58 18.65 26.91
C TRP F 44 -19.22 19.85 27.61
N GLY F 45 -20.24 19.60 28.40
CA GLY F 45 -20.97 20.69 29.04
C GLY F 45 -21.42 21.67 27.97
N THR F 46 -21.09 22.95 28.18
CA THR F 46 -21.46 24.01 27.29
C THR F 46 -20.26 24.51 26.49
N TRP F 47 -19.17 23.73 26.45
CA TRP F 47 -17.99 24.12 25.70
C TRP F 47 -18.33 24.47 24.25
N LEU F 48 -19.09 23.60 23.59
CA LEU F 48 -19.41 23.83 22.16
C LEU F 48 -20.50 24.88 21.99
N ASN F 49 -21.43 24.95 22.95
CA ASN F 49 -22.43 26.05 22.93
C ASN F 49 -21.67 27.38 22.88
N GLU F 50 -20.68 27.52 23.75
CA GLU F 50 -19.84 28.73 23.78
C GLU F 50 -19.05 28.92 22.51
N GLU F 51 -18.43 27.83 22.01
CA GLU F 51 -17.65 27.92 20.77
C GLU F 51 -18.48 28.46 19.61
N ILE F 52 -19.65 27.86 19.41
CA ILE F 52 -20.52 28.23 18.30
C ILE F 52 -20.98 29.72 18.38
N GLU F 53 -21.45 30.12 19.57
CA GLU F 53 -21.90 31.52 19.77
C GLU F 53 -20.81 32.52 19.50
N GLN F 54 -19.60 32.19 19.91
CA GLN F 54 -18.46 33.09 19.77
C GLN F 54 -17.76 33.09 18.42
N THR F 55 -18.18 32.17 17.54
CA THR F 55 -17.59 32.10 16.21
C THR F 55 -18.07 33.23 15.31
N VAL F 56 -17.11 33.90 14.71
CA VAL F 56 -17.40 34.95 13.76
C VAL F 56 -17.14 34.36 12.39
N VAL F 57 -18.22 34.04 11.67
CA VAL F 57 -18.11 33.47 10.34
C VAL F 57 -17.74 34.58 9.33
N GLU F 58 -16.63 34.40 8.63
CA GLU F 58 -16.14 35.40 7.68
C GLU F 58 -17.04 35.50 6.45
N PRO F 59 -17.10 36.69 5.80
CA PRO F 59 -17.91 36.83 4.58
C PRO F 59 -17.46 35.80 3.52
N ASN F 60 -18.42 35.29 2.76
CA ASN F 60 -18.17 34.36 1.67
C ASN F 60 -17.74 32.98 2.19
N THR F 61 -18.13 32.65 3.41
CA THR F 61 -17.82 31.32 4.04
C THR F 61 -19.01 30.94 4.89
N PHE F 62 -19.12 29.67 5.29
CA PHE F 62 -20.13 29.23 6.25
C PHE F 62 -19.47 28.15 7.08
N SER F 63 -19.95 27.94 8.30
CA SER F 63 -19.38 26.95 9.20
C SER F 63 -20.46 25.99 9.64
N MET F 64 -20.04 24.76 9.95
CA MET F 64 -20.94 23.74 10.46
C MET F 64 -20.24 22.96 11.54
N TRP F 65 -21.00 22.39 12.46
CA TRP F 65 -20.46 21.50 13.49
C TRP F 65 -21.27 20.21 13.45
N TRP F 66 -20.58 19.10 13.68
CA TRP F 66 -21.18 17.79 13.70
C TRP F 66 -21.62 17.48 15.12
N LEU F 67 -22.92 17.28 15.34
CA LEU F 67 -23.48 17.11 16.67
C LEU F 67 -23.66 15.66 17.06
N GLY F 68 -23.20 14.75 16.19
CA GLY F 68 -23.39 13.31 16.43
C GLY F 68 -24.51 12.82 15.49
N CYS F 69 -24.39 11.56 15.04
CA CYS F 69 -25.34 10.94 14.13
C CYS F 69 -25.42 11.81 12.87
N THR F 70 -26.59 12.38 12.55
CA THR F 70 -26.64 13.30 11.42
C THR F 70 -26.94 14.74 11.86
N GLY F 71 -26.76 15.03 13.15
CA GLY F 71 -26.97 16.39 13.65
C GLY F 71 -25.92 17.35 13.17
N ILE F 72 -26.38 18.52 12.69
CA ILE F 72 -25.51 19.54 12.19
C ILE F 72 -25.98 20.88 12.76
N TRP F 73 -25.01 21.72 13.12
CA TRP F 73 -25.31 23.10 13.47
C TRP F 73 -24.71 23.90 12.33
N LEU F 74 -25.50 24.73 11.65
CA LEU F 74 -24.96 25.56 10.56
C LEU F 74 -25.06 27.03 10.98
N LYS F 75 -24.02 27.80 10.68
CA LYS F 75 -23.98 29.23 11.03
C LYS F 75 -23.47 30.01 9.82
N SER F 76 -24.29 30.95 9.30
CA SER F 76 -23.89 31.74 8.13
C SER F 76 -23.12 33.01 8.51
N ALA F 77 -22.52 33.63 7.50
CA ALA F 77 -21.78 34.89 7.66
C ALA F 77 -22.70 36.01 8.12
N GLY F 78 -24.00 35.82 7.93
CA GLY F 78 -25.03 36.79 8.32
C GLY F 78 -25.53 36.49 9.70
N ASN F 79 -24.87 35.54 10.35
CA ASN F 79 -25.25 35.12 11.70
C ASN F 79 -26.62 34.45 11.74
N THR F 80 -27.00 33.74 10.69
CA THR F 80 -28.19 32.90 10.75
C THR F 80 -27.73 31.52 11.29
N ASN F 81 -28.51 30.94 12.20
CA ASN F 81 -28.19 29.67 12.90
C ASN F 81 -29.27 28.64 12.74
N LEU F 82 -28.88 27.46 12.26
CA LEU F 82 -29.79 26.36 12.03
C LEU F 82 -29.24 25.10 12.68
N SER F 83 -30.17 24.28 13.16
CA SER F 83 -29.91 22.99 13.73
C SER F 83 -30.64 22.01 12.81
N ILE F 84 -29.93 20.98 12.31
CA ILE F 84 -30.53 19.97 11.44
C ILE F 84 -30.36 18.59 12.06
N ASP F 85 -31.45 17.86 12.26
CA ASP F 85 -31.42 16.49 12.82
C ASP F 85 -30.64 16.35 14.12
N PHE F 86 -30.69 17.40 14.94
CA PHE F 86 -29.99 17.39 16.24
C PHE F 86 -30.68 16.41 17.16
N TRP F 87 -29.97 15.30 17.43
CA TRP F 87 -30.53 14.23 18.24
C TRP F 87 -29.77 14.06 19.54
N CYS F 88 -30.52 14.11 20.64
CA CYS F 88 -29.99 13.98 21.99
C CYS F 88 -30.53 12.77 22.73
N GLY F 89 -30.90 11.74 21.97
CA GLY F 89 -31.32 10.52 22.62
C GLY F 89 -30.15 9.53 22.66
N THR F 90 -30.39 8.35 23.22
CA THR F 90 -29.39 7.27 23.22
C THR F 90 -30.02 5.96 22.71
N GLY F 91 -29.26 4.88 22.74
CA GLY F 91 -29.79 3.59 22.29
C GLY F 91 -30.32 2.76 23.43
N LYS F 92 -30.08 1.44 23.35
CA LYS F 92 -30.48 0.52 24.41
C LYS F 92 -29.81 0.86 25.75
N LYS F 93 -30.56 0.66 26.85
CA LYS F 93 -30.02 0.94 28.18
C LYS F 93 -30.05 -0.34 29.03
N THR F 94 -30.46 -1.44 28.41
CA THR F 94 -30.56 -2.72 29.11
C THR F 94 -30.78 -3.86 28.12
N GLN F 95 -30.43 -5.07 28.55
CA GLN F 95 -30.64 -6.30 27.78
C GLN F 95 -31.91 -7.05 28.23
N LYS F 96 -32.55 -6.53 29.28
CA LYS F 96 -33.71 -7.21 29.91
C LYS F 96 -34.90 -7.47 28.98
N ASN F 97 -35.26 -6.49 28.15
CA ASN F 97 -36.29 -6.73 27.14
C ASN F 97 -35.63 -7.53 25.99
N ARG F 98 -35.91 -8.83 25.89
N ARG F 98 -35.95 -8.81 25.89
CA ARG F 98 -35.34 -9.69 24.84
CA ARG F 98 -35.40 -9.73 24.89
C ARG F 98 -35.83 -9.43 23.42
C ARG F 98 -35.87 -9.51 23.46
N LEU F 99 -37.08 -8.97 23.32
CA LEU F 99 -37.72 -8.85 22.02
C LEU F 99 -37.74 -7.49 21.39
N MET F 100 -37.63 -7.50 20.07
CA MET F 100 -37.76 -6.28 19.29
C MET F 100 -39.25 -6.00 19.24
N ASN F 101 -39.62 -4.73 19.27
CA ASN F 101 -41.01 -4.33 19.17
C ASN F 101 -41.67 -4.89 17.89
N THR F 102 -42.86 -5.47 18.06
CA THR F 102 -43.64 -6.02 16.96
C THR F 102 -43.75 -5.01 15.81
N GLN F 103 -43.41 -5.47 14.61
CA GLN F 103 -43.48 -4.66 13.40
C GLN F 103 -42.59 -3.40 13.35
N HIS F 104 -41.47 -3.47 14.11
CA HIS F 104 -40.44 -2.44 14.03
C HIS F 104 -39.94 -2.56 12.60
N GLN F 105 -39.49 -1.45 12.00
CA GLN F 105 -38.99 -1.51 10.62
C GLN F 105 -37.97 -2.64 10.41
N MET F 106 -37.13 -2.91 11.42
CA MET F 106 -36.13 -3.99 11.32
C MET F 106 -36.77 -5.37 11.21
N MET F 107 -37.92 -5.54 11.86
CA MET F 107 -38.65 -6.82 11.84
C MET F 107 -39.34 -6.98 10.49
N ARG F 108 -39.83 -5.88 9.95
CA ARG F 108 -40.51 -5.91 8.65
C ARG F 108 -39.50 -6.19 7.56
N MET F 109 -38.30 -5.62 7.70
CA MET F 109 -37.27 -5.80 6.68
C MET F 109 -36.53 -7.13 6.80
N GLY F 110 -36.29 -7.58 8.02
CA GLY F 110 -35.45 -8.76 8.22
C GLY F 110 -36.04 -10.02 8.84
N GLY F 111 -37.33 -10.00 9.16
CA GLY F 111 -38.05 -11.14 9.76
C GLY F 111 -37.41 -11.63 11.05
N VAL F 112 -36.92 -10.67 11.83
CA VAL F 112 -36.22 -10.95 13.09
C VAL F 112 -37.15 -10.85 14.32
N GLU F 113 -36.70 -11.44 15.42
CA GLU F 113 -37.44 -11.41 16.68
C GLU F 113 -36.64 -10.80 17.83
N ALA F 114 -35.34 -11.13 17.89
CA ALA F 114 -34.44 -10.67 18.95
C ALA F 114 -34.15 -9.15 18.93
N LEU F 115 -33.97 -8.61 20.14
CA LEU F 115 -33.61 -7.23 20.40
C LEU F 115 -32.39 -6.81 19.54
N GLN F 116 -32.40 -5.59 19.02
CA GLN F 116 -31.24 -5.08 18.30
C GLN F 116 -30.25 -4.50 19.33
N PRO F 117 -28.95 -4.84 19.19
CA PRO F 117 -27.95 -4.32 20.12
C PRO F 117 -27.42 -2.92 19.69
N ASN F 118 -28.34 -1.97 19.47
CA ASN F 118 -27.91 -0.61 19.11
C ASN F 118 -27.58 0.28 20.33
N LEU F 119 -26.28 0.43 20.58
CA LEU F 119 -25.74 1.18 21.72
C LEU F 119 -25.09 2.43 21.17
N ARG F 120 -25.38 3.58 21.79
CA ARG F 120 -24.84 4.87 21.27
C ARG F 120 -23.37 4.90 21.57
N THR F 121 -22.57 5.23 20.56
CA THR F 121 -21.11 5.23 20.73
C THR F 121 -20.43 6.58 20.59
N SER F 122 -21.19 7.66 20.45
N SER F 122 -21.22 7.65 20.47
CA SER F 122 -20.56 8.97 20.40
CA SER F 122 -20.70 9.01 20.38
C SER F 122 -21.09 9.81 21.56
C SER F 122 -21.10 9.78 21.63
N ILE F 123 -20.24 10.71 22.03
CA ILE F 123 -20.57 11.60 23.15
C ILE F 123 -21.58 12.66 22.68
N PHE F 124 -22.01 13.53 23.59
CA PHE F 124 -23.01 14.57 23.31
C PHE F 124 -22.24 15.87 23.39
N PRO F 125 -21.81 16.41 22.23
CA PRO F 125 -20.90 17.57 22.29
C PRO F 125 -21.60 18.92 22.56
N LEU F 126 -22.93 18.95 22.42
CA LEU F 126 -23.70 20.20 22.57
C LEU F 126 -24.85 20.04 23.57
N ASP F 127 -24.97 20.99 24.51
CA ASP F 127 -26.07 20.95 25.51
C ASP F 127 -27.22 21.74 24.88
N PRO F 128 -28.31 21.06 24.50
CA PRO F 128 -29.43 21.69 23.80
C PRO F 128 -30.06 22.75 24.71
N PHE F 129 -29.94 22.52 26.03
CA PHE F 129 -30.50 23.47 27.01
C PHE F 129 -29.73 24.78 27.14
N ALA F 130 -28.53 24.86 26.56
CA ALA F 130 -27.77 26.10 26.57
C ALA F 130 -27.87 26.82 25.24
N ILE F 131 -28.78 26.37 24.37
CA ILE F 131 -28.97 27.05 23.09
C ILE F 131 -29.62 28.41 23.41
N LYS F 132 -29.02 29.48 22.91
CA LYS F 132 -29.55 30.84 23.14
C LYS F 132 -29.75 31.63 21.84
N GLU F 133 -29.08 31.21 20.76
CA GLU F 133 -29.15 31.88 19.46
C GLU F 133 -29.43 30.83 18.37
N ILE F 134 -30.62 30.88 17.78
CA ILE F 134 -31.03 29.92 16.74
C ILE F 134 -32.19 30.50 15.96
N ASP F 135 -32.26 30.14 14.68
CA ASP F 135 -33.29 30.62 13.78
C ASP F 135 -34.30 29.57 13.43
N ALA F 136 -33.87 28.30 13.33
CA ALA F 136 -34.77 27.23 12.96
C ALA F 136 -34.21 25.86 13.35
N VAL F 137 -35.14 24.94 13.60
CA VAL F 137 -34.87 23.55 13.95
C VAL F 137 -35.41 22.70 12.80
N LEU F 138 -34.52 22.00 12.09
CA LEU F 138 -34.95 21.19 10.93
C LEU F 138 -34.88 19.72 11.26
N ALA F 139 -35.78 18.94 10.64
CA ALA F 139 -35.73 17.48 10.70
C ALA F 139 -35.89 16.97 9.27
N SER F 140 -35.00 16.05 8.89
CA SER F 140 -35.05 15.47 7.55
C SER F 140 -36.17 14.44 7.48
N HIS F 141 -36.34 13.69 8.55
CA HIS F 141 -37.38 12.68 8.60
C HIS F 141 -37.78 12.30 10.03
N ASP F 142 -38.84 11.49 10.12
CA ASP F 142 -39.39 11.17 11.42
C ASP F 142 -38.77 9.98 12.16
N HIS F 143 -37.65 9.43 11.67
CA HIS F 143 -37.00 8.35 12.45
C HIS F 143 -36.51 8.96 13.76
N ALA F 144 -36.56 8.15 14.82
CA ALA F 144 -36.20 8.56 16.18
C ALA F 144 -34.86 9.31 16.34
N ASP F 145 -33.86 8.89 15.57
CA ASP F 145 -32.52 9.45 15.67
C ASP F 145 -32.31 10.73 14.87
N HIS F 146 -33.41 11.31 14.35
CA HIS F 146 -33.32 12.56 13.54
C HIS F 146 -34.20 13.69 14.01
N ILE F 147 -34.88 13.48 15.13
CA ILE F 147 -35.81 14.47 15.70
C ILE F 147 -35.80 14.23 17.20
N ASP F 148 -35.99 15.29 17.99
CA ASP F 148 -35.79 15.13 19.42
C ASP F 148 -36.71 16.01 20.27
N VAL F 149 -37.37 15.38 21.25
CA VAL F 149 -38.31 16.12 22.11
C VAL F 149 -37.59 17.09 23.08
N ASN F 150 -36.38 16.72 23.49
CA ASN F 150 -35.59 17.53 24.42
C ASN F 150 -35.07 18.78 23.73
N VAL F 151 -34.66 18.65 22.48
CA VAL F 151 -34.21 19.79 21.70
C VAL F 151 -35.38 20.76 21.53
N ALA F 152 -36.58 20.21 21.26
CA ALA F 152 -37.77 21.04 21.08
C ALA F 152 -38.08 21.79 22.38
N ALA F 153 -38.15 21.05 23.50
CA ALA F 153 -38.41 21.64 24.83
C ALA F 153 -37.40 22.76 25.13
N ALA F 154 -36.11 22.47 24.90
CA ALA F 154 -35.07 23.47 25.15
C ALA F 154 -35.26 24.75 24.32
N VAL F 155 -35.60 24.60 23.06
CA VAL F 155 -35.74 25.74 22.16
C VAL F 155 -36.98 26.60 22.51
N LEU F 156 -38.08 25.93 22.82
CA LEU F 156 -39.32 26.63 23.23
C LEU F 156 -39.11 27.39 24.55
N GLN F 157 -38.29 26.84 25.44
CA GLN F 157 -38.03 27.44 26.73
C GLN F 157 -37.04 28.60 26.69
N ASN F 158 -36.05 28.54 25.78
CA ASN F 158 -34.99 29.54 25.77
C ASN F 158 -35.04 30.59 24.68
N CYS F 159 -35.81 30.31 23.63
CA CYS F 159 -35.83 31.25 22.53
C CYS F 159 -37.17 31.88 22.22
N GLY F 160 -37.10 33.01 21.51
CA GLY F 160 -38.27 33.76 21.12
C GLY F 160 -39.20 33.02 20.17
N GLU F 161 -40.39 33.60 20.01
CA GLU F 161 -41.46 33.09 19.18
C GLU F 161 -41.08 32.94 17.70
N HIS F 162 -39.94 33.51 17.31
CA HIS F 162 -39.52 33.53 15.91
C HIS F 162 -38.90 32.23 15.38
N VAL F 163 -38.49 31.35 16.29
CA VAL F 163 -37.85 30.08 15.91
C VAL F 163 -38.83 29.12 15.23
N LYS F 164 -38.45 28.65 14.06
CA LYS F 164 -39.29 27.73 13.31
C LYS F 164 -38.83 26.27 13.43
N PHE F 165 -39.80 25.37 13.41
CA PHE F 165 -39.58 23.94 13.38
C PHE F 165 -39.98 23.51 11.97
N ILE F 166 -38.97 23.16 11.16
CA ILE F 166 -39.18 22.83 9.76
C ILE F 166 -38.95 21.35 9.51
N GLY F 167 -39.95 20.67 8.97
CA GLY F 167 -39.77 19.24 8.64
C GLY F 167 -40.92 18.76 7.78
N PRO F 168 -40.81 17.51 7.28
CA PRO F 168 -41.93 16.95 6.51
C PRO F 168 -43.15 16.82 7.44
N GLN F 169 -44.32 16.57 6.84
CA GLN F 169 -45.57 16.45 7.59
C GLN F 169 -45.48 15.54 8.84
N ALA F 170 -44.86 14.37 8.69
CA ALA F 170 -44.72 13.43 9.81
C ALA F 170 -43.88 14.00 10.96
N CYS F 171 -42.92 14.87 10.65
CA CYS F 171 -42.09 15.52 11.69
C CYS F 171 -42.91 16.59 12.45
N VAL F 172 -43.57 17.46 11.68
CA VAL F 172 -44.51 18.43 12.23
C VAL F 172 -45.56 17.70 13.12
N ASP F 173 -46.11 16.58 12.64
CA ASP F 173 -47.04 15.82 13.48
C ASP F 173 -46.43 15.44 14.84
N LEU F 174 -45.19 14.97 14.85
CA LEU F 174 -44.54 14.63 16.12
C LEU F 174 -44.35 15.85 17.03
N TRP F 175 -43.84 16.94 16.46
CA TRP F 175 -43.64 18.16 17.20
C TRP F 175 -44.97 18.64 17.81
N LEU F 176 -46.02 18.67 16.98
CA LEU F 176 -47.38 19.03 17.45
C LEU F 176 -47.82 18.16 18.64
N GLY F 177 -47.72 16.84 18.46
CA GLY F 177 -48.08 15.88 19.51
C GLY F 177 -47.29 16.09 20.80
N TRP F 178 -46.08 16.63 20.68
CA TRP F 178 -45.27 16.88 21.87
C TRP F 178 -45.62 18.23 22.53
N GLY F 179 -46.35 19.10 21.82
CA GLY F 179 -46.74 20.39 22.40
C GLY F 179 -46.13 21.57 21.71
N VAL F 180 -45.42 21.31 20.61
CA VAL F 180 -44.90 22.42 19.84
C VAL F 180 -46.13 23.09 19.24
N PRO F 181 -46.27 24.42 19.43
CA PRO F 181 -47.41 25.13 18.87
C PRO F 181 -47.35 25.15 17.34
N GLN F 182 -48.50 24.91 16.72
CA GLN F 182 -48.66 24.89 15.28
C GLN F 182 -48.04 26.09 14.58
N GLU F 183 -48.16 27.27 15.19
N GLU F 183 -48.21 27.28 15.17
CA GLU F 183 -47.67 28.52 14.61
CA GLU F 183 -47.68 28.52 14.60
C GLU F 183 -46.14 28.55 14.41
C GLU F 183 -46.15 28.56 14.51
N ARG F 184 -45.44 27.71 15.17
N ARG F 184 -45.49 27.64 15.22
CA ARG F 184 -43.98 27.64 15.09
CA ARG F 184 -44.02 27.57 15.19
C ARG F 184 -43.49 26.72 13.94
C ARG F 184 -43.46 26.52 14.19
N CYS F 185 -44.37 25.83 13.50
CA CYS F 185 -44.03 24.81 12.49
C CYS F 185 -44.26 25.21 11.05
N ILE F 186 -43.43 24.64 10.17
CA ILE F 186 -43.54 24.81 8.72
C ILE F 186 -43.39 23.40 8.15
N VAL F 187 -44.45 22.90 7.50
CA VAL F 187 -44.43 21.56 6.87
C VAL F 187 -43.62 21.74 5.58
N ALA F 188 -42.51 21.00 5.46
CA ALA F 188 -41.67 21.12 4.27
C ALA F 188 -42.13 20.11 3.26
N LYS F 189 -42.35 20.58 2.03
CA LYS F 189 -42.74 19.67 0.95
C LYS F 189 -41.72 19.81 -0.17
N VAL F 190 -41.51 18.70 -0.86
CA VAL F 190 -40.56 18.71 -1.97
C VAL F 190 -40.88 19.80 -2.98
N GLY F 191 -39.87 20.60 -3.32
CA GLY F 191 -40.04 21.70 -4.24
C GLY F 191 -40.11 23.04 -3.52
N ASP F 192 -40.45 23.03 -2.24
CA ASP F 192 -40.49 24.29 -1.46
C ASP F 192 -39.11 24.92 -1.35
N VAL F 193 -39.07 26.25 -1.27
CA VAL F 193 -37.84 26.99 -1.07
C VAL F 193 -38.15 27.92 0.11
N LEU F 194 -37.40 27.79 1.19
CA LEU F 194 -37.67 28.58 2.38
C LEU F 194 -36.54 29.53 2.68
N GLU F 195 -36.89 30.75 3.05
N GLU F 195 -36.89 30.76 3.04
CA GLU F 195 -35.90 31.73 3.42
CA GLU F 195 -35.90 31.76 3.40
C GLU F 195 -35.89 31.87 4.93
C GLU F 195 -35.88 31.92 4.91
N ILE F 196 -34.70 31.78 5.50
CA ILE F 196 -34.51 31.94 6.95
C ILE F 196 -33.26 32.81 7.04
N GLY F 197 -33.40 34.02 7.56
CA GLY F 197 -32.25 34.90 7.61
C GLY F 197 -31.63 35.05 6.25
N ASP F 198 -30.29 34.92 6.18
CA ASP F 198 -29.58 35.03 4.90
C ASP F 198 -29.34 33.66 4.21
N VAL F 199 -30.08 32.63 4.63
N VAL F 199 -30.15 32.68 4.59
CA VAL F 199 -29.94 31.34 3.96
CA VAL F 199 -30.03 31.31 4.08
C VAL F 199 -31.23 30.90 3.28
C VAL F 199 -31.28 30.86 3.30
N LYS F 200 -31.05 30.16 2.19
CA LYS F 200 -32.13 29.61 1.41
C LYS F 200 -32.13 28.09 1.65
N ILE F 201 -33.28 27.54 2.05
CA ILE F 201 -33.44 26.11 2.29
C ILE F 201 -34.29 25.48 1.18
N ARG F 202 -33.69 24.65 0.33
CA ARG F 202 -34.47 23.95 -0.70
C ARG F 202 -34.85 22.56 -0.19
N VAL F 203 -36.14 22.24 -0.23
CA VAL F 203 -36.62 20.95 0.20
C VAL F 203 -36.60 20.04 -1.03
N LEU F 204 -35.94 18.88 -0.88
CA LEU F 204 -35.72 17.97 -2.01
C LEU F 204 -36.14 16.54 -1.70
N ASP F 205 -36.23 15.67 -2.73
CA ASP F 205 -36.66 14.28 -2.51
C ASP F 205 -35.70 13.52 -1.58
N SER F 206 -36.25 12.61 -0.79
CA SER F 206 -35.46 11.72 0.07
C SER F 206 -35.44 10.32 -0.55
N PHE F 207 -34.42 9.53 -0.22
CA PHE F 207 -34.36 8.13 -0.69
C PHE F 207 -34.21 7.18 0.48
N ASP F 208 -34.86 7.53 1.60
CA ASP F 208 -34.78 6.72 2.81
C ASP F 208 -35.78 5.57 2.69
N ARG F 209 -35.31 4.48 2.07
CA ARG F 209 -36.13 3.30 1.85
C ARG F 209 -36.69 2.72 3.15
N THR F 210 -35.91 2.80 4.23
CA THR F 210 -36.34 2.31 5.55
C THR F 210 -37.60 3.05 6.05
N ALA F 211 -37.63 4.37 5.83
CA ALA F 211 -38.78 5.24 6.19
C ALA F 211 -40.10 4.81 5.56
N LEU F 212 -40.03 4.27 4.33
CA LEU F 212 -41.24 3.77 3.65
C LEU F 212 -41.91 2.62 4.39
N VAL F 213 -41.14 1.76 5.07
CA VAL F 213 -41.70 0.62 5.77
C VAL F 213 -41.74 0.80 7.29
N THR F 214 -41.47 2.03 7.73
CA THR F 214 -41.50 2.37 9.14
C THR F 214 -42.95 2.75 9.44
N LEU F 215 -43.72 1.71 9.76
CA LEU F 215 -45.15 1.89 9.93
C LEU F 215 -45.62 1.37 11.29
N PRO F 216 -46.69 2.00 11.85
CA PRO F 216 -47.21 1.60 13.16
C PRO F 216 -47.67 0.14 13.21
N LYS F 217 -47.59 -0.46 14.39
CA LYS F 217 -48.10 -1.82 14.66
C LYS F 217 -49.51 -1.90 14.10
N GLY F 218 -49.83 -3.00 13.41
CA GLY F 218 -51.16 -3.19 12.83
C GLY F 218 -51.33 -2.68 11.40
N VAL F 219 -50.40 -1.84 10.95
CA VAL F 219 -50.44 -1.33 9.57
C VAL F 219 -49.55 -2.23 8.71
N SER F 220 -50.10 -2.66 7.58
CA SER F 220 -49.42 -3.57 6.65
C SER F 220 -48.39 -2.93 5.73
N SER F 221 -47.21 -3.55 5.70
CA SER F 221 -46.14 -3.15 4.77
C SER F 221 -46.09 -4.08 3.54
N TYR F 222 -47.06 -4.99 3.38
CA TYR F 222 -47.16 -5.78 2.15
C TYR F 222 -47.82 -4.92 1.07
N ASP F 223 -48.57 -3.92 1.53
CA ASP F 223 -49.35 -3.00 0.70
C ASP F 223 -48.47 -2.08 -0.16
N LYS F 224 -48.58 -2.20 -1.49
CA LYS F 224 -47.79 -1.38 -2.42
C LYS F 224 -48.11 0.11 -2.35
N ALA F 225 -49.26 0.47 -1.76
CA ALA F 225 -49.64 1.88 -1.65
C ALA F 225 -48.68 2.66 -0.75
N ILE F 226 -48.04 1.95 0.18
CA ILE F 226 -47.08 2.57 1.12
C ILE F 226 -45.87 3.11 0.36
N LEU F 227 -45.70 2.68 -0.89
CA LEU F 227 -44.55 3.09 -1.70
C LEU F 227 -44.60 4.56 -2.15
N ASP F 228 -45.77 5.18 -2.07
CA ASP F 228 -45.89 6.60 -2.43
C ASP F 228 -45.70 7.51 -1.22
N GLY F 229 -45.33 6.94 -0.07
CA GLY F 229 -45.25 7.72 1.17
C GLY F 229 -44.03 8.55 1.54
N MET F 230 -43.02 8.62 0.67
CA MET F 230 -41.78 9.28 1.06
C MET F 230 -41.95 10.74 1.45
N ASP F 231 -42.49 11.52 0.53
CA ASP F 231 -42.61 12.99 0.67
C ASP F 231 -43.33 13.45 1.93
N GLU F 232 -44.20 12.61 2.46
CA GLU F 232 -44.95 13.01 3.65
C GLU F 232 -44.14 12.84 4.91
N ARG F 233 -43.04 12.10 4.80
CA ARG F 233 -42.25 11.81 5.99
C ARG F 233 -40.74 11.97 5.92
N ALA F 234 -40.20 12.24 4.73
CA ALA F 234 -38.76 12.36 4.60
C ALA F 234 -38.42 13.24 3.43
N VAL F 235 -37.45 14.12 3.64
CA VAL F 235 -36.92 15.00 2.62
C VAL F 235 -35.42 15.14 2.80
N ASN F 236 -34.75 15.65 1.76
CA ASN F 236 -33.35 16.01 1.84
C ASN F 236 -33.34 17.54 1.76
N TYR F 237 -32.30 18.19 2.26
CA TYR F 237 -32.23 19.64 2.22
C TYR F 237 -30.98 20.14 1.53
N LEU F 238 -31.13 21.13 0.64
CA LEU F 238 -29.97 21.78 0.06
C LEU F 238 -30.02 23.17 0.67
N ILE F 239 -29.01 23.52 1.47
CA ILE F 239 -28.97 24.80 2.19
C ILE F 239 -27.96 25.68 1.52
N GLU F 240 -28.43 26.82 1.01
CA GLU F 240 -27.61 27.73 0.26
C GLU F 240 -27.23 28.93 1.14
N THR F 241 -25.94 29.22 1.19
CA THR F 241 -25.45 30.32 2.02
C THR F 241 -24.59 31.17 1.15
N SER F 242 -24.20 32.33 1.65
CA SER F 242 -23.30 33.20 0.88
C SER F 242 -21.92 32.56 0.75
N GLY F 243 -21.69 31.49 1.51
CA GLY F 243 -20.40 30.79 1.47
C GLY F 243 -20.39 29.50 0.64
N GLY F 244 -21.55 29.14 0.11
CA GLY F 244 -21.71 27.91 -0.69
C GLY F 244 -22.86 27.13 -0.11
N SER F 245 -23.06 25.91 -0.65
CA SER F 245 -24.20 25.11 -0.29
C SER F 245 -23.82 23.77 0.32
N VAL F 246 -24.75 23.27 1.11
CA VAL F 246 -24.60 21.97 1.77
C VAL F 246 -25.86 21.14 1.54
N TYR F 247 -25.68 19.87 1.18
CA TYR F 247 -26.77 18.97 0.92
C TYR F 247 -26.79 17.98 2.07
N HIS F 248 -27.89 17.95 2.83
CA HIS F 248 -28.03 17.07 3.97
C HIS F 248 -29.00 16.00 3.50
N SER F 249 -28.51 14.77 3.39
CA SER F 249 -29.37 13.71 2.86
C SER F 249 -30.12 12.89 3.91
N GLY F 250 -30.13 13.35 5.17
CA GLY F 250 -30.73 12.56 6.28
C GLY F 250 -30.06 11.19 6.22
N ASP F 251 -30.84 10.11 6.25
CA ASP F 251 -30.14 8.86 5.95
C ASP F 251 -30.73 8.14 4.74
N SER F 252 -30.82 8.91 3.67
CA SER F 252 -31.20 8.39 2.40
C SER F 252 -30.24 7.25 2.03
N HIS F 253 -30.79 6.24 1.38
CA HIS F 253 -30.01 5.16 0.80
C HIS F 253 -29.51 5.69 -0.53
N TYR F 254 -28.90 4.81 -1.34
CA TYR F 254 -28.40 5.28 -2.60
C TYR F 254 -29.54 5.40 -3.63
N SER F 255 -29.58 6.49 -4.38
CA SER F 255 -30.52 6.62 -5.52
C SER F 255 -29.90 7.26 -6.73
N ASN F 256 -30.25 6.73 -7.91
CA ASN F 256 -29.86 7.34 -9.15
C ASN F 256 -30.34 8.79 -9.18
N TYR F 257 -31.43 9.06 -8.46
CA TYR F 257 -32.04 10.40 -8.47
C TYR F 257 -31.14 11.52 -7.86
N TYR F 258 -30.10 11.13 -7.12
CA TYR F 258 -29.11 12.11 -6.70
C TYR F 258 -28.56 12.84 -7.94
N ALA F 259 -28.47 12.14 -9.08
CA ALA F 259 -27.92 12.77 -10.29
C ALA F 259 -28.88 13.88 -10.79
N LYS F 260 -30.18 13.71 -10.51
CA LYS F 260 -31.17 14.75 -10.88
C LYS F 260 -30.90 16.00 -10.05
N HIS F 261 -30.75 15.83 -8.73
CA HIS F 261 -30.39 16.98 -7.84
C HIS F 261 -29.07 17.62 -8.22
N GLY F 262 -28.10 16.80 -8.62
CA GLY F 262 -26.80 17.30 -9.00
C GLY F 262 -26.81 18.04 -10.32
N ASN F 263 -27.68 17.61 -11.23
CA ASN F 263 -27.86 18.29 -12.54
C ASN F 263 -28.52 19.66 -12.30
N ASP F 264 -29.50 19.69 -11.39
CA ASP F 264 -30.28 20.93 -11.16
C ASP F 264 -29.66 22.04 -10.30
N TYR F 265 -28.74 21.68 -9.40
CA TYR F 265 -28.16 22.65 -8.44
C TYR F 265 -26.67 22.50 -8.24
N GLN F 266 -26.03 23.61 -7.86
CA GLN F 266 -24.62 23.60 -7.52
C GLN F 266 -24.53 23.14 -6.04
N ILE F 267 -23.96 21.95 -5.82
CA ILE F 267 -23.84 21.39 -4.48
C ILE F 267 -22.37 21.39 -4.08
N ASP F 268 -21.99 22.20 -3.10
CA ASP F 268 -20.59 22.27 -2.69
C ASP F 268 -20.24 21.12 -1.76
N VAL F 269 -20.98 20.99 -0.68
CA VAL F 269 -20.69 19.99 0.35
C VAL F 269 -21.83 19.00 0.40
N ALA F 270 -21.53 17.69 0.37
CA ALA F 270 -22.60 16.70 0.45
C ALA F 270 -22.41 15.87 1.71
N LEU F 271 -23.44 15.81 2.56
CA LEU F 271 -23.41 15.08 3.80
C LEU F 271 -24.21 13.79 3.60
N LEU F 272 -23.54 12.65 3.70
CA LEU F 272 -24.16 11.34 3.38
C LEU F 272 -23.98 10.35 4.51
N SER F 273 -25.04 9.62 4.84
CA SER F 273 -24.99 8.69 5.93
C SER F 273 -24.26 7.42 5.53
N TYR F 274 -23.41 6.93 6.41
CA TYR F 274 -22.58 5.75 6.13
C TYR F 274 -22.55 4.82 7.33
N GLY F 275 -22.28 3.53 7.14
CA GLY F 275 -22.17 2.64 8.29
C GLY F 275 -21.90 1.24 7.78
N GLU F 276 -21.69 0.30 8.71
CA GLU F 276 -21.38 -1.06 8.33
C GLU F 276 -22.66 -1.85 8.51
N ASN F 277 -23.29 -2.24 7.40
CA ASN F 277 -24.55 -2.99 7.51
C ASN F 277 -24.32 -4.39 8.05
N PRO F 278 -25.10 -4.82 9.07
CA PRO F 278 -25.05 -6.23 9.51
C PRO F 278 -25.48 -7.12 8.35
N ARG F 279 -25.13 -8.39 8.41
CA ARG F 279 -25.51 -9.34 7.36
C ARG F 279 -27.04 -9.40 7.21
N GLY F 280 -27.53 -9.21 5.99
CA GLY F 280 -29.00 -9.26 5.75
C GLY F 280 -29.76 -7.95 6.05
N VAL F 281 -29.05 -6.89 6.40
CA VAL F 281 -29.66 -5.61 6.70
C VAL F 281 -29.11 -4.57 5.72
N THR F 282 -29.96 -3.63 5.32
CA THR F 282 -29.50 -2.55 4.48
C THR F 282 -30.10 -1.31 5.11
N ASP F 283 -29.25 -0.56 5.80
CA ASP F 283 -29.74 0.64 6.48
C ASP F 283 -28.88 1.89 6.20
N LYS F 284 -27.69 1.72 5.61
CA LYS F 284 -26.78 2.83 5.32
C LYS F 284 -26.07 2.55 3.98
N MET F 285 -25.74 3.60 3.25
CA MET F 285 -24.97 3.45 2.02
C MET F 285 -23.58 2.86 2.32
N THR F 286 -23.10 2.04 1.39
CA THR F 286 -21.76 1.45 1.48
C THR F 286 -20.71 2.48 1.11
N SER F 287 -19.42 2.16 1.33
CA SER F 287 -18.31 3.03 0.91
C SER F 287 -18.37 3.32 -0.60
N SER F 288 -18.67 2.29 -1.40
CA SER F 288 -18.80 2.46 -2.86
C SER F 288 -19.90 3.46 -3.19
N ASP F 289 -21.02 3.37 -2.48
CA ASP F 289 -22.14 4.26 -2.78
C ASP F 289 -21.93 5.69 -2.33
N VAL F 290 -21.13 5.88 -1.29
CA VAL F 290 -20.79 7.25 -0.87
C VAL F 290 -20.10 7.95 -2.06
N LEU F 291 -19.21 7.24 -2.73
CA LEU F 291 -18.52 7.77 -3.88
C LEU F 291 -19.44 8.01 -5.08
N ARG F 292 -20.30 7.04 -5.38
N ARG F 292 -20.30 7.03 -5.37
CA ARG F 292 -21.22 7.18 -6.50
CA ARG F 292 -21.25 7.17 -6.48
C ARG F 292 -22.15 8.38 -6.24
C ARG F 292 -22.20 8.34 -6.25
N ALA F 293 -22.55 8.55 -4.98
CA ALA F 293 -23.48 9.62 -4.60
C ALA F 293 -22.83 10.98 -4.75
N ALA F 294 -21.54 11.07 -4.37
CA ALA F 294 -20.76 12.29 -4.50
C ALA F 294 -20.66 12.66 -5.99
N GLU F 295 -20.43 11.65 -6.82
CA GLU F 295 -20.36 11.81 -8.26
C GLU F 295 -21.71 12.26 -8.81
N SER F 296 -22.78 11.63 -8.38
CA SER F 296 -24.14 11.96 -8.84
C SER F 296 -24.55 13.40 -8.42
N LEU F 297 -24.23 13.76 -7.18
CA LEU F 297 -24.55 15.10 -6.67
C LEU F 297 -23.64 16.14 -7.26
N ASP F 298 -22.57 15.67 -7.88
CA ASP F 298 -21.56 16.49 -8.51
C ASP F 298 -21.05 17.56 -7.51
N CYS F 299 -20.73 17.10 -6.30
CA CYS F 299 -20.26 18.00 -5.23
C CYS F 299 -18.76 18.26 -5.32
N GLN F 300 -18.27 19.14 -4.46
N GLN F 300 -18.29 19.12 -4.43
CA GLN F 300 -16.84 19.41 -4.36
CA GLN F 300 -16.90 19.49 -4.32
C GLN F 300 -16.24 18.62 -3.18
C GLN F 300 -16.24 18.72 -3.15
N VAL F 301 -17.01 18.50 -2.08
CA VAL F 301 -16.55 17.78 -0.86
C VAL F 301 -17.65 16.81 -0.42
N VAL F 302 -17.29 15.55 -0.17
CA VAL F 302 -18.26 14.59 0.37
C VAL F 302 -17.84 14.26 1.81
N VAL F 303 -18.81 14.32 2.71
CA VAL F 303 -18.55 14.18 4.10
C VAL F 303 -19.43 13.05 4.62
N PRO F 304 -18.85 11.85 4.86
CA PRO F 304 -19.71 10.84 5.49
C PRO F 304 -20.11 11.26 6.92
N PHE F 305 -21.35 10.96 7.32
CA PHE F 305 -21.74 11.14 8.73
C PHE F 305 -22.64 9.99 9.14
N HIS F 306 -23.21 9.99 10.36
CA HIS F 306 -24.07 8.92 10.89
C HIS F 306 -23.23 7.68 11.25
N HIS F 307 -21.97 7.67 10.84
CA HIS F 307 -21.14 6.48 11.06
C HIS F 307 -20.48 6.46 12.45
N ASP F 308 -20.83 7.43 13.28
CA ASP F 308 -20.27 7.52 14.63
C ASP F 308 -21.16 6.87 15.69
N ILE F 309 -22.44 6.77 15.38
CA ILE F 309 -23.46 6.59 16.42
C ILE F 309 -23.77 5.21 16.99
N TRP F 310 -23.79 4.16 16.18
CA TRP F 310 -24.22 2.86 16.65
C TRP F 310 -23.16 1.80 16.64
N ALA F 311 -23.03 1.15 17.79
CA ALA F 311 -22.06 0.10 17.97
C ALA F 311 -22.17 -1.00 16.92
N ASN F 312 -23.40 -1.40 16.62
CA ASN F 312 -23.63 -2.51 15.70
C ASN F 312 -23.36 -2.16 14.21
N PHE F 313 -23.09 -0.88 13.96
CA PHE F 313 -22.75 -0.37 12.61
C PHE F 313 -21.31 0.13 12.56
N GLN F 314 -20.52 -0.24 13.55
CA GLN F 314 -19.07 0.09 13.59
C GLN F 314 -18.47 -0.16 12.20
N ASN F 315 -17.74 0.84 11.69
CA ASN F 315 -17.33 0.83 10.28
C ASN F 315 -15.89 1.35 10.12
N ASP F 316 -15.47 1.46 8.87
CA ASP F 316 -14.14 1.91 8.60
C ASP F 316 -14.25 2.96 7.50
N PRO F 317 -14.26 4.26 7.86
CA PRO F 317 -14.39 5.27 6.79
C PRO F 317 -13.17 5.28 5.84
N ARG F 318 -12.06 4.63 6.24
N ARG F 318 -12.09 4.63 6.25
CA ARG F 318 -10.88 4.57 5.35
CA ARG F 318 -10.91 4.57 5.41
C ARG F 318 -11.22 3.85 4.04
C ARG F 318 -11.20 3.83 4.09
N GLU F 319 -12.28 3.04 4.04
CA GLU F 319 -12.70 2.36 2.78
C GLU F 319 -12.98 3.41 1.73
N ILE F 320 -13.65 4.48 2.18
CA ILE F 320 -14.01 5.58 1.26
C ILE F 320 -12.75 6.20 0.67
N GLU F 321 -11.78 6.54 1.52
CA GLU F 321 -10.53 7.15 1.07
C GLU F 321 -9.73 6.26 0.12
N VAL F 322 -9.62 4.97 0.46
CA VAL F 322 -8.86 4.05 -0.36
C VAL F 322 -9.50 3.94 -1.73
N LEU F 323 -10.82 3.68 -1.77
CA LEU F 323 -11.53 3.55 -3.06
C LEU F 323 -11.38 4.85 -3.87
N TRP F 324 -11.57 5.98 -3.21
CA TRP F 324 -11.45 7.28 -3.91
C TRP F 324 -10.06 7.40 -4.57
N ASN F 325 -8.98 7.04 -3.86
CA ASN F 325 -7.66 7.14 -4.44
C ASN F 325 -7.50 6.20 -5.63
N MET F 326 -8.16 5.03 -5.58
CA MET F 326 -8.01 4.09 -6.66
C MET F 326 -8.77 4.44 -7.93
N LYS F 327 -9.84 5.22 -7.78
CA LYS F 327 -10.79 5.49 -8.87
C LYS F 327 -10.80 6.93 -9.37
N LYS F 328 -10.20 7.86 -8.62
CA LYS F 328 -10.40 9.29 -8.93
C LYS F 328 -9.83 9.71 -10.28
N ASP F 329 -8.70 9.13 -10.68
CA ASP F 329 -8.16 9.46 -12.01
C ASP F 329 -9.01 8.85 -13.12
N ARG F 330 -9.25 7.55 -13.01
CA ARG F 330 -9.98 6.82 -14.06
C ARG F 330 -11.38 7.41 -14.32
N LEU F 331 -12.07 7.80 -13.25
CA LEU F 331 -13.45 8.32 -13.34
C LEU F 331 -13.49 9.84 -13.35
N GLN F 332 -12.33 10.47 -13.28
N GLN F 332 -12.31 10.44 -13.24
CA GLN F 332 -12.25 11.95 -13.28
CA GLN F 332 -12.10 11.91 -13.26
C GLN F 332 -13.20 12.53 -12.22
C GLN F 332 -12.94 12.64 -12.19
N TYR F 333 -13.03 12.02 -11.00
CA TYR F 333 -13.82 12.50 -9.88
C TYR F 333 -13.38 13.94 -9.57
N GLN F 334 -14.33 14.84 -9.42
CA GLN F 334 -13.99 16.25 -9.17
C GLN F 334 -14.11 16.62 -7.70
N PHE F 335 -14.54 15.67 -6.87
CA PHE F 335 -14.76 15.91 -5.46
C PHE F 335 -13.68 15.19 -4.63
N ALA F 336 -13.55 15.59 -3.37
CA ALA F 336 -12.66 14.91 -2.43
C ALA F 336 -13.40 14.63 -1.11
N PRO F 337 -13.10 13.47 -0.46
CA PRO F 337 -13.75 13.19 0.83
C PRO F 337 -13.12 13.94 2.01
N PHE F 338 -13.90 14.18 3.05
CA PHE F 338 -13.47 14.83 4.30
C PHE F 338 -14.00 13.99 5.46
N PHE F 339 -13.07 13.60 6.34
CA PHE F 339 -13.32 12.71 7.47
C PHE F 339 -13.34 13.53 8.74
N TRP F 340 -14.52 13.62 9.32
CA TRP F 340 -14.76 14.53 10.42
C TRP F 340 -14.70 13.81 11.74
N GLN F 341 -14.97 14.54 12.82
CA GLN F 341 -15.04 13.97 14.16
C GLN F 341 -16.24 14.60 14.86
N VAL F 342 -16.93 13.84 15.70
CA VAL F 342 -18.10 14.34 16.43
C VAL F 342 -17.72 15.52 17.32
N GLY F 343 -18.48 16.60 17.15
CA GLY F 343 -18.26 17.84 17.88
C GLY F 343 -17.38 18.79 17.08
N GLY F 344 -16.84 18.31 15.95
CA GLY F 344 -15.89 19.10 15.16
C GLY F 344 -16.53 20.16 14.26
N LYS F 345 -15.71 21.09 13.79
CA LYS F 345 -16.10 22.22 12.95
C LYS F 345 -15.64 22.00 11.53
N TYR F 346 -16.36 22.60 10.59
CA TYR F 346 -15.98 22.59 9.18
C TYR F 346 -16.43 23.96 8.65
N THR F 347 -15.53 24.64 7.96
CA THR F 347 -15.81 25.95 7.37
C THR F 347 -15.52 25.85 5.90
N TYR F 348 -16.52 26.17 5.08
CA TYR F 348 -16.38 26.10 3.63
C TYR F 348 -16.44 27.53 3.03
N PRO F 349 -15.60 27.84 2.03
CA PRO F 349 -14.58 26.99 1.36
C PRO F 349 -13.20 26.95 2.03
N THR F 350 -13.04 27.57 3.20
CA THR F 350 -11.75 27.70 3.88
C THR F 350 -11.04 26.34 4.06
N ASP F 351 -11.82 25.35 4.47
CA ASP F 351 -11.29 24.00 4.76
C ASP F 351 -11.24 23.03 3.57
N LYS F 352 -11.54 23.53 2.37
N LYS F 352 -11.50 23.52 2.35
CA LYS F 352 -11.43 22.70 1.19
CA LYS F 352 -11.48 22.66 1.15
C LYS F 352 -9.94 22.35 1.01
C LYS F 352 -10.28 21.78 0.93
N GLY F 353 -9.65 21.09 0.72
N GLY F 353 -9.09 22.24 1.30
CA GLY F 353 -8.28 20.66 0.60
CA GLY F 353 -7.88 21.44 1.07
C GLY F 353 -7.88 19.86 1.84
C GLY F 353 -7.50 20.57 2.23
N ARG F 354 -8.50 20.13 2.99
CA ARG F 354 -8.25 19.36 4.18
C ARG F 354 -9.01 18.06 4.05
N MET F 355 -8.38 16.94 4.43
CA MET F 355 -9.03 15.65 4.31
C MET F 355 -9.36 14.99 5.68
N HIS F 356 -8.46 15.15 6.64
CA HIS F 356 -8.66 14.55 7.96
C HIS F 356 -8.73 15.60 9.07
N TYR F 357 -9.90 15.72 9.65
CA TYR F 357 -10.14 16.65 10.73
C TYR F 357 -9.39 16.21 11.97
N GLN F 358 -8.84 17.19 12.70
CA GLN F 358 -8.18 16.91 13.98
C GLN F 358 -8.72 17.97 14.94
N HIS F 359 -9.24 17.54 16.07
CA HIS F 359 -9.65 18.49 17.13
C HIS F 359 -8.45 19.39 17.51
N PHE F 360 -8.75 20.61 18.00
CA PHE F 360 -7.70 21.49 18.47
C PHE F 360 -6.82 20.75 19.46
N ARG F 361 -5.51 20.82 19.27
CA ARG F 361 -4.58 20.06 20.12
C ARG F 361 -4.20 20.79 21.41
N GLY F 362 -4.47 22.10 21.43
CA GLY F 362 -4.10 22.89 22.59
C GLY F 362 -2.64 23.29 22.64
N PHE F 363 -2.24 23.85 23.78
CA PHE F 363 -0.84 24.23 24.03
C PHE F 363 -0.24 25.18 23.00
N GLN F 364 -1.06 26.09 22.50
N GLN F 364 -1.07 26.09 22.49
CA GLN F 364 -0.56 27.05 21.52
CA GLN F 364 -0.62 27.12 21.55
C GLN F 364 0.46 28.00 22.16
C GLN F 364 0.51 27.95 22.17
N ASP F 365 0.43 28.13 23.48
CA ASP F 365 1.40 28.95 24.25
C ASP F 365 2.53 28.11 24.83
N ILE F 366 2.82 26.98 24.17
CA ILE F 366 3.88 26.12 24.67
C ILE F 366 5.18 26.90 24.87
N PHE F 367 5.79 26.70 26.02
CA PHE F 367 7.03 27.38 26.40
C PHE F 367 6.96 28.90 26.44
N LYS F 368 5.76 29.38 26.74
CA LYS F 368 5.56 30.82 26.94
C LYS F 368 6.57 31.17 28.04
N ASN F 369 6.61 30.32 29.06
CA ASN F 369 7.56 30.41 30.18
C ASN F 369 8.41 29.16 30.20
N GLU F 370 9.43 29.16 31.04
CA GLU F 370 10.30 28.00 31.14
C GLU F 370 9.60 26.89 31.90
N PRO F 371 9.95 25.63 31.60
CA PRO F 371 9.33 24.55 32.34
C PRO F 371 9.88 24.54 33.77
N GLU F 372 9.19 23.83 34.67
CA GLU F 372 9.63 23.71 36.06
C GLU F 372 9.94 22.23 36.29
N LEU F 373 11.15 21.86 35.92
CA LEU F 373 11.60 20.44 35.99
C LEU F 373 12.97 20.34 36.65
N PRO F 374 13.30 19.14 37.18
CA PRO F 374 14.59 18.94 37.86
C PRO F 374 15.83 19.11 36.98
N TYR F 375 15.67 19.03 35.66
CA TYR F 375 16.75 19.27 34.68
C TYR F 375 16.02 19.43 33.32
N LYS F 376 16.62 20.16 32.38
N LYS F 376 16.68 20.13 32.39
CA LYS F 376 15.88 20.43 31.17
CA LYS F 376 16.10 20.49 31.09
C LYS F 376 15.46 19.18 30.38
C LYS F 376 15.60 19.31 30.24
N ALA F 377 16.38 18.23 30.23
CA ALA F 377 16.07 17.06 29.41
C ALA F 377 15.22 15.99 30.12
N PHE F 378 14.58 16.36 31.23
CA PHE F 378 13.73 15.41 31.96
C PHE F 378 12.66 14.81 31.00
N LEU F 379 12.11 15.70 30.17
CA LEU F 379 11.18 15.39 29.09
C LEU F 379 11.56 16.22 27.86
FE FE G . -0.78 9.33 34.54
FE FE H . -4.08 9.21 32.01
FE FE I . 26.58 8.84 18.41
FE FE J . 25.98 10.92 21.96
FE FE K . 30.91 -9.17 -14.67
FE FE L . 30.54 -7.14 -11.11
FE FE M . 8.03 -8.76 -33.43
FE FE N . 4.25 -8.81 -31.85
FE FE O . -30.46 -8.47 -16.30
FE FE P . -26.78 -8.46 -18.04
FE FE Q . -33.90 7.21 8.54
FE FE R . -30.79 7.42 11.10
#